data_3QDK
#
_entry.id   3QDK
#
_cell.length_a   56.683
_cell.length_b   88.840
_cell.length_c   230.525
_cell.angle_alpha   90.00
_cell.angle_beta   92.75
_cell.angle_gamma   90.00
#
_symmetry.space_group_name_H-M   'P 1 21 1'
#
loop_
_entity.id
_entity.type
_entity.pdbx_description
1 polymer Ribulokinase
2 non-polymer L-ribulose
3 water water
#
_entity_poly.entity_id   1
_entity_poly.type   'polypeptide(L)'
_entity_poly.pdbx_seq_one_letter_code
;MSLTKYTIGVDYGTESGRAVLIDLSNGQELADHVTPYRHGVIDQYLPNTNIKLGHEWALQHPLDYVEVLTTSVPAVMKES
GVDADDVIGIGVDFTACTMLPVDEEGQPLCLLAQYKDNPHSWVKLWKHHAAQDKANAINEMAEKRGEAFLPRYGGKISSE
WMIAKVWQILDEAEDVYNRTDQFLEATDWIVSQMTGKIVKNSCTAGYKAIWHKREGYPSNEFFKALDPRLEHLTTTKLRG
DIVPLGERAGGLLPEMAEKMGLNPGIAVAVGNVDAHAAVPAVGVTTPGKLVMAMGTSICHMLLGEKEQEVEGMCGVVEDG
IIPGYLGYEAGQSAVGDIFAWFVKHGVSAATFDEAQEKGVNVHALLEEKASQLRPGESGLLALDWWNGNRSILVDTELSG
MLLGYTLQTKPEEIYRALLEATAFGTRAIVDAFHGRGVEVHELYACGGLPQKNHLLMQIFADVTNREIKVAASKQTPALG
AAMFASVAAGSEVGGYDSIEEAAKKMGRVKDETFKPIPEHVAIYEKLYQEYVTLHDYFGRGANDVMKRLKALKSIQHRPS
SLLTEGHHHHHH
;
_entity_poly.pdbx_strand_id   A,B,C,D
#
loop_
_chem_comp.id
_chem_comp.type
_chem_comp.name
_chem_comp.formula
QDK L-saccharide L-ribulose 'C5 H10 O5'
#
# COMPACT_ATOMS: atom_id res chain seq x y z
N LYS A 5 44.96 -3.24 -13.80
CA LYS A 5 44.56 -4.25 -14.85
C LYS A 5 43.11 -4.70 -14.61
N TYR A 6 42.23 -4.44 -15.56
CA TYR A 6 40.80 -4.79 -15.41
C TYR A 6 40.18 -5.41 -16.66
N THR A 7 38.90 -5.78 -16.53
CA THR A 7 38.11 -6.31 -17.65
C THR A 7 36.73 -5.69 -17.42
N ILE A 8 35.85 -5.78 -18.40
CA ILE A 8 34.52 -5.23 -18.27
C ILE A 8 33.45 -6.30 -18.47
N GLY A 9 32.47 -6.30 -17.58
CA GLY A 9 31.38 -7.25 -17.68
C GLY A 9 30.09 -6.47 -17.91
N VAL A 10 29.40 -6.75 -19.01
CA VAL A 10 28.16 -6.06 -19.27
C VAL A 10 27.00 -6.98 -18.95
N ASP A 11 26.36 -6.71 -17.83
CA ASP A 11 25.23 -7.49 -17.33
C ASP A 11 23.93 -6.95 -17.93
N TYR A 12 23.42 -7.66 -18.94
CA TYR A 12 22.18 -7.31 -19.63
C TYR A 12 20.97 -7.93 -18.95
N GLY A 13 20.12 -7.08 -18.38
CA GLY A 13 18.93 -7.57 -17.73
C GLY A 13 17.67 -7.47 -18.58
N THR A 14 16.54 -7.61 -17.92
CA THR A 14 15.25 -7.54 -18.60
C THR A 14 14.85 -6.10 -18.92
N GLU A 15 15.19 -5.19 -18.03
CA GLU A 15 14.84 -3.77 -18.19
C GLU A 15 15.99 -2.88 -18.60
N SER A 16 17.20 -3.24 -18.15
CA SER A 16 18.36 -2.44 -18.44
C SER A 16 19.62 -3.27 -18.59
N GLY A 17 20.69 -2.61 -19.01
CA GLY A 17 21.97 -3.26 -19.17
C GLY A 17 22.93 -2.42 -18.34
N ARG A 18 23.97 -3.03 -17.80
CA ARG A 18 24.93 -2.26 -17.02
C ARG A 18 26.34 -2.80 -17.15
N ALA A 19 27.30 -1.87 -17.27
CA ALA A 19 28.69 -2.22 -17.42
C ALA A 19 29.41 -2.04 -16.09
N VAL A 20 30.39 -2.89 -15.83
CA VAL A 20 31.16 -2.79 -14.62
C VAL A 20 32.60 -3.12 -14.96
N LEU A 21 33.49 -2.24 -14.52
CA LEU A 21 34.92 -2.41 -14.74
C LEU A 21 35.37 -3.13 -13.47
N ILE A 22 35.91 -4.33 -13.61
CA ILE A 22 36.35 -5.11 -12.45
C ILE A 22 37.85 -5.28 -12.39
N ASP A 23 38.42 -5.12 -11.20
CA ASP A 23 39.87 -5.29 -11.02
C ASP A 23 40.18 -6.78 -11.12
N LEU A 24 41.11 -7.12 -12.02
CA LEU A 24 41.48 -8.50 -12.27
C LEU A 24 42.24 -9.24 -11.18
N SER A 25 42.56 -8.56 -10.07
CA SER A 25 43.31 -9.20 -9.00
C SER A 25 42.51 -9.55 -7.76
N ASN A 26 41.47 -8.77 -7.47
CA ASN A 26 40.63 -9.01 -6.30
C ASN A 26 39.16 -9.21 -6.65
N GLY A 27 38.74 -8.70 -7.80
CA GLY A 27 37.36 -8.85 -8.23
C GLY A 27 36.46 -7.67 -7.88
N GLN A 28 37.04 -6.59 -7.35
CA GLN A 28 36.25 -5.41 -6.99
C GLN A 28 35.91 -4.60 -8.24
N GLU A 29 34.77 -3.94 -8.19
CA GLU A 29 34.37 -3.09 -9.31
C GLU A 29 34.57 -1.66 -8.85
N LEU A 30 35.32 -0.87 -9.61
CA LEU A 30 35.52 0.52 -9.21
C LEU A 30 34.55 1.44 -9.92
N ALA A 31 33.84 0.91 -10.91
CA ALA A 31 32.88 1.73 -11.64
C ALA A 31 31.84 0.91 -12.40
N ASP A 32 30.61 1.39 -12.39
CA ASP A 32 29.53 0.74 -13.11
C ASP A 32 28.51 1.80 -13.52
N HIS A 33 27.93 1.60 -14.69
CA HIS A 33 26.93 2.52 -15.20
C HIS A 33 25.87 1.70 -15.89
N VAL A 34 24.63 1.94 -15.52
CA VAL A 34 23.52 1.21 -16.10
C VAL A 34 22.79 2.08 -17.12
N THR A 35 22.55 1.51 -18.28
CA THR A 35 21.83 2.20 -19.35
C THR A 35 20.51 1.47 -19.59
N PRO A 36 19.38 2.13 -19.28
CA PRO A 36 18.06 1.52 -19.47
C PRO A 36 17.70 1.37 -20.93
N TYR A 37 16.97 0.31 -21.28
CA TYR A 37 16.56 0.10 -22.65
C TYR A 37 15.45 1.15 -22.91
N ARG A 38 15.68 2.04 -23.88
CA ARG A 38 14.69 3.09 -24.16
C ARG A 38 13.41 2.60 -24.80
N HIS A 39 13.33 1.29 -25.02
CA HIS A 39 12.12 0.70 -25.58
C HIS A 39 11.64 -0.32 -24.55
N GLY A 40 12.47 -0.54 -23.54
CA GLY A 40 12.16 -1.49 -22.48
C GLY A 40 11.66 -2.83 -22.98
N VAL A 41 10.53 -3.26 -22.45
CA VAL A 41 9.91 -4.51 -22.84
C VAL A 41 8.75 -4.17 -23.75
N ILE A 42 8.69 -4.84 -24.89
CA ILE A 42 7.63 -4.60 -25.85
C ILE A 42 6.53 -5.64 -25.67
N ASP A 43 5.62 -5.34 -24.75
CA ASP A 43 4.49 -6.20 -24.40
C ASP A 43 3.13 -5.63 -24.79
N GLN A 44 3.10 -4.37 -25.22
CA GLN A 44 1.84 -3.72 -25.59
C GLN A 44 1.75 -3.41 -27.09
N TYR A 45 2.64 -2.54 -27.58
CA TYR A 45 2.66 -2.15 -28.99
C TYR A 45 4.07 -2.03 -29.55
N LEU A 46 4.24 -2.38 -30.83
CA LEU A 46 5.55 -2.28 -31.48
C LEU A 46 5.99 -0.82 -31.44
N PRO A 47 7.29 -0.57 -31.19
CA PRO A 47 7.81 0.81 -31.12
C PRO A 47 7.11 1.85 -31.99
N ASN A 48 6.33 2.69 -31.32
CA ASN A 48 5.54 3.78 -31.92
C ASN A 48 4.61 3.42 -33.11
N THR A 49 3.77 2.40 -32.90
CA THR A 49 2.80 1.96 -33.90
C THR A 49 1.52 1.65 -33.14
N ASN A 50 0.58 1.00 -33.83
CA ASN A 50 -0.68 0.59 -33.21
C ASN A 50 -0.95 -0.86 -33.57
N ILE A 51 0.14 -1.57 -33.89
CA ILE A 51 0.03 -2.98 -34.20
C ILE A 51 0.09 -3.69 -32.85
N LYS A 52 -1.09 -3.99 -32.30
CA LYS A 52 -1.21 -4.65 -30.99
C LYS A 52 -0.51 -6.00 -30.94
N LEU A 53 -0.03 -6.37 -29.75
CA LEU A 53 0.64 -7.66 -29.55
C LEU A 53 -0.31 -8.62 -28.86
N GLY A 54 -0.28 -9.89 -29.29
CA GLY A 54 -1.15 -10.90 -28.72
C GLY A 54 -0.89 -11.22 -27.25
N HIS A 55 -1.60 -12.23 -26.73
CA HIS A 55 -1.43 -12.63 -25.34
C HIS A 55 -0.06 -13.27 -25.11
N GLU A 56 0.50 -13.07 -23.92
CA GLU A 56 1.80 -13.64 -23.57
C GLU A 56 2.92 -13.29 -24.56
N TRP A 57 3.04 -12.01 -24.89
CA TRP A 57 4.07 -11.56 -25.81
C TRP A 57 5.08 -10.64 -25.12
N ALA A 58 6.36 -10.91 -25.36
CA ALA A 58 7.44 -10.11 -24.79
C ALA A 58 8.48 -9.93 -25.88
N LEU A 59 8.75 -8.68 -26.23
CA LEU A 59 9.72 -8.36 -27.27
C LEU A 59 10.69 -7.31 -26.78
N GLN A 60 11.78 -7.12 -27.51
CA GLN A 60 12.77 -6.13 -27.14
C GLN A 60 13.48 -5.56 -28.36
N HIS A 61 14.01 -4.36 -28.23
CA HIS A 61 14.70 -3.69 -29.32
C HIS A 61 16.20 -3.96 -29.37
N PRO A 62 16.68 -4.64 -30.43
CA PRO A 62 18.09 -4.96 -30.62
C PRO A 62 19.05 -3.80 -30.36
N LEU A 63 18.73 -2.63 -30.91
CA LEU A 63 19.60 -1.47 -30.72
C LEU A 63 19.78 -1.01 -29.28
N ASP A 64 18.80 -1.26 -28.43
CA ASP A 64 18.96 -0.84 -27.05
C ASP A 64 20.17 -1.56 -26.47
N TYR A 65 20.45 -2.76 -26.98
CA TYR A 65 21.58 -3.56 -26.51
C TYR A 65 22.90 -2.91 -26.91
N VAL A 66 23.01 -2.50 -28.16
CA VAL A 66 24.25 -1.88 -28.60
C VAL A 66 24.42 -0.52 -27.93
N GLU A 67 23.29 0.11 -27.58
CA GLU A 67 23.33 1.42 -26.95
C GLU A 67 23.85 1.36 -25.52
N VAL A 68 23.78 0.17 -24.91
CA VAL A 68 24.28 0.02 -23.55
C VAL A 68 25.80 0.12 -23.64
N LEU A 69 26.34 -0.52 -24.67
CA LEU A 69 27.77 -0.55 -24.93
C LEU A 69 28.34 0.81 -25.30
N THR A 70 27.64 1.50 -26.20
CA THR A 70 28.07 2.81 -26.67
C THR A 70 27.78 3.93 -25.66
N THR A 71 27.14 3.58 -24.54
CA THR A 71 26.82 4.58 -23.52
C THR A 71 27.47 4.25 -22.16
N SER A 72 27.21 3.05 -21.65
CA SER A 72 27.75 2.62 -20.35
C SER A 72 29.23 2.32 -20.31
N VAL A 73 29.76 1.61 -21.30
CA VAL A 73 31.19 1.31 -21.30
C VAL A 73 31.96 2.63 -21.35
N PRO A 74 31.48 3.62 -22.12
CA PRO A 74 32.22 4.89 -22.14
C PRO A 74 32.16 5.55 -20.76
N ALA A 75 30.97 5.57 -20.16
CA ALA A 75 30.77 6.19 -18.85
C ALA A 75 31.66 5.62 -17.75
N VAL A 76 31.81 4.30 -17.74
CA VAL A 76 32.61 3.62 -16.73
C VAL A 76 34.10 3.91 -16.92
N MET A 77 34.49 4.12 -18.17
CA MET A 77 35.88 4.42 -18.48
C MET A 77 36.19 5.78 -17.87
N LYS A 78 35.24 6.70 -17.98
CA LYS A 78 35.39 8.05 -17.44
C LYS A 78 35.80 7.98 -15.98
N GLU A 79 35.04 7.24 -15.17
CA GLU A 79 35.33 7.11 -13.76
C GLU A 79 36.31 5.96 -13.54
N ASP A 83 41.94 2.75 -15.71
CA ASP A 83 41.46 3.97 -16.31
C ASP A 83 41.86 4.14 -17.79
N ALA A 84 42.72 3.28 -18.32
CA ALA A 84 43.15 3.45 -19.72
C ALA A 84 43.17 2.26 -20.68
N ASP A 85 44.36 1.68 -20.85
CA ASP A 85 44.58 0.55 -21.74
C ASP A 85 45.01 -0.63 -20.90
N ASP A 86 44.52 -0.64 -19.66
CA ASP A 86 44.80 -1.72 -18.74
C ASP A 86 43.49 -2.48 -18.60
N VAL A 87 42.71 -2.38 -19.67
CA VAL A 87 41.41 -3.04 -19.81
C VAL A 87 41.70 -4.08 -20.88
N ILE A 88 42.13 -5.26 -20.43
CA ILE A 88 42.50 -6.33 -21.33
C ILE A 88 41.40 -7.16 -21.96
N GLY A 89 40.15 -6.89 -21.59
CA GLY A 89 39.06 -7.66 -22.18
C GLY A 89 37.66 -7.31 -21.69
N ILE A 90 36.67 -7.74 -22.46
CA ILE A 90 35.29 -7.47 -22.10
C ILE A 90 34.40 -8.69 -22.39
N GLY A 91 33.41 -8.91 -21.51
CA GLY A 91 32.49 -10.02 -21.65
C GLY A 91 31.07 -9.65 -21.22
N VAL A 92 30.09 -10.42 -21.64
CA VAL A 92 28.70 -10.12 -21.27
C VAL A 92 27.91 -11.32 -20.75
N ASP A 93 26.86 -11.03 -20.00
CA ASP A 93 25.95 -12.05 -19.51
C ASP A 93 24.61 -11.49 -19.95
N PHE A 94 23.72 -12.37 -20.40
CA PHE A 94 22.42 -11.95 -20.90
C PHE A 94 21.30 -12.79 -20.30
N THR A 95 20.08 -12.27 -20.38
CA THR A 95 18.95 -13.04 -19.92
C THR A 95 18.95 -14.15 -20.97
N ALA A 96 18.83 -15.41 -20.55
CA ALA A 96 18.88 -16.55 -21.47
C ALA A 96 17.59 -16.85 -22.20
N CYS A 97 17.81 -17.10 -23.48
CA CYS A 97 16.83 -17.37 -24.51
C CYS A 97 15.96 -16.17 -24.75
N THR A 98 16.67 -15.20 -25.30
CA THR A 98 16.20 -13.91 -25.70
C THR A 98 16.83 -14.01 -27.09
N MET A 99 16.05 -14.51 -28.03
CA MET A 99 16.52 -14.72 -29.39
C MET A 99 15.97 -13.71 -30.39
N LEU A 100 16.64 -13.61 -31.52
CA LEU A 100 16.25 -12.70 -32.59
C LEU A 100 16.73 -13.29 -33.89
N PRO A 101 15.97 -13.07 -34.98
CA PRO A 101 16.37 -13.60 -36.28
C PRO A 101 17.21 -12.55 -37.01
N VAL A 102 18.27 -12.97 -37.69
CA VAL A 102 19.12 -12.02 -38.40
C VAL A 102 19.33 -12.41 -39.85
N ASP A 103 19.88 -11.48 -40.63
CA ASP A 103 20.13 -11.73 -42.04
C ASP A 103 21.53 -12.30 -42.28
N GLU A 104 21.92 -12.33 -43.55
CA GLU A 104 23.22 -12.85 -43.96
C GLU A 104 24.37 -12.01 -43.42
N GLU A 105 24.10 -10.73 -43.17
CA GLU A 105 25.14 -9.85 -42.66
C GLU A 105 25.11 -9.81 -41.14
N GLY A 106 24.20 -10.60 -40.56
CA GLY A 106 24.10 -10.67 -39.11
C GLY A 106 23.37 -9.53 -38.42
N GLN A 107 22.36 -8.96 -39.08
CA GLN A 107 21.58 -7.88 -38.48
C GLN A 107 20.16 -8.34 -38.23
N PRO A 108 19.52 -7.79 -37.18
CA PRO A 108 18.13 -8.16 -36.83
C PRO A 108 17.15 -7.82 -37.97
N LEU A 109 16.24 -8.73 -38.28
CA LEU A 109 15.27 -8.46 -39.33
C LEU A 109 14.39 -7.25 -39.00
N CYS A 110 14.13 -7.05 -37.71
CA CYS A 110 13.30 -5.94 -37.27
C CYS A 110 13.85 -4.57 -37.71
N LEU A 111 15.07 -4.56 -38.24
CA LEU A 111 15.70 -3.33 -38.70
C LEU A 111 15.55 -3.11 -40.20
N LEU A 112 14.93 -4.08 -40.87
CA LEU A 112 14.71 -4.04 -42.31
C LEU A 112 13.40 -3.33 -42.64
N ALA A 113 13.38 -2.64 -43.78
CA ALA A 113 12.20 -1.90 -44.22
C ALA A 113 10.95 -2.77 -44.22
N GLN A 114 10.99 -3.86 -44.97
CA GLN A 114 9.85 -4.79 -45.08
C GLN A 114 9.35 -5.35 -43.75
N TYR A 115 10.26 -5.94 -42.99
CA TYR A 115 9.94 -6.61 -41.73
C TYR A 115 9.74 -5.81 -40.45
N LYS A 116 10.11 -4.53 -40.47
CA LYS A 116 9.99 -3.68 -39.28
C LYS A 116 8.63 -3.74 -38.60
N ASP A 117 7.59 -4.13 -39.33
CA ASP A 117 6.25 -4.16 -38.76
C ASP A 117 5.67 -5.54 -38.44
N ASN A 118 6.34 -6.61 -38.83
CA ASN A 118 5.84 -7.94 -38.48
C ASN A 118 6.40 -8.19 -37.06
N PRO A 119 5.52 -8.43 -36.08
CA PRO A 119 6.00 -8.67 -34.71
C PRO A 119 7.05 -9.78 -34.57
N HIS A 120 6.93 -10.80 -35.43
CA HIS A 120 7.86 -11.93 -35.39
C HIS A 120 9.26 -11.65 -35.92
N SER A 121 9.51 -10.39 -36.25
CA SER A 121 10.80 -10.00 -36.79
C SER A 121 11.69 -9.44 -35.69
N TRP A 122 11.10 -9.21 -34.52
CA TRP A 122 11.81 -8.65 -33.39
C TRP A 122 12.44 -9.66 -32.44
N VAL A 123 13.05 -9.12 -31.38
CA VAL A 123 13.71 -9.89 -30.34
C VAL A 123 12.66 -10.50 -29.41
N LYS A 124 12.73 -11.81 -29.23
CA LYS A 124 11.81 -12.49 -28.34
C LYS A 124 12.44 -12.72 -26.97
N LEU A 125 12.02 -11.88 -26.02
CA LEU A 125 12.47 -11.91 -24.65
C LEU A 125 12.22 -13.28 -24.02
N TRP A 126 13.00 -13.63 -23.02
CA TRP A 126 12.85 -14.92 -22.32
C TRP A 126 11.46 -15.07 -21.72
N LYS A 127 10.88 -13.93 -21.32
CA LYS A 127 9.56 -13.83 -20.69
C LYS A 127 8.40 -14.06 -21.67
N HIS A 128 8.74 -14.15 -22.95
CA HIS A 128 7.76 -14.38 -24.03
C HIS A 128 7.28 -15.83 -23.92
N HIS A 129 6.07 -16.02 -23.38
CA HIS A 129 5.51 -17.36 -23.22
C HIS A 129 4.47 -17.72 -24.27
N ALA A 130 4.36 -16.92 -25.32
CA ALA A 130 3.34 -17.18 -26.34
C ALA A 130 3.42 -18.54 -27.04
N ALA A 131 4.62 -19.11 -27.13
CA ALA A 131 4.77 -20.38 -27.82
C ALA A 131 4.60 -21.64 -26.98
N GLN A 132 3.78 -21.58 -25.93
CA GLN A 132 3.56 -22.76 -25.08
C GLN A 132 3.11 -23.98 -25.88
N ASP A 133 2.14 -23.80 -26.76
CA ASP A 133 1.65 -24.89 -27.58
C ASP A 133 2.75 -25.62 -28.35
N LYS A 134 3.71 -24.86 -28.90
CA LYS A 134 4.80 -25.49 -29.63
C LYS A 134 5.68 -26.28 -28.67
N ALA A 135 5.93 -25.68 -27.51
CA ALA A 135 6.73 -26.34 -26.48
C ALA A 135 6.01 -27.64 -26.12
N ASN A 136 4.68 -27.60 -26.12
CA ASN A 136 3.90 -28.79 -25.80
C ASN A 136 4.16 -29.89 -26.81
N ALA A 137 4.02 -29.55 -28.08
CA ALA A 137 4.23 -30.50 -29.17
C ALA A 137 5.64 -31.08 -29.16
N ILE A 138 6.64 -30.22 -28.96
CA ILE A 138 8.02 -30.67 -28.93
C ILE A 138 8.20 -31.75 -27.85
N ASN A 139 7.54 -31.56 -26.72
CA ASN A 139 7.61 -32.51 -25.62
C ASN A 139 6.79 -33.76 -25.92
N GLU A 140 5.69 -33.58 -26.65
CA GLU A 140 4.82 -34.71 -27.03
C GLU A 140 5.60 -35.65 -27.94
N MET A 141 6.18 -35.08 -28.99
CA MET A 141 6.94 -35.84 -29.98
C MET A 141 8.17 -36.51 -29.38
N ALA A 142 8.86 -35.80 -28.49
CA ALA A 142 10.05 -36.36 -27.86
C ALA A 142 9.65 -37.57 -27.01
N GLU A 143 8.49 -37.46 -26.36
CA GLU A 143 8.00 -38.55 -25.52
C GLU A 143 7.61 -39.71 -26.43
N LYS A 144 6.71 -39.45 -27.38
CA LYS A 144 6.25 -40.46 -28.32
C LYS A 144 7.45 -41.14 -28.99
N ARG A 145 8.40 -40.33 -29.45
CA ARG A 145 9.59 -40.83 -30.13
C ARG A 145 10.62 -41.46 -29.19
N GLY A 146 10.61 -41.03 -27.93
CA GLY A 146 11.57 -41.57 -26.97
C GLY A 146 12.95 -40.99 -27.23
N GLU A 147 13.01 -39.68 -27.45
CA GLU A 147 14.29 -39.02 -27.71
C GLU A 147 15.19 -38.99 -26.48
N ALA A 148 16.46 -39.26 -26.70
CA ALA A 148 17.45 -39.28 -25.63
C ALA A 148 17.60 -37.96 -24.89
N PHE A 149 17.28 -36.85 -25.54
CA PHE A 149 17.45 -35.56 -24.88
C PHE A 149 16.39 -35.22 -23.85
N LEU A 150 15.20 -35.80 -24.00
CA LEU A 150 14.10 -35.50 -23.09
C LEU A 150 14.44 -35.53 -21.60
N PRO A 151 15.10 -36.60 -21.12
CA PRO A 151 15.44 -36.66 -19.69
C PRO A 151 16.52 -35.67 -19.26
N ARG A 152 17.23 -35.10 -20.22
CA ARG A 152 18.27 -34.14 -19.92
C ARG A 152 17.65 -32.82 -19.52
N TYR A 153 16.36 -32.68 -19.75
CA TYR A 153 15.68 -31.44 -19.38
C TYR A 153 14.47 -31.71 -18.50
N GLY A 154 14.57 -32.80 -17.74
CA GLY A 154 13.50 -33.17 -16.82
C GLY A 154 12.19 -33.54 -17.48
N GLY A 155 12.23 -33.75 -18.80
CA GLY A 155 11.03 -34.10 -19.52
C GLY A 155 10.18 -32.89 -19.85
N LYS A 156 10.81 -31.72 -19.98
CA LYS A 156 10.07 -30.49 -20.28
C LYS A 156 10.88 -29.35 -20.92
N ILE A 157 10.73 -29.20 -22.23
CA ILE A 157 11.40 -28.12 -22.94
C ILE A 157 10.47 -26.91 -22.80
N SER A 158 11.01 -25.82 -22.25
CA SER A 158 10.24 -24.61 -22.01
C SER A 158 9.79 -23.84 -23.25
N SER A 159 8.71 -23.08 -23.10
CA SER A 159 8.19 -22.26 -24.18
C SER A 159 9.12 -21.04 -24.31
N GLU A 160 9.88 -20.79 -23.24
CA GLU A 160 10.83 -19.68 -23.20
C GLU A 160 12.05 -19.96 -24.05
N TRP A 161 12.29 -21.23 -24.38
CA TRP A 161 13.48 -21.60 -25.14
C TRP A 161 13.45 -21.50 -26.66
N MET A 162 14.60 -21.77 -27.27
CA MET A 162 14.81 -21.65 -28.72
C MET A 162 13.93 -22.41 -29.70
N ILE A 163 14.00 -23.74 -29.71
CA ILE A 163 13.21 -24.51 -30.65
C ILE A 163 11.74 -24.12 -30.72
N ALA A 164 11.06 -24.03 -29.58
CA ALA A 164 9.67 -23.66 -29.60
C ALA A 164 9.49 -22.26 -30.21
N LYS A 165 10.32 -21.31 -29.76
CA LYS A 165 10.23 -19.96 -30.26
C LYS A 165 10.39 -19.83 -31.77
N VAL A 166 11.32 -20.59 -32.36
CA VAL A 166 11.51 -20.54 -33.81
C VAL A 166 10.31 -21.19 -34.53
N TRP A 167 9.84 -22.30 -33.99
CA TRP A 167 8.71 -23.02 -34.55
C TRP A 167 7.48 -22.12 -34.60
N GLN A 168 7.34 -21.23 -33.62
CA GLN A 168 6.18 -20.32 -33.60
C GLN A 168 6.35 -19.38 -34.80
N ILE A 169 7.57 -18.86 -34.98
CA ILE A 169 7.86 -17.97 -36.10
C ILE A 169 7.56 -18.66 -37.42
N LEU A 170 8.07 -19.87 -37.59
CA LEU A 170 7.85 -20.63 -38.82
C LEU A 170 6.38 -20.69 -39.20
N ASP A 171 5.57 -21.10 -38.22
CA ASP A 171 4.14 -21.27 -38.36
C ASP A 171 3.36 -19.98 -38.58
N GLU A 172 3.35 -19.14 -37.54
CA GLU A 172 2.65 -17.87 -37.55
C GLU A 172 3.22 -16.83 -38.52
N ALA A 173 4.48 -16.99 -38.90
CA ALA A 173 5.10 -16.01 -39.79
C ALA A 173 6.19 -16.58 -40.70
N GLU A 174 5.85 -17.60 -41.48
CA GLU A 174 6.77 -18.27 -42.39
C GLU A 174 7.64 -17.35 -43.26
N ASP A 175 7.11 -16.20 -43.67
CA ASP A 175 7.89 -15.28 -44.50
C ASP A 175 9.09 -14.75 -43.72
N VAL A 176 8.92 -14.64 -42.41
CA VAL A 176 9.99 -14.14 -41.53
C VAL A 176 11.01 -15.25 -41.37
N TYR A 177 10.52 -16.48 -41.28
CA TYR A 177 11.36 -17.66 -41.12
C TYR A 177 12.36 -17.74 -42.27
N ASN A 178 11.85 -17.93 -43.48
CA ASN A 178 12.69 -18.05 -44.67
C ASN A 178 13.63 -16.86 -44.89
N ARG A 179 13.19 -15.67 -44.48
CA ARG A 179 14.01 -14.48 -44.64
C ARG A 179 15.16 -14.55 -43.66
N THR A 180 14.93 -15.20 -42.53
CA THR A 180 15.96 -15.34 -41.52
C THR A 180 17.08 -16.20 -42.07
N ASP A 181 18.32 -15.78 -41.84
CA ASP A 181 19.46 -16.56 -42.32
C ASP A 181 19.94 -17.40 -41.12
N GLN A 182 19.69 -16.88 -39.93
CA GLN A 182 20.13 -17.55 -38.72
C GLN A 182 19.51 -16.89 -37.47
N PHE A 183 19.04 -17.73 -36.55
CA PHE A 183 18.42 -17.27 -35.31
C PHE A 183 19.53 -17.20 -34.28
N LEU A 184 19.55 -16.13 -33.50
CA LEU A 184 20.60 -15.98 -32.51
C LEU A 184 20.17 -15.56 -31.13
N GLU A 185 20.85 -16.15 -30.16
CA GLU A 185 20.65 -15.85 -28.76
C GLU A 185 21.19 -14.42 -28.65
N ALA A 186 20.52 -13.55 -27.91
CA ALA A 186 20.98 -12.17 -27.79
C ALA A 186 22.38 -12.07 -27.20
N THR A 187 22.79 -13.09 -26.44
CA THR A 187 24.11 -13.06 -25.83
C THR A 187 25.18 -13.26 -26.90
N ASP A 188 24.90 -14.11 -27.89
CA ASP A 188 25.84 -14.35 -28.98
C ASP A 188 25.79 -13.19 -29.97
N TRP A 189 24.58 -12.73 -30.27
CA TRP A 189 24.43 -11.63 -31.21
C TRP A 189 25.22 -10.42 -30.73
N ILE A 190 25.00 -10.05 -29.48
CA ILE A 190 25.68 -8.89 -28.91
C ILE A 190 27.20 -8.98 -29.06
N VAL A 191 27.80 -10.15 -28.88
CA VAL A 191 29.25 -10.24 -29.03
C VAL A 191 29.67 -10.17 -30.50
N SER A 192 28.76 -10.54 -31.39
CA SER A 192 29.05 -10.52 -32.81
C SER A 192 29.10 -9.06 -33.29
N GLN A 193 28.48 -8.16 -32.54
CA GLN A 193 28.45 -6.75 -32.91
C GLN A 193 29.75 -6.07 -32.45
N MET A 194 30.43 -6.69 -31.50
CA MET A 194 31.69 -6.15 -31.00
C MET A 194 32.87 -6.84 -31.67
N THR A 195 32.59 -8.00 -32.25
CA THR A 195 33.65 -8.77 -32.87
C THR A 195 33.54 -8.88 -34.39
N GLY A 196 32.31 -8.85 -34.89
CA GLY A 196 32.10 -8.94 -36.32
C GLY A 196 31.89 -10.34 -36.84
N LYS A 197 32.00 -11.33 -35.96
CA LYS A 197 31.80 -12.72 -36.35
C LYS A 197 30.78 -13.38 -35.44
N ILE A 198 30.18 -14.46 -35.93
CA ILE A 198 29.18 -15.21 -35.17
C ILE A 198 29.76 -16.47 -34.55
N VAL A 199 29.94 -16.46 -33.22
CA VAL A 199 30.45 -17.62 -32.49
C VAL A 199 29.56 -17.89 -31.27
N LYS A 200 28.74 -18.94 -31.37
CA LYS A 200 27.79 -19.33 -30.33
C LYS A 200 28.40 -20.03 -29.10
N ASN A 201 27.99 -19.59 -27.91
CA ASN A 201 28.51 -20.18 -26.69
C ASN A 201 27.79 -21.48 -26.31
N SER A 202 28.41 -22.23 -25.41
CA SER A 202 27.90 -23.52 -24.95
C SER A 202 26.75 -23.44 -23.95
N CYS A 203 26.74 -22.41 -23.11
CA CYS A 203 25.68 -22.28 -22.12
C CYS A 203 24.29 -22.23 -22.75
N THR A 204 24.02 -21.25 -23.61
CA THR A 204 22.69 -21.16 -24.22
C THR A 204 22.36 -22.30 -25.16
N ALA A 205 23.31 -22.71 -25.99
CA ALA A 205 23.03 -23.82 -26.90
C ALA A 205 22.61 -25.03 -26.07
N GLY A 206 23.34 -25.27 -24.99
CA GLY A 206 23.08 -26.41 -24.13
C GLY A 206 21.79 -26.37 -23.33
N TYR A 207 21.55 -25.28 -22.59
CA TYR A 207 20.35 -25.21 -21.78
C TYR A 207 19.09 -24.77 -22.53
N LYS A 208 19.22 -23.93 -23.55
CA LYS A 208 18.05 -23.43 -24.28
C LYS A 208 17.80 -23.97 -25.69
N ALA A 209 18.83 -24.53 -26.32
CA ALA A 209 18.65 -25.03 -27.68
C ALA A 209 18.79 -26.54 -27.84
N ILE A 210 18.51 -27.30 -26.78
CA ILE A 210 18.61 -28.76 -26.82
C ILE A 210 19.95 -29.25 -27.38
N TRP A 211 21.05 -28.64 -26.96
CA TRP A 211 22.36 -29.06 -27.45
C TRP A 211 23.07 -29.97 -26.46
N HIS A 212 23.94 -30.82 -26.98
CA HIS A 212 24.70 -31.76 -26.17
C HIS A 212 26.10 -31.81 -26.81
N LYS A 213 27.15 -31.85 -25.98
CA LYS A 213 28.50 -31.87 -26.53
C LYS A 213 28.84 -33.14 -27.30
N ARG A 214 28.34 -34.29 -26.86
CA ARG A 214 28.64 -35.54 -27.54
C ARG A 214 27.69 -35.89 -28.69
N GLU A 215 26.39 -35.70 -28.51
CA GLU A 215 25.43 -36.04 -29.58
C GLU A 215 25.05 -34.84 -30.45
N GLY A 216 25.49 -33.66 -30.03
CA GLY A 216 25.16 -32.47 -30.79
C GLY A 216 23.70 -32.14 -30.55
N TYR A 217 23.01 -31.74 -31.61
CA TYR A 217 21.59 -31.42 -31.53
C TYR A 217 20.77 -32.66 -31.79
N PRO A 218 19.44 -32.57 -31.64
CA PRO A 218 18.65 -33.78 -31.90
C PRO A 218 18.68 -34.13 -33.40
N SER A 219 18.32 -35.37 -33.72
CA SER A 219 18.31 -35.86 -35.10
C SER A 219 17.65 -34.92 -36.10
N ASN A 220 18.06 -35.05 -37.37
CA ASN A 220 17.47 -34.24 -38.42
C ASN A 220 16.07 -34.79 -38.59
N GLU A 221 15.91 -36.08 -38.34
CA GLU A 221 14.62 -36.75 -38.44
C GLU A 221 13.66 -36.25 -37.37
N PHE A 222 14.19 -35.93 -36.19
CA PHE A 222 13.35 -35.44 -35.12
C PHE A 222 12.66 -34.15 -35.51
N PHE A 223 13.42 -33.22 -36.08
CA PHE A 223 12.85 -31.94 -36.46
C PHE A 223 11.85 -32.09 -37.61
N LYS A 224 12.16 -32.99 -38.54
CA LYS A 224 11.28 -33.24 -39.68
C LYS A 224 9.93 -33.69 -39.17
N ALA A 225 9.94 -34.51 -38.13
CA ALA A 225 8.73 -35.05 -37.52
C ALA A 225 7.96 -33.98 -36.76
N LEU A 226 8.47 -32.75 -36.79
CA LEU A 226 7.82 -31.61 -36.13
C LEU A 226 7.17 -30.78 -37.23
N ASP A 227 7.82 -30.80 -38.40
CA ASP A 227 7.39 -30.09 -39.58
C ASP A 227 8.52 -30.37 -40.58
N PRO A 228 8.20 -30.98 -41.73
CA PRO A 228 9.24 -31.29 -42.72
C PRO A 228 10.18 -30.13 -43.00
N ARG A 229 9.64 -28.91 -43.03
CA ARG A 229 10.45 -27.72 -43.28
C ARG A 229 11.61 -27.61 -42.26
N LEU A 230 11.31 -27.96 -41.01
CA LEU A 230 12.30 -27.90 -39.92
C LEU A 230 13.48 -28.87 -40.03
N GLU A 231 13.44 -29.79 -40.99
CA GLU A 231 14.56 -30.70 -41.18
C GLU A 231 15.68 -29.80 -41.70
N HIS A 232 16.91 -30.02 -41.23
CA HIS A 232 18.05 -29.22 -41.66
C HIS A 232 18.12 -27.86 -40.97
N LEU A 233 17.23 -27.63 -40.01
CA LEU A 233 17.21 -26.39 -39.24
C LEU A 233 18.56 -26.23 -38.57
N THR A 234 18.99 -27.32 -37.93
CA THR A 234 20.25 -27.40 -37.21
C THR A 234 21.48 -27.12 -38.05
N THR A 235 21.35 -27.24 -39.36
CA THR A 235 22.49 -26.99 -40.22
C THR A 235 22.28 -25.75 -41.08
N THR A 236 21.21 -25.00 -40.80
CA THR A 236 20.92 -23.79 -41.55
C THR A 236 20.62 -22.60 -40.63
N LYS A 237 19.37 -22.47 -40.20
CA LYS A 237 18.98 -21.36 -39.34
C LYS A 237 19.55 -21.45 -37.92
N LEU A 238 20.11 -22.59 -37.57
CA LEU A 238 20.74 -22.77 -36.26
C LEU A 238 22.09 -23.44 -36.42
N ARG A 239 22.75 -23.15 -37.52
CA ARG A 239 24.07 -23.73 -37.81
C ARG A 239 25.17 -23.08 -36.97
N GLY A 240 26.35 -23.72 -36.94
CA GLY A 240 27.46 -23.17 -36.20
C GLY A 240 28.11 -23.99 -35.11
N ASP A 241 29.41 -23.77 -34.91
CA ASP A 241 30.19 -24.45 -33.88
C ASP A 241 29.83 -23.94 -32.50
N ILE A 242 29.62 -24.86 -31.57
CA ILE A 242 29.32 -24.50 -30.20
C ILE A 242 30.64 -24.50 -29.47
N VAL A 243 31.00 -23.35 -28.90
CA VAL A 243 32.27 -23.23 -28.20
C VAL A 243 32.03 -22.95 -26.72
N PRO A 244 32.86 -23.55 -25.84
CA PRO A 244 32.74 -23.37 -24.39
C PRO A 244 33.01 -21.97 -23.85
N LEU A 245 32.38 -21.67 -22.70
CA LEU A 245 32.56 -20.38 -22.05
C LEU A 245 34.04 -20.12 -21.78
N GLY A 246 34.40 -18.85 -21.73
CA GLY A 246 35.78 -18.48 -21.46
C GLY A 246 36.62 -18.36 -22.71
N GLU A 247 36.13 -18.93 -23.82
CA GLU A 247 36.88 -18.86 -25.06
C GLU A 247 36.74 -17.49 -25.72
N ARG A 248 37.71 -17.19 -26.59
CA ARG A 248 37.78 -15.90 -27.28
C ARG A 248 36.91 -15.79 -28.52
N ALA A 249 35.80 -15.06 -28.41
CA ALA A 249 34.91 -14.86 -29.54
C ALA A 249 35.69 -14.25 -30.69
N GLY A 250 36.61 -13.36 -30.35
CA GLY A 250 37.43 -12.69 -31.35
C GLY A 250 37.84 -11.34 -30.80
N GLY A 251 38.40 -10.49 -31.66
CA GLY A 251 38.83 -9.18 -31.21
C GLY A 251 37.77 -8.10 -31.34
N LEU A 252 37.83 -7.11 -30.47
CA LEU A 252 36.89 -6.01 -30.50
C LEU A 252 37.20 -5.20 -31.76
N LEU A 253 36.17 -4.90 -32.54
CA LEU A 253 36.33 -4.15 -33.78
C LEU A 253 36.77 -2.72 -33.50
N PRO A 254 37.69 -2.18 -34.32
CA PRO A 254 38.20 -0.81 -34.15
C PRO A 254 37.11 0.26 -34.13
N GLU A 255 36.13 0.15 -35.02
CA GLU A 255 35.04 1.12 -35.07
C GLU A 255 34.20 1.07 -33.79
N MET A 256 34.05 -0.12 -33.20
CA MET A 256 33.30 -0.26 -31.96
C MET A 256 34.19 0.25 -30.82
N ALA A 257 35.45 -0.17 -30.84
CA ALA A 257 36.39 0.22 -29.80
C ALA A 257 36.38 1.74 -29.62
N GLU A 258 36.30 2.47 -30.72
CA GLU A 258 36.27 3.92 -30.65
C GLU A 258 35.08 4.36 -29.82
N LYS A 259 33.89 3.95 -30.23
CA LYS A 259 32.63 4.27 -29.55
C LYS A 259 32.59 3.86 -28.06
N MET A 260 33.42 2.89 -27.68
CA MET A 260 33.41 2.40 -26.30
C MET A 260 34.47 2.93 -25.35
N GLY A 261 35.52 3.53 -25.90
CA GLY A 261 36.58 4.07 -25.06
C GLY A 261 37.60 2.99 -24.77
N LEU A 262 37.56 1.94 -25.59
CA LEU A 262 38.48 0.83 -25.41
C LEU A 262 39.37 0.72 -26.64
N ASN A 263 40.44 -0.06 -26.51
CA ASN A 263 41.35 -0.23 -27.63
C ASN A 263 40.87 -1.36 -28.53
N PRO A 264 41.11 -1.22 -29.84
CA PRO A 264 40.66 -2.27 -30.76
C PRO A 264 41.45 -3.56 -30.57
N GLY A 265 40.84 -4.69 -30.95
CA GLY A 265 41.52 -5.97 -30.84
C GLY A 265 41.53 -6.69 -29.49
N ILE A 266 41.26 -5.97 -28.40
CA ILE A 266 41.25 -6.60 -27.08
C ILE A 266 40.26 -7.77 -27.03
N ALA A 267 40.61 -8.79 -26.26
CA ALA A 267 39.79 -9.99 -26.14
C ALA A 267 38.31 -9.78 -25.76
N VAL A 268 37.46 -10.52 -26.45
CA VAL A 268 36.00 -10.49 -26.21
C VAL A 268 35.55 -11.94 -26.03
N ALA A 269 35.09 -12.28 -24.84
CA ALA A 269 34.64 -13.65 -24.56
C ALA A 269 33.31 -14.00 -25.23
N VAL A 270 33.01 -15.30 -25.31
CA VAL A 270 31.76 -15.73 -25.90
C VAL A 270 30.67 -15.48 -24.85
N GLY A 271 29.51 -15.02 -25.32
CA GLY A 271 28.39 -14.71 -24.44
C GLY A 271 28.12 -15.63 -23.28
N ASN A 272 27.72 -15.05 -22.16
CA ASN A 272 27.38 -15.81 -20.96
C ASN A 272 25.91 -15.58 -20.59
N VAL A 273 25.40 -16.39 -19.67
CA VAL A 273 24.02 -16.25 -19.22
C VAL A 273 24.04 -15.66 -17.81
N ASP A 274 23.12 -14.74 -17.54
CA ASP A 274 23.06 -14.08 -16.23
C ASP A 274 23.10 -15.01 -15.00
N ALA A 275 22.33 -16.08 -15.01
CA ALA A 275 22.31 -17.00 -13.86
C ALA A 275 23.60 -17.83 -13.78
N HIS A 276 23.92 -18.51 -14.86
CA HIS A 276 25.12 -19.35 -14.92
C HIS A 276 26.41 -18.58 -14.65
N ALA A 277 26.45 -17.31 -15.07
CA ALA A 277 27.61 -16.46 -14.86
C ALA A 277 27.90 -16.24 -13.38
N ALA A 278 26.89 -16.43 -12.54
CA ALA A 278 27.04 -16.24 -11.10
C ALA A 278 27.94 -17.29 -10.43
N VAL A 279 27.95 -18.51 -10.99
CA VAL A 279 28.74 -19.58 -10.41
C VAL A 279 30.21 -19.23 -10.19
N PRO A 280 30.93 -18.80 -11.23
CA PRO A 280 32.33 -18.48 -10.98
C PRO A 280 32.54 -17.18 -10.21
N ALA A 281 31.57 -16.28 -10.26
CA ALA A 281 31.67 -15.01 -9.54
C ALA A 281 31.60 -15.23 -8.04
N VAL A 282 31.11 -16.40 -7.64
CA VAL A 282 31.01 -16.73 -6.23
C VAL A 282 32.08 -17.75 -5.86
N GLY A 283 33.05 -17.91 -6.75
CA GLY A 283 34.16 -18.81 -6.49
C GLY A 283 33.99 -20.30 -6.71
N VAL A 284 32.88 -20.72 -7.29
CA VAL A 284 32.68 -22.15 -7.50
C VAL A 284 33.13 -22.56 -8.88
N THR A 285 34.14 -23.43 -8.93
CA THR A 285 34.67 -23.91 -10.19
C THR A 285 34.97 -25.40 -10.08
N THR A 286 34.42 -26.01 -9.03
CA THR A 286 34.59 -27.43 -8.76
C THR A 286 33.30 -28.05 -8.22
N PRO A 287 33.15 -29.37 -8.37
CA PRO A 287 31.97 -30.09 -7.89
C PRO A 287 31.76 -29.99 -6.38
N GLY A 288 30.63 -30.51 -5.90
CA GLY A 288 30.33 -30.51 -4.48
C GLY A 288 29.77 -29.22 -3.91
N LYS A 289 29.62 -28.21 -4.75
CA LYS A 289 29.09 -26.93 -4.29
C LYS A 289 27.90 -26.43 -5.11
N LEU A 290 26.72 -26.37 -4.48
CA LEU A 290 25.51 -25.90 -5.14
C LEU A 290 25.40 -24.38 -5.03
N VAL A 291 25.11 -23.72 -6.14
CA VAL A 291 24.95 -22.26 -6.16
C VAL A 291 23.47 -21.92 -6.39
N MET A 292 22.92 -21.09 -5.52
CA MET A 292 21.53 -20.70 -5.60
C MET A 292 21.34 -19.23 -5.92
N ALA A 293 20.84 -18.94 -7.12
CA ALA A 293 20.55 -17.56 -7.50
C ALA A 293 19.16 -17.39 -6.89
N MET A 294 19.08 -16.70 -5.75
CA MET A 294 17.82 -16.52 -5.02
C MET A 294 17.10 -15.20 -5.15
N GLY A 295 15.85 -15.25 -5.57
CA GLY A 295 15.07 -14.03 -5.70
C GLY A 295 13.58 -14.36 -5.76
N THR A 296 12.97 -14.02 -6.89
CA THR A 296 11.55 -14.27 -7.11
C THR A 296 11.33 -15.78 -7.05
N SER A 297 12.36 -16.50 -7.49
CA SER A 297 12.37 -17.96 -7.49
C SER A 297 13.85 -18.30 -7.34
N ILE A 298 14.20 -19.58 -7.41
CA ILE A 298 15.60 -19.95 -7.27
C ILE A 298 16.04 -20.79 -8.44
N CYS A 299 17.20 -20.47 -8.97
CA CYS A 299 17.78 -21.22 -10.06
C CYS A 299 18.97 -21.95 -9.43
N HIS A 300 18.82 -23.26 -9.17
CA HIS A 300 19.91 -24.02 -8.56
C HIS A 300 20.86 -24.55 -9.62
N MET A 301 22.15 -24.27 -9.46
CA MET A 301 23.16 -24.74 -10.40
C MET A 301 24.24 -25.52 -9.67
N LEU A 302 24.72 -26.59 -10.31
CA LEU A 302 25.73 -27.46 -9.71
C LEU A 302 26.63 -28.16 -10.74
N LEU A 303 27.92 -28.27 -10.42
CA LEU A 303 28.88 -28.94 -11.30
C LEU A 303 29.09 -30.41 -10.90
N GLY A 304 29.38 -31.25 -11.89
CA GLY A 304 29.60 -32.67 -11.63
C GLY A 304 30.59 -33.24 -12.63
N GLU A 305 31.18 -34.39 -12.31
CA GLU A 305 32.13 -35.01 -13.22
C GLU A 305 31.52 -36.00 -14.19
N LYS A 306 30.33 -36.50 -13.88
CA LYS A 306 29.67 -37.44 -14.76
C LYS A 306 28.24 -37.01 -15.09
N GLU A 307 27.66 -37.53 -16.17
CA GLU A 307 26.29 -37.16 -16.55
C GLU A 307 25.27 -38.10 -15.91
N GLN A 308 24.37 -37.51 -15.13
CA GLN A 308 23.30 -38.24 -14.43
C GLN A 308 21.96 -37.59 -14.74
N GLU A 309 20.94 -38.41 -14.98
CA GLU A 309 19.62 -37.88 -15.29
C GLU A 309 18.85 -37.62 -14.00
N VAL A 310 19.17 -36.52 -13.33
CA VAL A 310 18.53 -36.18 -12.07
C VAL A 310 17.05 -35.85 -12.27
N GLU A 311 16.21 -36.41 -11.41
CA GLU A 311 14.78 -36.18 -11.49
C GLU A 311 14.38 -34.71 -11.44
N GLY A 312 13.60 -34.28 -12.44
CA GLY A 312 13.09 -32.92 -12.53
C GLY A 312 14.06 -31.79 -12.81
N MET A 313 15.31 -32.10 -13.12
CA MET A 313 16.28 -31.04 -13.40
C MET A 313 15.88 -30.26 -14.64
N CYS A 314 16.38 -29.04 -14.74
CA CYS A 314 16.10 -28.19 -15.90
C CYS A 314 17.02 -28.52 -17.07
N GLY A 315 18.26 -28.89 -16.77
CA GLY A 315 19.19 -29.23 -17.83
C GLY A 315 20.58 -29.57 -17.34
N VAL A 316 21.35 -30.22 -18.21
CA VAL A 316 22.72 -30.61 -17.93
C VAL A 316 23.47 -30.52 -19.25
N VAL A 317 24.65 -29.91 -19.24
CA VAL A 317 25.44 -29.79 -20.46
C VAL A 317 26.92 -29.60 -20.18
N GLU A 318 27.76 -30.28 -20.96
CA GLU A 318 29.21 -30.19 -20.79
C GLU A 318 29.69 -28.78 -21.15
N ASP A 319 30.53 -28.20 -20.30
CA ASP A 319 31.04 -26.85 -20.51
C ASP A 319 29.85 -25.89 -20.43
N GLY A 320 28.74 -26.36 -19.87
CA GLY A 320 27.55 -25.53 -19.75
C GLY A 320 27.69 -24.37 -18.78
N ILE A 321 28.48 -24.57 -17.72
CA ILE A 321 28.69 -23.54 -16.71
C ILE A 321 30.18 -23.30 -16.50
N ILE A 322 30.91 -24.38 -16.25
CA ILE A 322 32.35 -24.34 -16.04
C ILE A 322 33.00 -25.38 -16.96
N PRO A 323 33.87 -24.93 -17.90
CA PRO A 323 34.56 -25.82 -18.86
C PRO A 323 35.25 -27.00 -18.17
N GLY A 324 35.03 -28.20 -18.68
CA GLY A 324 35.67 -29.37 -18.10
C GLY A 324 34.85 -30.05 -17.03
N TYR A 325 33.56 -29.72 -17.00
CA TYR A 325 32.63 -30.28 -16.03
C TYR A 325 31.23 -30.26 -16.63
N LEU A 326 30.38 -31.18 -16.19
CA LEU A 326 29.01 -31.14 -16.66
C LEU A 326 28.32 -30.10 -15.78
N GLY A 327 27.48 -29.28 -16.39
CA GLY A 327 26.77 -28.26 -15.62
C GLY A 327 25.32 -28.69 -15.42
N TYR A 328 24.84 -28.59 -14.19
CA TYR A 328 23.48 -28.97 -13.83
C TYR A 328 22.70 -27.75 -13.39
N GLU A 329 21.44 -27.68 -13.79
CA GLU A 329 20.56 -26.57 -13.41
C GLU A 329 19.22 -27.16 -13.01
N ALA A 330 18.65 -26.64 -11.93
CA ALA A 330 17.36 -27.09 -11.43
C ALA A 330 16.61 -25.83 -11.03
N GLY A 331 15.29 -25.90 -10.95
CA GLY A 331 14.54 -24.72 -10.59
C GLY A 331 13.44 -24.88 -9.56
N GLN A 332 13.35 -23.89 -8.68
CA GLN A 332 12.31 -23.89 -7.66
C GLN A 332 11.38 -22.77 -8.12
N SER A 333 10.17 -23.17 -8.53
CA SER A 333 9.16 -22.26 -9.04
C SER A 333 8.88 -20.94 -8.31
N ALA A 334 8.66 -21.00 -7.01
CA ALA A 334 8.35 -19.78 -6.29
C ALA A 334 8.80 -19.80 -4.84
N VAL A 335 9.55 -18.77 -4.47
CA VAL A 335 10.02 -18.63 -3.10
C VAL A 335 9.83 -17.16 -2.72
N GLY A 336 10.56 -16.27 -3.37
CA GLY A 336 10.41 -14.85 -3.08
C GLY A 336 9.01 -14.36 -3.43
N ASP A 337 8.40 -14.93 -4.47
CA ASP A 337 7.05 -14.53 -4.86
C ASP A 337 6.03 -14.88 -3.78
N ILE A 338 6.22 -16.04 -3.15
CA ILE A 338 5.30 -16.46 -2.10
C ILE A 338 5.32 -15.47 -0.94
N PHE A 339 6.51 -14.96 -0.58
CA PHE A 339 6.59 -14.01 0.51
C PHE A 339 5.91 -12.72 0.08
N ALA A 340 6.06 -12.37 -1.20
CA ALA A 340 5.45 -11.15 -1.71
C ALA A 340 3.93 -11.32 -1.64
N TRP A 341 3.46 -12.47 -2.09
CA TRP A 341 2.03 -12.75 -2.07
C TRP A 341 1.46 -12.60 -0.67
N PHE A 342 2.10 -13.23 0.29
CA PHE A 342 1.66 -13.21 1.68
C PHE A 342 1.54 -11.80 2.25
N VAL A 343 2.47 -10.92 1.90
CA VAL A 343 2.43 -9.55 2.40
C VAL A 343 1.30 -8.76 1.76
N LYS A 344 1.04 -9.02 0.48
CA LYS A 344 -0.02 -8.29 -0.20
C LYS A 344 -1.42 -8.86 0.05
N HIS A 345 -1.52 -10.17 0.28
CA HIS A 345 -2.83 -10.75 0.50
C HIS A 345 -3.06 -11.50 1.80
N GLY A 346 -2.00 -11.82 2.54
CA GLY A 346 -2.19 -12.59 3.76
C GLY A 346 -1.86 -12.05 5.15
N VAL A 347 -1.21 -10.90 5.25
CA VAL A 347 -0.87 -10.35 6.56
C VAL A 347 -1.86 -9.25 6.99
N SER A 348 -2.41 -9.41 8.18
CA SER A 348 -3.40 -8.48 8.74
C SER A 348 -2.92 -7.03 8.92
N ALA A 349 -3.87 -6.11 9.05
CA ALA A 349 -3.56 -4.70 9.23
C ALA A 349 -2.91 -4.43 10.58
N ALA A 350 -3.18 -5.31 11.55
CA ALA A 350 -2.62 -5.16 12.88
C ALA A 350 -1.10 -5.21 12.84
N THR A 351 -0.54 -6.22 12.17
CA THR A 351 0.90 -6.32 12.08
C THR A 351 1.43 -5.19 11.19
N PHE A 352 0.62 -4.72 10.26
CA PHE A 352 1.05 -3.61 9.41
C PHE A 352 1.20 -2.36 10.26
N ASP A 353 0.22 -2.12 11.15
CA ASP A 353 0.24 -0.96 12.04
C ASP A 353 1.41 -1.08 13.00
N GLU A 354 1.65 -2.30 13.48
CA GLU A 354 2.73 -2.54 14.41
C GLU A 354 4.04 -2.11 13.76
N ALA A 355 4.18 -2.45 12.49
CA ALA A 355 5.39 -2.13 11.72
C ALA A 355 5.59 -0.63 11.55
N GLN A 356 4.54 0.06 11.14
CA GLN A 356 4.66 1.50 10.97
C GLN A 356 4.85 2.09 12.36
N GLU A 357 4.26 1.44 13.36
CA GLU A 357 4.38 1.90 14.73
C GLU A 357 5.83 2.03 15.14
N LYS A 358 6.67 1.12 14.65
CA LYS A 358 8.09 1.16 15.00
C LYS A 358 9.00 1.52 13.82
N GLY A 359 8.49 2.32 12.89
CA GLY A 359 9.25 2.78 11.75
C GLY A 359 9.91 1.71 10.89
N VAL A 360 9.32 0.53 10.86
CA VAL A 360 9.91 -0.54 10.09
C VAL A 360 9.01 -1.08 8.97
N ASN A 361 9.63 -1.70 7.97
CA ASN A 361 8.91 -2.31 6.85
C ASN A 361 8.26 -3.59 7.41
N VAL A 362 7.10 -3.95 6.89
CA VAL A 362 6.40 -5.14 7.38
C VAL A 362 7.17 -6.46 7.17
N HIS A 363 7.91 -6.56 6.07
CA HIS A 363 8.71 -7.76 5.80
C HIS A 363 9.71 -7.91 6.92
N ALA A 364 10.34 -6.78 7.28
CA ALA A 364 11.32 -6.75 8.35
C ALA A 364 10.69 -7.10 9.70
N LEU A 365 9.48 -6.60 9.95
CA LEU A 365 8.82 -6.90 11.23
C LEU A 365 8.49 -8.38 11.30
N LEU A 366 8.02 -8.92 10.18
CA LEU A 366 7.65 -10.34 10.08
C LEU A 366 8.86 -11.24 10.27
N GLU A 367 10.01 -10.81 9.78
CA GLU A 367 11.22 -11.61 9.93
C GLU A 367 11.65 -11.64 11.38
N GLU A 368 11.70 -10.47 12.02
CA GLU A 368 12.12 -10.41 13.42
C GLU A 368 11.21 -11.22 14.34
N LYS A 369 9.91 -11.10 14.16
CA LYS A 369 8.97 -11.83 15.01
C LYS A 369 9.01 -13.32 14.78
N ALA A 370 9.28 -13.75 13.55
CA ALA A 370 9.35 -15.19 13.27
C ALA A 370 10.70 -15.76 13.72
N SER A 371 11.69 -14.90 13.92
CA SER A 371 12.99 -15.40 14.35
C SER A 371 13.01 -15.65 15.86
N GLN A 372 11.94 -15.25 16.55
CA GLN A 372 11.84 -15.48 18.00
C GLN A 372 11.29 -16.89 18.24
N LEU A 373 10.61 -17.42 17.24
CA LEU A 373 10.02 -18.75 17.29
C LEU A 373 11.09 -19.82 17.18
N ARG A 374 10.85 -20.95 17.81
CA ARG A 374 11.77 -22.07 17.73
C ARG A 374 11.29 -22.91 16.55
N PRO A 375 12.21 -23.60 15.86
CA PRO A 375 11.70 -24.41 14.75
C PRO A 375 10.70 -25.40 15.34
N GLY A 376 9.55 -25.55 14.70
CA GLY A 376 8.53 -26.46 15.19
C GLY A 376 7.55 -25.81 16.16
N GLU A 377 7.88 -24.62 16.66
CA GLU A 377 7.03 -23.92 17.61
C GLU A 377 5.66 -23.53 17.06
N SER A 378 5.62 -23.05 15.82
CA SER A 378 4.36 -22.67 15.19
C SER A 378 3.39 -23.84 15.00
N GLY A 379 3.94 -25.04 14.82
CA GLY A 379 3.11 -26.21 14.60
C GLY A 379 2.56 -26.20 13.19
N LEU A 380 3.21 -25.41 12.33
CA LEU A 380 2.80 -25.25 10.93
C LEU A 380 3.71 -25.90 9.90
N LEU A 381 3.10 -26.41 8.82
CA LEU A 381 3.84 -27.04 7.73
C LEU A 381 3.18 -26.65 6.41
N ALA A 382 4.00 -26.30 5.42
CA ALA A 382 3.47 -25.91 4.12
C ALA A 382 4.17 -26.55 2.95
N LEU A 383 3.48 -26.56 1.82
CA LEU A 383 4.03 -27.09 0.58
C LEU A 383 4.22 -25.82 -0.28
N ASP A 384 5.49 -25.48 -0.55
CA ASP A 384 5.83 -24.28 -1.33
C ASP A 384 5.41 -24.36 -2.80
N TRP A 385 4.16 -24.70 -3.07
CA TRP A 385 3.70 -24.83 -4.45
C TRP A 385 2.73 -23.77 -4.97
N TRP A 386 2.79 -22.57 -4.40
CA TRP A 386 1.91 -21.46 -4.82
C TRP A 386 1.92 -21.25 -6.33
N ASN A 387 3.05 -21.52 -6.97
CA ASN A 387 3.16 -21.33 -8.42
C ASN A 387 3.63 -22.62 -9.06
N GLY A 388 3.07 -23.74 -8.62
CA GLY A 388 3.44 -25.01 -9.19
C GLY A 388 4.81 -25.51 -8.77
N ASN A 389 5.33 -26.46 -9.54
CA ASN A 389 6.63 -27.05 -9.24
C ASN A 389 7.40 -27.36 -10.52
N ARG A 390 8.68 -27.01 -10.54
CA ARG A 390 9.48 -27.31 -11.71
C ARG A 390 10.41 -28.44 -11.32
N SER A 391 11.42 -28.13 -10.51
CA SER A 391 12.34 -29.18 -10.15
C SER A 391 11.92 -30.28 -9.20
N ILE A 392 12.17 -31.46 -9.77
CA ILE A 392 11.94 -32.82 -9.33
C ILE A 392 10.52 -33.29 -9.60
N LEU A 393 9.51 -32.44 -9.48
CA LEU A 393 8.15 -32.90 -9.79
C LEU A 393 7.65 -32.50 -11.18
N VAL A 394 8.25 -31.47 -11.75
CA VAL A 394 7.90 -30.96 -13.08
C VAL A 394 6.38 -30.91 -13.34
N ASP A 395 5.65 -30.22 -12.48
CA ASP A 395 4.19 -30.14 -12.64
C ASP A 395 3.67 -28.74 -12.32
N THR A 396 3.13 -28.05 -13.32
CA THR A 396 2.61 -26.70 -13.10
C THR A 396 1.20 -26.76 -12.49
N GLU A 397 0.64 -27.97 -12.50
CA GLU A 397 -0.69 -28.20 -11.94
C GLU A 397 -0.66 -28.64 -10.47
N LEU A 398 0.00 -27.84 -9.65
CA LEU A 398 0.08 -28.10 -8.23
C LEU A 398 -0.13 -26.76 -7.54
N SER A 399 -0.73 -26.79 -6.36
CA SER A 399 -0.99 -25.57 -5.62
C SER A 399 -0.39 -25.63 -4.24
N GLY A 400 -0.44 -24.50 -3.55
CA GLY A 400 0.11 -24.42 -2.20
C GLY A 400 -0.81 -24.99 -1.12
N MET A 401 -0.19 -25.40 -0.01
CA MET A 401 -0.92 -25.95 1.12
C MET A 401 -0.32 -25.45 2.43
N LEU A 402 -1.19 -25.14 3.38
CA LEU A 402 -0.76 -24.68 4.69
C LEU A 402 -1.47 -25.56 5.70
N LEU A 403 -0.70 -26.16 6.60
CA LEU A 403 -1.27 -27.07 7.57
C LEU A 403 -0.80 -26.81 9.01
N GLY A 404 -1.71 -27.00 9.96
CA GLY A 404 -1.39 -26.79 11.36
C GLY A 404 -2.12 -25.62 12.02
N TYR A 405 -3.10 -25.07 11.31
CA TYR A 405 -3.87 -23.92 11.81
C TYR A 405 -4.64 -24.17 13.10
N THR A 406 -4.64 -23.18 13.99
CA THR A 406 -5.42 -23.23 15.22
C THR A 406 -5.93 -21.82 15.39
N LEU A 407 -6.88 -21.64 16.30
CA LEU A 407 -7.43 -20.32 16.53
C LEU A 407 -6.36 -19.32 16.98
N GLN A 408 -5.19 -19.83 17.36
CA GLN A 408 -4.09 -18.98 17.83
C GLN A 408 -2.99 -18.69 16.81
N THR A 409 -3.09 -19.27 15.61
CA THR A 409 -2.06 -19.05 14.60
C THR A 409 -1.89 -17.56 14.30
N LYS A 410 -0.63 -17.12 14.34
CA LYS A 410 -0.26 -15.72 14.11
C LYS A 410 0.43 -15.53 12.75
N PRO A 411 0.35 -14.30 12.19
CA PRO A 411 0.99 -14.04 10.89
C PRO A 411 2.49 -14.32 10.84
N GLU A 412 3.22 -14.03 11.91
CA GLU A 412 4.65 -14.30 11.92
C GLU A 412 4.89 -15.82 11.91
N GLU A 413 3.95 -16.58 12.47
CA GLU A 413 4.09 -18.03 12.50
C GLU A 413 3.92 -18.60 11.10
N ILE A 414 2.86 -18.19 10.41
CA ILE A 414 2.65 -18.70 9.06
C ILE A 414 3.74 -18.17 8.12
N TYR A 415 4.26 -16.98 8.41
CA TYR A 415 5.33 -16.42 7.59
C TYR A 415 6.54 -17.37 7.67
N ARG A 416 6.92 -17.76 8.88
CA ARG A 416 8.05 -18.66 9.05
C ARG A 416 7.80 -19.98 8.32
N ALA A 417 6.55 -20.45 8.31
CA ALA A 417 6.18 -21.70 7.65
C ALA A 417 6.49 -21.63 6.15
N LEU A 418 6.26 -20.46 5.57
CA LEU A 418 6.53 -20.24 4.16
C LEU A 418 8.05 -20.27 3.95
N LEU A 419 8.78 -19.63 4.85
CA LEU A 419 10.25 -19.62 4.77
C LEU A 419 10.72 -21.07 4.81
N GLU A 420 10.22 -21.79 5.81
CA GLU A 420 10.57 -23.19 6.01
C GLU A 420 10.18 -24.06 4.82
N ALA A 421 9.00 -23.82 4.26
CA ALA A 421 8.54 -24.60 3.12
C ALA A 421 9.47 -24.46 1.91
N THR A 422 9.97 -23.24 1.66
CA THR A 422 10.85 -23.05 0.51
C THR A 422 12.18 -23.75 0.74
N ALA A 423 12.60 -23.82 1.99
CA ALA A 423 13.84 -24.50 2.32
C ALA A 423 13.66 -26.01 2.12
N PHE A 424 12.47 -26.52 2.42
CA PHE A 424 12.20 -27.95 2.24
C PHE A 424 12.21 -28.24 0.75
N GLY A 425 11.74 -27.26 -0.03
CA GLY A 425 11.69 -27.39 -1.47
C GLY A 425 13.10 -27.44 -2.03
N THR A 426 13.97 -26.60 -1.49
CA THR A 426 15.37 -26.57 -1.90
C THR A 426 16.01 -27.90 -1.50
N ARG A 427 15.72 -28.39 -0.31
CA ARG A 427 16.29 -29.66 0.11
C ARG A 427 15.85 -30.81 -0.79
N ALA A 428 14.59 -30.77 -1.25
CA ALA A 428 14.10 -31.83 -2.13
C ALA A 428 15.03 -31.90 -3.35
N ILE A 429 15.42 -30.72 -3.82
CA ILE A 429 16.31 -30.59 -4.96
C ILE A 429 17.74 -31.03 -4.65
N VAL A 430 18.28 -30.60 -3.50
CA VAL A 430 19.65 -30.98 -3.16
C VAL A 430 19.78 -32.48 -2.93
N ASP A 431 18.75 -33.11 -2.37
CA ASP A 431 18.79 -34.54 -2.14
C ASP A 431 18.65 -35.29 -3.47
N ALA A 432 17.89 -34.72 -4.39
CA ALA A 432 17.69 -35.37 -5.69
C ALA A 432 19.03 -35.51 -6.43
N PHE A 433 19.92 -34.54 -6.24
CA PHE A 433 21.23 -34.56 -6.89
C PHE A 433 22.20 -35.45 -6.12
N HIS A 434 22.31 -35.18 -4.83
CA HIS A 434 23.22 -35.90 -3.94
C HIS A 434 22.95 -37.40 -3.99
N GLY A 435 21.68 -37.77 -3.98
CA GLY A 435 21.31 -39.17 -4.00
C GLY A 435 21.53 -39.85 -5.33
N ARG A 436 22.11 -39.12 -6.28
CA ARG A 436 22.38 -39.65 -7.61
C ARG A 436 23.87 -39.55 -7.93
N GLY A 437 24.67 -39.17 -6.95
CA GLY A 437 26.09 -39.07 -7.18
C GLY A 437 26.59 -37.65 -7.43
N VAL A 438 25.65 -36.76 -7.72
CA VAL A 438 26.01 -35.37 -7.97
C VAL A 438 26.00 -34.68 -6.61
N GLU A 439 26.99 -35.01 -5.80
CA GLU A 439 27.12 -34.51 -4.44
C GLU A 439 26.98 -33.02 -4.17
N VAL A 440 26.47 -32.72 -2.99
CA VAL A 440 26.31 -31.35 -2.53
C VAL A 440 26.86 -31.32 -1.10
N HIS A 441 28.02 -30.69 -0.94
CA HIS A 441 28.66 -30.55 0.37
C HIS A 441 28.44 -29.15 0.95
N GLU A 442 28.48 -28.15 0.06
CA GLU A 442 28.30 -26.75 0.46
C GLU A 442 27.23 -26.04 -0.37
N LEU A 443 26.71 -24.96 0.18
CA LEU A 443 25.70 -24.15 -0.50
C LEU A 443 26.26 -22.76 -0.68
N TYR A 444 25.94 -22.17 -1.82
CA TYR A 444 26.38 -20.83 -2.14
C TYR A 444 25.16 -20.05 -2.56
N ALA A 445 24.94 -18.91 -1.92
CA ALA A 445 23.77 -18.11 -2.25
C ALA A 445 24.18 -16.78 -2.83
N CYS A 446 23.45 -16.35 -3.84
CA CYS A 446 23.71 -15.06 -4.45
C CYS A 446 22.35 -14.49 -4.80
N GLY A 447 22.29 -13.18 -4.98
CA GLY A 447 21.02 -12.54 -5.29
C GLY A 447 20.77 -11.54 -4.19
N GLY A 448 19.59 -10.93 -4.19
CA GLY A 448 19.27 -9.95 -3.16
C GLY A 448 18.60 -10.55 -1.94
N LEU A 449 17.97 -11.71 -2.13
CA LEU A 449 17.25 -12.40 -1.05
C LEU A 449 18.18 -12.75 0.13
N PRO A 450 19.37 -13.31 -0.14
CA PRO A 450 20.27 -13.65 0.96
C PRO A 450 20.84 -12.39 1.61
N GLN A 451 20.54 -11.24 1.02
CA GLN A 451 21.02 -9.97 1.55
C GLN A 451 20.04 -9.44 2.60
N LYS A 452 18.80 -9.23 2.18
CA LYS A 452 17.75 -8.71 3.04
C LYS A 452 17.12 -9.72 4.02
N ASN A 453 17.29 -11.02 3.77
CA ASN A 453 16.67 -12.00 4.66
C ASN A 453 17.58 -13.05 5.27
N HIS A 454 18.27 -12.66 6.35
CA HIS A 454 19.18 -13.54 7.06
C HIS A 454 18.48 -14.74 7.67
N LEU A 455 17.26 -14.55 8.17
CA LEU A 455 16.54 -15.68 8.77
C LEU A 455 16.34 -16.79 7.75
N LEU A 456 16.02 -16.42 6.51
CA LEU A 456 15.81 -17.42 5.44
C LEU A 456 17.08 -18.25 5.26
N MET A 457 18.23 -17.61 5.27
CA MET A 457 19.49 -18.31 5.09
C MET A 457 19.82 -19.26 6.22
N GLN A 458 19.38 -18.93 7.44
CA GLN A 458 19.65 -19.80 8.57
C GLN A 458 18.76 -21.03 8.53
N ILE A 459 17.49 -20.85 8.17
CA ILE A 459 16.56 -22.00 8.06
C ILE A 459 17.11 -22.89 6.96
N PHE A 460 17.57 -22.25 5.88
CA PHE A 460 18.13 -23.00 4.77
C PHE A 460 19.30 -23.86 5.26
N ALA A 461 20.20 -23.25 6.03
CA ALA A 461 21.35 -23.97 6.55
C ALA A 461 20.93 -25.07 7.50
N ASP A 462 19.93 -24.80 8.34
CA ASP A 462 19.45 -25.79 9.29
C ASP A 462 18.81 -26.99 8.61
N VAL A 463 18.00 -26.73 7.58
CA VAL A 463 17.27 -27.78 6.86
C VAL A 463 18.12 -28.70 5.99
N THR A 464 19.10 -28.15 5.28
CA THR A 464 19.95 -28.96 4.41
C THR A 464 21.15 -29.49 5.18
N ASN A 465 21.37 -28.94 6.37
CA ASN A 465 22.48 -29.29 7.23
C ASN A 465 23.79 -29.09 6.48
N ARG A 466 23.90 -27.93 5.85
CA ARG A 466 25.09 -27.57 5.10
C ARG A 466 25.41 -26.09 5.33
N GLU A 467 26.70 -25.77 5.27
CA GLU A 467 27.13 -24.40 5.45
C GLU A 467 26.76 -23.63 4.20
N ILE A 468 26.30 -22.39 4.39
CA ILE A 468 25.92 -21.55 3.27
C ILE A 468 26.72 -20.26 3.22
N LYS A 469 27.37 -20.03 2.09
CA LYS A 469 28.15 -18.83 1.87
C LYS A 469 27.27 -17.87 1.06
N VAL A 470 27.50 -16.57 1.19
CA VAL A 470 26.73 -15.57 0.47
C VAL A 470 27.65 -14.71 -0.39
N ALA A 471 27.20 -14.37 -1.60
CA ALA A 471 28.02 -13.55 -2.49
C ALA A 471 28.32 -12.18 -1.85
N ALA A 472 29.54 -11.69 -2.05
CA ALA A 472 29.93 -10.41 -1.50
C ALA A 472 29.89 -9.33 -2.56
N SER A 473 29.92 -9.74 -3.82
CA SER A 473 29.88 -8.80 -4.93
C SER A 473 28.49 -8.20 -5.06
N LYS A 474 28.46 -6.95 -5.51
CA LYS A 474 27.21 -6.23 -5.68
C LYS A 474 26.54 -6.66 -7.00
N GLN A 475 27.35 -6.84 -8.03
CA GLN A 475 26.89 -7.25 -9.35
C GLN A 475 27.50 -8.60 -9.76
N THR A 476 27.01 -9.67 -9.13
CA THR A 476 27.50 -11.02 -9.38
C THR A 476 27.59 -11.46 -10.84
N PRO A 477 26.48 -11.43 -11.59
CA PRO A 477 26.53 -11.84 -13.00
C PRO A 477 27.63 -11.10 -13.77
N ALA A 478 27.70 -9.80 -13.56
CA ALA A 478 28.69 -8.97 -14.22
C ALA A 478 30.11 -9.45 -13.90
N LEU A 479 30.37 -9.73 -12.62
CA LEU A 479 31.70 -10.21 -12.18
C LEU A 479 32.00 -11.49 -12.97
N GLY A 480 30.99 -12.34 -13.09
CA GLY A 480 31.14 -13.58 -13.82
C GLY A 480 31.61 -13.30 -15.22
N ALA A 481 30.92 -12.40 -15.90
CA ALA A 481 31.27 -12.04 -17.27
C ALA A 481 32.71 -11.54 -17.33
N ALA A 482 33.05 -10.66 -16.39
CA ALA A 482 34.39 -10.09 -16.29
C ALA A 482 35.41 -11.21 -16.14
N MET A 483 35.03 -12.24 -15.38
CA MET A 483 35.89 -13.38 -15.15
C MET A 483 36.18 -14.13 -16.44
N PHE A 484 35.14 -14.40 -17.23
CA PHE A 484 35.35 -15.10 -18.49
C PHE A 484 36.04 -14.18 -19.49
N ALA A 485 35.98 -12.88 -19.24
CA ALA A 485 36.62 -11.93 -20.13
C ALA A 485 38.13 -12.08 -19.96
N SER A 486 38.57 -12.24 -18.72
CA SER A 486 39.99 -12.39 -18.41
C SER A 486 40.52 -13.73 -18.95
N VAL A 487 39.69 -14.78 -18.88
CA VAL A 487 40.11 -16.08 -19.36
C VAL A 487 40.28 -16.02 -20.87
N ALA A 488 39.40 -15.30 -21.55
CA ALA A 488 39.49 -15.17 -23.00
C ALA A 488 40.69 -14.32 -23.37
N ALA A 489 41.11 -13.46 -22.45
CA ALA A 489 42.25 -12.59 -22.69
C ALA A 489 43.52 -13.45 -22.77
N GLY A 490 43.86 -14.10 -21.66
CA GLY A 490 45.03 -14.96 -21.64
C GLY A 490 46.05 -14.52 -20.62
N SER A 491 46.94 -15.43 -20.25
CA SER A 491 47.98 -15.11 -19.28
C SER A 491 48.94 -14.10 -19.88
N GLU A 492 49.29 -14.33 -21.15
CA GLU A 492 50.21 -13.47 -21.88
C GLU A 492 49.90 -11.96 -21.78
N VAL A 493 48.62 -11.60 -21.76
CA VAL A 493 48.25 -10.18 -21.69
C VAL A 493 47.77 -9.69 -20.32
N GLY A 494 47.98 -10.48 -19.27
CA GLY A 494 47.57 -10.07 -17.95
C GLY A 494 46.33 -10.75 -17.37
N GLY A 495 45.50 -11.34 -18.23
CA GLY A 495 44.31 -12.03 -17.76
C GLY A 495 44.66 -13.36 -17.12
N TYR A 496 43.97 -14.42 -17.52
CA TYR A 496 44.21 -15.76 -16.98
C TYR A 496 44.06 -16.85 -18.04
N ASP A 497 44.59 -18.04 -17.73
CA ASP A 497 44.50 -19.16 -18.67
C ASP A 497 43.38 -20.14 -18.32
N SER A 498 42.71 -19.92 -17.20
CA SER A 498 41.60 -20.78 -16.78
C SER A 498 40.67 -20.06 -15.81
N ILE A 499 39.39 -20.46 -15.82
CA ILE A 499 38.42 -19.85 -14.94
C ILE A 499 38.70 -20.21 -13.46
N GLU A 500 39.29 -21.38 -13.21
CA GLU A 500 39.58 -21.75 -11.82
C GLU A 500 40.57 -20.72 -11.28
N GLU A 501 41.69 -20.56 -11.97
CA GLU A 501 42.71 -19.61 -11.57
C GLU A 501 42.10 -18.22 -11.43
N ALA A 502 41.25 -17.86 -12.37
CA ALA A 502 40.59 -16.56 -12.32
C ALA A 502 39.71 -16.47 -11.09
N ALA A 503 39.11 -17.60 -10.70
CA ALA A 503 38.22 -17.63 -9.55
C ALA A 503 38.90 -17.47 -8.21
N LYS A 504 40.11 -18.00 -8.06
CA LYS A 504 40.86 -17.92 -6.80
C LYS A 504 41.14 -16.47 -6.38
N LYS A 505 41.37 -15.61 -7.37
CA LYS A 505 41.68 -14.21 -7.11
C LYS A 505 40.51 -13.26 -7.33
N MET A 506 39.50 -13.69 -8.09
CA MET A 506 38.36 -12.82 -8.36
C MET A 506 37.06 -13.18 -7.63
N GLY A 507 36.88 -14.46 -7.32
CA GLY A 507 35.68 -14.90 -6.63
C GLY A 507 35.44 -14.14 -5.34
N ARG A 508 34.17 -13.87 -5.01
CA ARG A 508 33.86 -13.11 -3.81
C ARG A 508 32.68 -13.59 -2.97
N VAL A 509 32.99 -13.96 -1.72
CA VAL A 509 32.00 -14.42 -0.77
C VAL A 509 32.20 -13.62 0.51
N LYS A 510 31.11 -13.33 1.21
CA LYS A 510 31.20 -12.58 2.46
C LYS A 510 31.87 -13.47 3.51
N ASP A 511 32.75 -12.87 4.30
CA ASP A 511 33.47 -13.60 5.35
C ASP A 511 32.55 -14.38 6.29
N GLU A 512 31.40 -13.80 6.63
CA GLU A 512 30.45 -14.47 7.51
C GLU A 512 29.53 -15.39 6.71
N THR A 513 29.49 -16.65 7.12
CA THR A 513 28.68 -17.67 6.47
C THR A 513 27.62 -18.17 7.45
N PHE A 514 26.60 -18.85 6.94
CA PHE A 514 25.54 -19.38 7.79
C PHE A 514 25.84 -20.85 8.05
N LYS A 515 25.85 -21.23 9.33
CA LYS A 515 26.15 -22.61 9.71
C LYS A 515 25.00 -23.31 10.41
N PRO A 516 24.77 -24.58 10.05
CA PRO A 516 23.67 -25.30 10.68
C PRO A 516 23.87 -25.46 12.17
N ILE A 517 22.78 -25.24 12.91
CA ILE A 517 22.75 -25.38 14.36
C ILE A 517 22.16 -26.77 14.62
N PRO A 518 22.99 -27.76 14.98
CA PRO A 518 22.52 -29.12 15.25
C PRO A 518 21.18 -29.28 15.96
N GLU A 519 20.88 -28.41 16.91
CA GLU A 519 19.60 -28.51 17.61
C GLU A 519 18.50 -28.30 16.56
N HIS A 520 18.71 -27.30 15.69
CA HIS A 520 17.76 -26.98 14.63
C HIS A 520 17.74 -28.08 13.57
N VAL A 521 18.92 -28.46 13.08
CA VAL A 521 18.98 -29.49 12.04
C VAL A 521 18.16 -30.69 12.48
N ALA A 522 18.14 -30.95 13.79
CA ALA A 522 17.38 -32.09 14.33
C ALA A 522 15.85 -31.93 14.22
N ILE A 523 15.32 -30.75 14.53
CA ILE A 523 13.88 -30.53 14.45
C ILE A 523 13.46 -30.56 12.98
N TYR A 524 14.21 -29.83 12.16
CA TYR A 524 13.90 -29.75 10.74
C TYR A 524 13.93 -31.09 10.01
N GLU A 525 14.77 -32.01 10.49
CA GLU A 525 14.86 -33.33 9.88
C GLU A 525 13.49 -33.99 10.00
N LYS A 526 12.84 -33.78 11.14
CA LYS A 526 11.52 -34.35 11.39
C LYS A 526 10.45 -33.61 10.60
N LEU A 527 10.54 -32.29 10.55
CA LEU A 527 9.56 -31.53 9.83
C LEU A 527 9.68 -31.86 8.35
N TYR A 528 10.92 -32.02 7.88
CA TYR A 528 11.14 -32.37 6.48
C TYR A 528 10.51 -33.71 6.10
N GLN A 529 10.64 -34.71 6.96
CA GLN A 529 10.04 -36.00 6.65
C GLN A 529 8.53 -35.84 6.47
N GLU A 530 7.91 -34.98 7.26
CA GLU A 530 6.47 -34.77 7.12
C GLU A 530 6.22 -34.11 5.75
N TYR A 531 7.11 -33.20 5.37
CA TYR A 531 6.99 -32.50 4.09
C TYR A 531 7.12 -33.50 2.92
N VAL A 532 8.14 -34.35 2.98
CA VAL A 532 8.36 -35.34 1.92
C VAL A 532 7.11 -36.15 1.69
N THR A 533 6.52 -36.63 2.80
CA THR A 533 5.31 -37.44 2.71
C THR A 533 4.13 -36.76 2.03
N LEU A 534 3.90 -35.48 2.37
CA LEU A 534 2.79 -34.77 1.77
C LEU A 534 3.18 -34.43 0.33
N HIS A 535 4.46 -34.15 0.13
CA HIS A 535 5.01 -33.84 -1.19
C HIS A 535 4.66 -34.99 -2.14
N ASP A 536 4.90 -36.22 -1.69
CA ASP A 536 4.62 -37.41 -2.49
C ASP A 536 3.15 -37.75 -2.60
N TYR A 537 2.42 -37.60 -1.50
CA TYR A 537 1.00 -37.88 -1.50
C TYR A 537 0.25 -36.97 -2.50
N PHE A 538 0.49 -35.66 -2.41
CA PHE A 538 -0.17 -34.68 -3.29
C PHE A 538 0.48 -34.49 -4.65
N GLY A 539 1.71 -34.95 -4.83
CA GLY A 539 2.37 -34.73 -6.10
C GLY A 539 2.88 -35.90 -6.92
N ARG A 540 2.63 -37.13 -6.49
CA ARG A 540 3.10 -38.27 -7.27
C ARG A 540 1.98 -39.22 -7.69
N GLY A 541 0.73 -38.83 -7.45
CA GLY A 541 -0.36 -39.68 -7.90
C GLY A 541 -1.43 -40.21 -6.95
N ALA A 542 -1.11 -40.37 -5.68
CA ALA A 542 -2.10 -40.90 -4.73
C ALA A 542 -3.42 -40.09 -4.73
N ASN A 543 -3.31 -38.76 -4.68
CA ASN A 543 -4.49 -37.89 -4.67
C ASN A 543 -4.17 -36.64 -5.50
N ASP A 544 -4.81 -36.54 -6.67
CA ASP A 544 -4.59 -35.39 -7.53
C ASP A 544 -5.54 -34.23 -7.27
N VAL A 545 -6.16 -34.22 -6.08
CA VAL A 545 -7.08 -33.15 -5.75
C VAL A 545 -6.64 -31.76 -6.23
N MET A 546 -5.34 -31.46 -6.15
CA MET A 546 -4.87 -30.14 -6.60
C MET A 546 -5.24 -29.86 -8.05
N LYS A 547 -5.06 -30.86 -8.90
CA LYS A 547 -5.35 -30.72 -10.31
C LYS A 547 -6.86 -30.57 -10.53
N ARG A 548 -7.65 -31.35 -9.81
CA ARG A 548 -9.10 -31.27 -9.93
C ARG A 548 -9.65 -29.94 -9.41
N LEU A 549 -8.96 -29.34 -8.44
CA LEU A 549 -9.40 -28.06 -7.89
C LEU A 549 -9.20 -26.97 -8.94
N LYS A 550 -8.15 -27.11 -9.73
CA LYS A 550 -7.87 -26.15 -10.80
C LYS A 550 -8.94 -26.25 -11.89
N ALA A 551 -9.25 -27.49 -12.30
CA ALA A 551 -10.23 -27.72 -13.34
C ALA A 551 -11.58 -27.09 -13.00
N LEU A 552 -11.86 -26.93 -11.71
CA LEU A 552 -13.11 -26.31 -11.31
C LEU A 552 -12.97 -24.80 -11.39
N LYS A 553 -11.83 -24.30 -10.90
CA LYS A 553 -11.55 -22.88 -10.91
C LYS A 553 -11.56 -22.34 -12.34
N LYS B 5 -52.06 -15.35 27.69
CA LYS B 5 -51.28 -15.22 28.95
C LYS B 5 -49.78 -15.20 28.64
N TYR B 6 -48.95 -15.05 29.67
CA TYR B 6 -47.50 -14.98 29.46
C TYR B 6 -46.73 -15.83 30.45
N THR B 7 -45.53 -16.24 30.06
CA THR B 7 -44.62 -16.98 30.94
C THR B 7 -43.29 -16.27 30.74
N ILE B 8 -42.36 -16.46 31.67
CA ILE B 8 -41.07 -15.84 31.53
C ILE B 8 -40.00 -16.89 31.28
N GLY B 9 -39.08 -16.58 30.38
CA GLY B 9 -37.99 -17.50 30.11
C GLY B 9 -36.74 -16.76 30.51
N VAL B 10 -35.86 -17.41 31.26
CA VAL B 10 -34.61 -16.77 31.67
C VAL B 10 -33.43 -17.54 31.06
N ASP B 11 -32.72 -16.86 30.18
CA ASP B 11 -31.57 -17.43 29.49
C ASP B 11 -30.26 -17.02 30.14
N TYR B 12 -29.63 -17.95 30.84
CA TYR B 12 -28.34 -17.69 31.50
C TYR B 12 -27.22 -18.10 30.58
N GLY B 13 -26.39 -17.14 30.18
CA GLY B 13 -25.26 -17.42 29.31
C GLY B 13 -23.98 -17.60 30.10
N THR B 14 -22.85 -17.36 29.46
CA THR B 14 -21.57 -17.52 30.14
C THR B 14 -21.19 -16.30 30.99
N GLU B 15 -21.72 -15.12 30.63
CA GLU B 15 -21.39 -13.90 31.37
C GLU B 15 -22.63 -13.13 31.81
N SER B 16 -23.79 -13.49 31.26
CA SER B 16 -25.03 -12.79 31.59
C SER B 16 -26.25 -13.67 31.54
N GLY B 17 -27.26 -13.27 32.29
CA GLY B 17 -28.52 -13.98 32.30
C GLY B 17 -29.54 -12.98 31.79
N ARG B 18 -30.43 -13.42 30.91
CA ARG B 18 -31.44 -12.52 30.37
C ARG B 18 -32.86 -13.02 30.58
N ALA B 19 -33.72 -12.15 31.11
CA ALA B 19 -35.11 -12.48 31.35
C ALA B 19 -35.93 -12.00 30.15
N VAL B 20 -36.89 -12.81 29.70
CA VAL B 20 -37.73 -12.40 28.59
C VAL B 20 -39.18 -12.78 28.88
N LEU B 21 -40.09 -11.90 28.46
CA LEU B 21 -41.50 -12.09 28.67
C LEU B 21 -42.09 -12.37 27.31
N ILE B 22 -42.70 -13.54 27.11
CA ILE B 22 -43.27 -13.84 25.81
C ILE B 22 -44.77 -14.14 25.88
N ASP B 23 -45.45 -13.88 24.76
CA ASP B 23 -46.88 -14.10 24.63
C ASP B 23 -47.18 -15.55 24.30
N LEU B 24 -47.72 -16.28 25.27
CA LEU B 24 -48.05 -17.69 25.08
C LEU B 24 -48.99 -17.96 23.91
N SER B 25 -49.49 -16.90 23.28
CA SER B 25 -50.42 -17.06 22.16
C SER B 25 -49.70 -17.20 20.82
N ASN B 26 -48.53 -16.57 20.70
CA ASN B 26 -47.77 -16.62 19.44
C ASN B 26 -46.26 -16.60 19.67
N GLY B 27 -45.86 -16.68 20.94
CA GLY B 27 -44.44 -16.68 21.28
C GLY B 27 -43.69 -15.46 20.79
N GLN B 28 -44.26 -14.28 20.99
CA GLN B 28 -43.62 -13.04 20.57
C GLN B 28 -43.01 -12.33 21.78
N GLU B 29 -41.71 -12.01 21.68
CA GLU B 29 -41.03 -11.32 22.76
C GLU B 29 -41.64 -9.92 22.90
N LEU B 30 -41.91 -9.48 24.13
CA LEU B 30 -42.47 -8.14 24.32
C LEU B 30 -41.78 -7.30 25.40
N ALA B 31 -40.72 -7.85 25.98
CA ALA B 31 -39.95 -7.17 27.00
C ALA B 31 -38.86 -8.11 27.46
N ASP B 32 -37.68 -7.55 27.73
CA ASP B 32 -36.56 -8.36 28.17
C ASP B 32 -35.52 -7.48 28.84
N HIS B 33 -34.81 -8.03 29.81
CA HIS B 33 -33.77 -7.30 30.52
C HIS B 33 -32.63 -8.25 30.85
N VAL B 34 -31.41 -7.77 30.66
CA VAL B 34 -30.23 -8.58 30.92
C VAL B 34 -29.34 -7.99 32.02
N THR B 35 -28.97 -8.85 32.98
CA THR B 35 -28.10 -8.46 34.07
C THR B 35 -26.81 -9.26 34.01
N PRO B 36 -25.67 -8.58 33.86
CA PRO B 36 -24.38 -9.26 33.78
C PRO B 36 -23.96 -9.88 35.11
N TYR B 37 -23.36 -11.06 35.05
CA TYR B 37 -22.92 -11.72 36.29
C TYR B 37 -21.91 -10.83 36.98
N ARG B 38 -22.23 -10.42 38.21
CA ARG B 38 -21.37 -9.57 39.01
C ARG B 38 -19.88 -9.94 38.94
N HIS B 39 -19.57 -11.21 39.18
CA HIS B 39 -18.18 -11.67 39.19
C HIS B 39 -17.75 -12.29 37.87
N GLY B 40 -18.55 -12.08 36.83
CA GLY B 40 -18.23 -12.63 35.53
C GLY B 40 -17.69 -14.04 35.56
N VAL B 41 -16.58 -14.26 34.86
CA VAL B 41 -15.95 -15.56 34.77
C VAL B 41 -14.70 -15.69 35.64
N ILE B 42 -14.83 -16.41 36.75
CA ILE B 42 -13.70 -16.60 37.66
C ILE B 42 -12.71 -17.57 37.01
N ASP B 43 -11.60 -17.07 36.48
CA ASP B 43 -10.63 -17.97 35.84
C ASP B 43 -9.15 -17.62 35.99
N GLN B 44 -8.85 -16.59 36.77
CA GLN B 44 -7.45 -16.20 37.00
C GLN B 44 -7.19 -16.30 38.50
N TYR B 45 -7.87 -15.44 39.25
CA TYR B 45 -7.74 -15.43 40.70
C TYR B 45 -9.16 -15.48 41.25
N LEU B 46 -9.35 -16.26 42.32
CA LEU B 46 -10.67 -16.37 42.93
C LEU B 46 -11.07 -14.95 43.30
N PRO B 47 -12.37 -14.69 43.55
CA PRO B 47 -12.78 -13.33 43.91
C PRO B 47 -11.89 -12.70 44.99
N ASN B 48 -11.24 -11.58 44.63
CA ASN B 48 -10.32 -10.84 45.50
C ASN B 48 -9.52 -11.67 46.53
N THR B 49 -8.43 -12.25 46.02
CA THR B 49 -7.53 -13.06 46.81
C THR B 49 -6.39 -13.43 45.86
N ASN B 50 -5.30 -13.94 46.41
CA ASN B 50 -4.18 -14.30 45.57
C ASN B 50 -4.24 -15.77 45.16
N ILE B 51 -5.42 -16.38 45.32
CA ILE B 51 -5.61 -17.77 44.97
C ILE B 51 -5.60 -17.89 43.45
N LYS B 52 -4.46 -18.28 42.89
CA LYS B 52 -4.33 -18.42 41.44
C LYS B 52 -4.92 -19.73 40.92
N LEU B 53 -5.98 -19.63 40.11
CA LEU B 53 -6.61 -20.83 39.53
C LEU B 53 -5.79 -21.29 38.33
N GLY B 54 -4.56 -21.75 38.59
CA GLY B 54 -3.69 -22.20 37.52
C GLY B 54 -4.27 -23.32 36.68
N HIS B 55 -3.88 -23.37 35.40
CA HIS B 55 -4.35 -24.40 34.50
C HIS B 55 -5.62 -23.94 33.79
N GLU B 56 -6.25 -24.84 33.04
CA GLU B 56 -7.47 -24.47 32.35
C GLU B 56 -8.68 -24.43 33.28
N TRP B 57 -8.58 -23.60 34.33
CA TRP B 57 -9.66 -23.47 35.29
C TRP B 57 -10.67 -22.40 34.92
N ALA B 58 -11.92 -22.65 35.28
CA ALA B 58 -13.02 -21.73 34.99
C ALA B 58 -14.12 -21.93 36.03
N LEU B 59 -14.30 -20.95 36.90
CA LEU B 59 -15.32 -21.00 37.95
C LEU B 59 -16.36 -19.91 37.73
N GLN B 60 -17.37 -19.88 38.60
CA GLN B 60 -18.42 -18.87 38.50
C GLN B 60 -19.07 -18.69 39.87
N HIS B 61 -19.73 -17.56 40.09
CA HIS B 61 -20.37 -17.27 41.37
C HIS B 61 -21.86 -17.52 41.33
N PRO B 62 -22.35 -18.47 42.15
CA PRO B 62 -23.76 -18.86 42.23
C PRO B 62 -24.81 -17.79 42.51
N LEU B 63 -24.47 -16.76 43.27
CA LEU B 63 -25.44 -15.71 43.56
C LEU B 63 -25.67 -14.84 42.33
N ASP B 64 -24.69 -14.81 41.44
CA ASP B 64 -24.84 -14.02 40.21
C ASP B 64 -26.05 -14.51 39.44
N TYR B 65 -26.44 -15.76 39.66
CA TYR B 65 -27.59 -16.35 38.98
C TYR B 65 -28.88 -15.88 39.63
N VAL B 66 -28.91 -15.88 40.95
CA VAL B 66 -30.12 -15.45 41.65
C VAL B 66 -30.21 -13.93 41.55
N GLU B 67 -29.06 -13.28 41.37
CA GLU B 67 -28.98 -11.83 41.23
C GLU B 67 -29.73 -11.49 39.95
N VAL B 68 -29.66 -12.40 38.97
CA VAL B 68 -30.35 -12.23 37.70
C VAL B 68 -31.86 -12.16 37.95
N LEU B 69 -32.42 -13.21 38.54
CA LEU B 69 -33.86 -13.27 38.83
C LEU B 69 -34.37 -12.03 39.57
N THR B 70 -33.67 -11.66 40.63
CA THR B 70 -34.06 -10.51 41.46
C THR B 70 -33.65 -9.17 40.85
N THR B 71 -33.50 -9.13 39.52
CA THR B 71 -33.15 -7.91 38.80
C THR B 71 -33.87 -7.84 37.46
N SER B 72 -33.53 -8.74 36.55
CA SER B 72 -34.14 -8.77 35.21
C SER B 72 -35.62 -9.11 35.16
N VAL B 73 -36.08 -10.01 36.04
CA VAL B 73 -37.49 -10.35 36.03
C VAL B 73 -38.32 -9.16 36.53
N PRO B 74 -37.86 -8.48 37.61
CA PRO B 74 -38.64 -7.32 38.07
C PRO B 74 -38.62 -6.25 36.97
N ALA B 75 -37.46 -6.10 36.34
CA ALA B 75 -37.28 -5.11 35.29
C ALA B 75 -38.23 -5.33 34.12
N VAL B 76 -38.25 -6.55 33.59
CA VAL B 76 -39.11 -6.88 32.47
C VAL B 76 -40.57 -6.59 32.80
N MET B 77 -40.93 -6.72 34.07
CA MET B 77 -42.31 -6.46 34.49
C MET B 77 -42.68 -4.98 34.42
N LYS B 78 -41.79 -4.12 34.89
CA LYS B 78 -42.05 -2.68 34.86
C LYS B 78 -42.08 -2.13 33.44
N GLU B 79 -41.05 -2.43 32.65
CA GLU B 79 -41.00 -1.96 31.27
C GLU B 79 -42.22 -2.42 30.47
N ASP B 86 -51.28 -12.84 36.04
CA ASP B 86 -50.51 -12.26 34.94
C ASP B 86 -49.73 -13.33 34.19
N VAL B 87 -48.54 -13.62 34.71
CA VAL B 87 -47.64 -14.61 34.14
C VAL B 87 -48.02 -15.94 34.77
N ILE B 88 -48.16 -16.98 33.95
CA ILE B 88 -48.57 -18.30 34.42
C ILE B 88 -47.43 -19.16 34.95
N GLY B 89 -46.21 -18.91 34.48
CA GLY B 89 -45.09 -19.70 34.95
C GLY B 89 -43.76 -19.14 34.52
N ILE B 90 -42.69 -19.81 34.92
CA ILE B 90 -41.35 -19.37 34.56
C ILE B 90 -40.45 -20.57 34.30
N GLY B 91 -39.41 -20.37 33.49
CA GLY B 91 -38.48 -21.42 33.15
C GLY B 91 -37.10 -20.86 32.86
N VAL B 92 -36.07 -21.69 32.87
CA VAL B 92 -34.71 -21.24 32.59
C VAL B 92 -33.97 -22.21 31.68
N ASP B 93 -33.02 -21.67 30.93
CA ASP B 93 -32.16 -22.47 30.07
C ASP B 93 -30.79 -21.96 30.48
N PHE B 94 -29.92 -22.88 30.87
CA PHE B 94 -28.59 -22.56 31.35
C PHE B 94 -27.50 -23.09 30.40
N THR B 95 -26.25 -22.76 30.71
CA THR B 95 -25.12 -23.26 29.91
C THR B 95 -24.95 -24.71 30.38
N ALA B 96 -24.54 -25.57 29.47
CA ALA B 96 -24.37 -27.02 29.68
C ALA B 96 -23.23 -27.51 30.56
N CYS B 97 -23.62 -28.09 31.67
CA CYS B 97 -22.75 -28.62 32.70
C CYS B 97 -21.85 -27.60 33.32
N THR B 98 -22.53 -26.84 34.18
CA THR B 98 -21.99 -25.80 35.01
C THR B 98 -22.57 -26.36 36.30
N MET B 99 -21.71 -27.02 37.06
CA MET B 99 -22.09 -27.67 38.31
C MET B 99 -21.48 -27.03 39.57
N LEU B 100 -22.08 -27.34 40.71
CA LEU B 100 -21.59 -26.82 41.98
C LEU B 100 -21.99 -27.80 43.08
N PRO B 101 -21.21 -27.87 44.16
CA PRO B 101 -21.56 -28.78 45.25
C PRO B 101 -22.39 -28.00 46.26
N VAL B 102 -23.40 -28.63 46.83
CA VAL B 102 -24.22 -27.96 47.82
C VAL B 102 -24.34 -28.83 49.06
N ASP B 103 -24.79 -28.23 50.17
CA ASP B 103 -24.95 -28.95 51.41
C ASP B 103 -26.36 -29.54 51.50
N GLU B 104 -26.74 -30.01 52.69
CA GLU B 104 -28.08 -30.59 52.86
C GLU B 104 -29.16 -29.53 52.73
N GLU B 105 -28.76 -28.27 52.83
CA GLU B 105 -29.70 -27.16 52.68
C GLU B 105 -29.78 -26.75 51.21
N GLY B 106 -28.93 -27.37 50.39
CA GLY B 106 -28.93 -27.06 48.97
C GLY B 106 -28.30 -25.71 48.64
N GLN B 107 -27.37 -25.27 49.48
CA GLN B 107 -26.67 -24.02 49.27
C GLN B 107 -25.22 -24.36 48.93
N PRO B 108 -24.60 -23.61 48.00
CA PRO B 108 -23.21 -23.93 47.63
C PRO B 108 -22.16 -23.80 48.72
N LEU B 109 -21.24 -24.74 48.73
CA LEU B 109 -20.15 -24.79 49.70
C LEU B 109 -19.24 -23.57 49.64
N CYS B 110 -19.15 -22.96 48.47
CA CYS B 110 -18.29 -21.79 48.31
C CYS B 110 -18.88 -20.61 49.10
N LEU B 111 -20.15 -20.76 49.50
CA LEU B 111 -20.84 -19.73 50.29
C LEU B 111 -20.54 -19.96 51.78
N LEU B 112 -19.82 -21.03 52.08
CA LEU B 112 -19.45 -21.38 53.45
C LEU B 112 -18.07 -20.84 53.78
N ALA B 113 -18.02 -19.98 54.81
CA ALA B 113 -16.79 -19.35 55.27
C ALA B 113 -15.55 -20.22 55.22
N GLN B 114 -15.64 -21.44 55.78
CA GLN B 114 -14.48 -22.31 55.79
C GLN B 114 -14.23 -23.12 54.52
N TYR B 115 -14.84 -22.70 53.41
CA TYR B 115 -14.63 -23.43 52.16
C TYR B 115 -14.42 -22.57 50.91
N LYS B 116 -14.83 -21.31 50.97
CA LYS B 116 -14.70 -20.39 49.86
C LYS B 116 -13.29 -20.28 49.29
N ASP B 117 -12.28 -20.44 50.13
CA ASP B 117 -10.90 -20.34 49.66
C ASP B 117 -10.47 -21.50 48.79
N ASN B 118 -11.08 -22.67 49.01
CA ASN B 118 -10.76 -23.81 48.19
C ASN B 118 -11.54 -23.61 46.89
N PRO B 119 -10.83 -23.55 45.74
CA PRO B 119 -11.49 -23.34 44.44
C PRO B 119 -12.40 -24.50 44.01
N HIS B 120 -12.31 -25.63 44.72
CA HIS B 120 -13.12 -26.81 44.39
C HIS B 120 -14.48 -26.84 45.06
N SER B 121 -14.88 -25.71 45.63
CA SER B 121 -16.17 -25.60 46.29
C SER B 121 -17.04 -24.65 45.51
N TRP B 122 -16.49 -24.15 44.40
CA TRP B 122 -17.20 -23.20 43.54
C TRP B 122 -17.86 -23.88 42.38
N VAL B 123 -18.63 -23.09 41.62
CA VAL B 123 -19.31 -23.58 40.45
C VAL B 123 -18.27 -23.85 39.36
N LYS B 124 -18.24 -25.07 38.85
CA LYS B 124 -17.33 -25.43 37.78
C LYS B 124 -18.11 -25.14 36.49
N LEU B 125 -17.64 -24.14 35.76
CA LEU B 125 -18.28 -23.72 34.51
C LEU B 125 -17.99 -24.73 33.40
N TRP B 126 -18.79 -24.72 32.35
CA TRP B 126 -18.59 -25.66 31.25
C TRP B 126 -17.23 -25.47 30.56
N LYS B 127 -16.66 -24.27 30.65
CA LYS B 127 -15.36 -23.97 30.03
C LYS B 127 -14.23 -24.67 30.79
N HIS B 128 -14.46 -24.98 32.06
CA HIS B 128 -13.48 -25.66 32.90
C HIS B 128 -13.02 -26.92 32.18
N HIS B 129 -11.72 -26.97 31.85
CA HIS B 129 -11.15 -28.11 31.14
C HIS B 129 -10.04 -28.77 31.94
N ALA B 130 -9.85 -28.34 33.17
CA ALA B 130 -8.78 -28.89 34.02
C ALA B 130 -9.00 -30.35 34.43
N ALA B 131 -10.13 -30.92 34.03
CA ALA B 131 -10.43 -32.32 34.39
C ALA B 131 -10.24 -33.32 33.25
N GLN B 132 -9.42 -32.96 32.27
CA GLN B 132 -9.15 -33.82 31.12
C GLN B 132 -8.76 -35.25 31.49
N ASP B 133 -7.67 -35.37 32.24
CA ASP B 133 -7.14 -36.67 32.67
C ASP B 133 -8.20 -37.55 33.33
N LYS B 134 -9.01 -36.95 34.20
CA LYS B 134 -10.06 -37.69 34.87
C LYS B 134 -11.00 -38.20 33.78
N ALA B 135 -11.19 -37.40 32.75
CA ALA B 135 -12.03 -37.80 31.64
C ALA B 135 -11.32 -38.88 30.82
N ASN B 136 -10.00 -38.74 30.67
CA ASN B 136 -9.28 -39.75 29.91
C ASN B 136 -9.43 -41.09 30.61
N ALA B 137 -9.32 -41.06 31.94
CA ALA B 137 -9.44 -42.28 32.74
C ALA B 137 -10.81 -42.90 32.56
N ILE B 138 -11.83 -42.05 32.51
CA ILE B 138 -13.19 -42.52 32.33
C ILE B 138 -13.26 -43.36 31.07
N ASN B 139 -12.88 -42.75 29.96
CA ASN B 139 -12.90 -43.43 28.67
C ASN B 139 -12.03 -44.68 28.66
N GLU B 140 -10.81 -44.58 29.20
CA GLU B 140 -9.90 -45.72 29.26
C GLU B 140 -10.58 -46.89 29.99
N MET B 141 -11.08 -46.61 31.20
CA MET B 141 -11.75 -47.62 31.99
C MET B 141 -13.00 -48.13 31.27
N ALA B 142 -13.80 -47.19 30.79
CA ALA B 142 -15.03 -47.55 30.08
C ALA B 142 -14.72 -48.46 28.89
N GLU B 143 -13.60 -48.19 28.24
CA GLU B 143 -13.19 -48.99 27.10
C GLU B 143 -12.75 -50.38 27.55
N LYS B 144 -11.84 -50.42 28.52
CA LYS B 144 -11.33 -51.69 29.02
C LYS B 144 -12.46 -52.59 29.51
N ARG B 145 -13.58 -51.98 29.89
CA ARG B 145 -14.74 -52.70 30.40
C ARG B 145 -15.81 -53.06 29.37
N GLY B 146 -15.83 -52.35 28.25
CA GLY B 146 -16.86 -52.63 27.25
C GLY B 146 -18.18 -52.01 27.70
N GLU B 147 -18.09 -50.97 28.54
CA GLU B 147 -19.27 -50.26 29.03
C GLU B 147 -20.17 -49.86 27.88
N ALA B 148 -21.42 -50.34 27.92
CA ALA B 148 -22.39 -50.04 26.86
C ALA B 148 -22.74 -48.57 26.71
N PHE B 149 -22.40 -47.73 27.68
CA PHE B 149 -22.74 -46.31 27.57
C PHE B 149 -21.77 -45.51 26.69
N LEU B 150 -20.53 -45.96 26.60
CA LEU B 150 -19.52 -45.25 25.81
C LEU B 150 -19.98 -44.91 24.38
N PRO B 151 -20.61 -45.86 23.67
CA PRO B 151 -21.06 -45.57 22.31
C PRO B 151 -22.05 -44.40 22.23
N ARG B 152 -23.05 -44.41 23.12
CA ARG B 152 -24.08 -43.37 23.18
C ARG B 152 -23.52 -41.96 23.19
N TYR B 153 -22.26 -41.82 23.60
CA TYR B 153 -21.65 -40.50 23.63
C TYR B 153 -20.53 -40.35 22.61
N GLY B 154 -20.61 -41.15 21.56
CA GLY B 154 -19.61 -41.08 20.50
C GLY B 154 -18.25 -41.65 20.84
N GLY B 155 -18.17 -42.40 21.94
CA GLY B 155 -16.92 -43.01 22.32
C GLY B 155 -16.01 -42.16 23.17
N LYS B 156 -16.43 -40.94 23.51
CA LYS B 156 -15.60 -40.06 24.32
C LYS B 156 -16.37 -39.10 25.20
N ILE B 157 -16.28 -39.31 26.52
CA ILE B 157 -16.94 -38.47 27.50
C ILE B 157 -16.04 -37.25 27.72
N SER B 158 -16.67 -36.08 27.87
CA SER B 158 -15.95 -34.80 28.00
C SER B 158 -15.47 -34.37 29.39
N SER B 159 -14.44 -33.52 29.38
CA SER B 159 -13.88 -32.99 30.62
C SER B 159 -14.84 -31.92 31.14
N GLU B 160 -15.79 -31.51 30.30
CA GLU B 160 -16.77 -30.50 30.69
C GLU B 160 -17.94 -31.10 31.45
N TRP B 161 -18.16 -32.39 31.25
CA TRP B 161 -19.29 -33.10 31.87
C TRP B 161 -19.15 -33.42 33.36
N MET B 162 -20.28 -33.76 33.98
CA MET B 162 -20.36 -34.04 35.42
C MET B 162 -19.36 -34.98 36.08
N ILE B 163 -19.21 -36.20 35.57
CA ILE B 163 -18.31 -37.17 36.18
C ILE B 163 -16.86 -36.73 36.33
N ALA B 164 -16.22 -36.36 35.23
CA ALA B 164 -14.83 -35.91 35.29
C ALA B 164 -14.69 -34.81 36.32
N LYS B 165 -15.65 -33.88 36.33
CA LYS B 165 -15.59 -32.78 37.30
C LYS B 165 -15.70 -33.27 38.74
N VAL B 166 -16.64 -34.19 39.02
CA VAL B 166 -16.76 -34.67 40.39
C VAL B 166 -15.53 -35.50 40.77
N TRP B 167 -14.93 -36.19 39.81
CA TRP B 167 -13.74 -36.98 40.11
C TRP B 167 -12.55 -36.08 40.43
N GLN B 168 -12.43 -34.95 39.73
CA GLN B 168 -11.32 -34.06 39.98
C GLN B 168 -11.42 -33.55 41.41
N ILE B 169 -12.62 -33.21 41.83
CA ILE B 169 -12.84 -32.71 43.19
C ILE B 169 -12.43 -33.76 44.23
N LEU B 170 -12.76 -35.03 43.98
CA LEU B 170 -12.41 -36.11 44.91
C LEU B 170 -10.90 -36.31 44.98
N ASP B 171 -10.30 -36.50 43.81
CA ASP B 171 -8.86 -36.74 43.70
C ASP B 171 -8.01 -35.63 44.29
N GLU B 172 -8.44 -34.39 44.10
CA GLU B 172 -7.71 -33.24 44.59
C GLU B 172 -8.17 -32.72 45.95
N ALA B 173 -9.46 -32.40 46.08
CA ALA B 173 -9.99 -31.88 47.34
C ALA B 173 -10.98 -32.83 48.03
N GLU B 174 -10.47 -33.98 48.45
CA GLU B 174 -11.28 -35.00 49.09
C GLU B 174 -12.08 -34.50 50.29
N ASP B 175 -11.73 -33.33 50.80
CA ASP B 175 -12.45 -32.76 51.93
C ASP B 175 -13.72 -32.09 51.41
N VAL B 176 -13.65 -31.56 50.20
CA VAL B 176 -14.78 -30.89 49.58
C VAL B 176 -15.79 -31.97 49.18
N TYR B 177 -15.27 -33.06 48.63
CA TYR B 177 -16.11 -34.17 48.21
C TYR B 177 -16.93 -34.68 49.41
N ASN B 178 -16.24 -34.99 50.50
CA ASN B 178 -16.91 -35.50 51.70
C ASN B 178 -17.91 -34.54 52.32
N ARG B 179 -17.60 -33.24 52.29
CA ARG B 179 -18.50 -32.23 52.86
C ARG B 179 -19.67 -32.01 51.93
N THR B 180 -19.48 -32.36 50.67
CA THR B 180 -20.53 -32.17 49.67
C THR B 180 -21.66 -33.15 49.88
N ASP B 181 -22.88 -32.62 49.96
CA ASP B 181 -24.05 -33.43 50.13
C ASP B 181 -24.55 -33.87 48.76
N GLN B 182 -24.53 -32.93 47.83
CA GLN B 182 -25.04 -33.19 46.49
C GLN B 182 -24.44 -32.25 45.44
N PHE B 183 -24.11 -32.80 44.28
CA PHE B 183 -23.58 -32.00 43.18
C PHE B 183 -24.80 -31.67 42.33
N LEU B 184 -24.85 -30.46 41.81
CA LEU B 184 -25.99 -30.08 41.01
C LEU B 184 -25.61 -29.23 39.83
N GLU B 185 -26.42 -29.37 38.78
CA GLU B 185 -26.27 -28.61 37.57
C GLU B 185 -26.90 -27.24 37.90
N ALA B 186 -26.25 -26.17 37.49
CA ALA B 186 -26.75 -24.82 37.77
C ALA B 186 -28.20 -24.64 37.36
N THR B 187 -28.56 -25.18 36.20
CA THR B 187 -29.93 -25.06 35.73
C THR B 187 -30.89 -25.72 36.72
N ASP B 188 -30.45 -26.79 37.39
CA ASP B 188 -31.29 -27.45 38.38
C ASP B 188 -31.23 -26.71 39.71
N TRP B 189 -30.07 -26.15 40.03
CA TRP B 189 -29.92 -25.43 41.29
C TRP B 189 -30.73 -24.14 41.29
N ILE B 190 -30.58 -23.33 40.25
CA ILE B 190 -31.29 -22.08 40.16
C ILE B 190 -32.81 -22.29 40.30
N VAL B 191 -33.34 -23.34 39.68
CA VAL B 191 -34.78 -23.58 39.79
C VAL B 191 -35.16 -24.00 41.21
N SER B 192 -34.21 -24.58 41.94
CA SER B 192 -34.44 -25.01 43.32
C SER B 192 -34.57 -23.79 44.23
N GLN B 193 -33.88 -22.72 43.86
CA GLN B 193 -33.92 -21.47 44.63
C GLN B 193 -35.28 -20.83 44.46
N MET B 194 -35.96 -21.15 43.37
CA MET B 194 -37.27 -20.58 43.13
C MET B 194 -38.40 -21.37 43.76
N THR B 195 -38.21 -22.67 44.00
CA THR B 195 -39.28 -23.48 44.58
C THR B 195 -38.93 -24.25 45.84
N GLY B 196 -37.66 -24.28 46.20
CA GLY B 196 -37.27 -25.00 47.40
C GLY B 196 -37.14 -26.50 47.20
N LYS B 197 -37.62 -27.00 46.06
CA LYS B 197 -37.56 -28.42 45.71
C LYS B 197 -36.40 -28.68 44.76
N ILE B 198 -35.63 -29.74 45.02
CA ILE B 198 -34.51 -30.11 44.16
C ILE B 198 -34.97 -31.21 43.19
N VAL B 199 -35.25 -30.83 41.94
CA VAL B 199 -35.66 -31.83 40.94
C VAL B 199 -34.70 -31.73 39.75
N LYS B 200 -34.12 -32.87 39.38
CA LYS B 200 -33.16 -32.92 38.29
C LYS B 200 -33.76 -33.29 36.94
N ASN B 201 -33.50 -32.45 35.94
CA ASN B 201 -34.02 -32.66 34.59
C ASN B 201 -33.27 -33.76 33.81
N SER B 202 -33.96 -34.35 32.83
CA SER B 202 -33.41 -35.42 32.01
C SER B 202 -32.35 -34.98 31.03
N CYS B 203 -32.47 -33.76 30.53
CA CYS B 203 -31.52 -33.21 29.58
C CYS B 203 -30.07 -33.22 30.11
N THR B 204 -29.78 -32.41 31.14
CA THR B 204 -28.43 -32.39 31.67
C THR B 204 -27.98 -33.72 32.25
N ALA B 205 -28.90 -34.49 32.84
CA ALA B 205 -28.52 -35.78 33.40
C ALA B 205 -28.13 -36.72 32.24
N GLY B 206 -28.85 -36.60 31.12
CA GLY B 206 -28.57 -37.44 29.96
C GLY B 206 -27.27 -37.13 29.22
N TYR B 207 -27.13 -35.88 28.76
CA TYR B 207 -25.93 -35.48 28.02
C TYR B 207 -24.67 -35.38 28.86
N LYS B 208 -24.82 -35.03 30.12
CA LYS B 208 -23.69 -34.94 31.04
C LYS B 208 -24.10 -35.94 32.12
N ALA B 209 -23.17 -36.46 32.90
CA ALA B 209 -23.54 -37.41 33.96
C ALA B 209 -23.95 -38.81 33.51
N ILE B 210 -23.67 -39.15 32.25
CA ILE B 210 -23.94 -40.48 31.69
C ILE B 210 -25.28 -41.12 32.07
N TRP B 211 -26.38 -40.36 32.06
CA TRP B 211 -27.65 -40.97 32.42
C TRP B 211 -28.42 -41.51 31.22
N HIS B 212 -29.02 -42.68 31.37
CA HIS B 212 -29.80 -43.31 30.31
C HIS B 212 -31.19 -43.56 30.91
N LYS B 213 -32.24 -43.26 30.17
CA LYS B 213 -33.58 -43.44 30.72
C LYS B 213 -33.95 -44.88 31.06
N ARG B 214 -33.81 -45.79 30.10
CA ARG B 214 -34.18 -47.19 30.32
C ARG B 214 -33.22 -47.95 31.22
N GLU B 215 -31.92 -47.77 31.01
CA GLU B 215 -30.92 -48.46 31.83
C GLU B 215 -30.45 -47.73 33.09
N GLY B 216 -30.66 -46.41 33.14
CA GLY B 216 -30.22 -45.65 34.30
C GLY B 216 -28.74 -45.30 34.22
N TYR B 217 -28.14 -44.92 35.33
CA TYR B 217 -26.73 -44.56 35.35
C TYR B 217 -25.87 -45.82 35.25
N PRO B 218 -24.57 -45.66 34.99
CA PRO B 218 -23.68 -46.82 34.89
C PRO B 218 -23.66 -47.48 36.28
N SER B 219 -23.33 -48.76 36.32
CA SER B 219 -23.31 -49.51 37.57
C SER B 219 -22.33 -49.01 38.61
N ASN B 220 -22.60 -49.38 39.87
CA ASN B 220 -21.75 -49.00 40.98
C ASN B 220 -20.35 -49.54 40.79
N GLU B 221 -20.25 -50.74 40.22
CA GLU B 221 -18.95 -51.36 39.97
C GLU B 221 -18.09 -50.50 39.05
N PHE B 222 -18.70 -49.91 38.04
CA PHE B 222 -17.95 -49.07 37.12
C PHE B 222 -17.31 -47.90 37.85
N PHE B 223 -18.11 -47.16 38.61
CA PHE B 223 -17.57 -46.01 39.34
C PHE B 223 -16.56 -46.48 40.37
N LYS B 224 -16.84 -47.62 40.99
CA LYS B 224 -15.94 -48.18 42.01
C LYS B 224 -14.63 -48.44 41.30
N ALA B 225 -14.73 -49.07 40.12
CA ALA B 225 -13.56 -49.39 39.30
C ALA B 225 -12.74 -48.15 38.98
N LEU B 226 -13.35 -46.98 39.08
CA LEU B 226 -12.64 -45.73 38.82
C LEU B 226 -11.92 -45.35 40.10
N ASP B 227 -12.63 -45.49 41.21
CA ASP B 227 -12.12 -45.17 42.54
C ASP B 227 -13.10 -45.82 43.54
N PRO B 228 -12.58 -46.52 44.57
CA PRO B 228 -13.48 -47.15 45.52
C PRO B 228 -14.42 -46.14 46.16
N ARG B 229 -13.89 -44.94 46.39
CA ARG B 229 -14.66 -43.87 47.00
C ARG B 229 -15.87 -43.42 46.17
N LEU B 230 -15.84 -43.69 44.87
CA LEU B 230 -16.93 -43.28 43.96
C LEU B 230 -18.07 -44.27 43.83
N GLU B 231 -17.91 -45.46 44.39
CA GLU B 231 -18.99 -46.43 44.33
C GLU B 231 -20.14 -45.74 45.07
N HIS B 232 -21.37 -45.96 44.62
CA HIS B 232 -22.52 -45.33 45.27
C HIS B 232 -22.68 -43.84 44.93
N LEU B 233 -21.74 -43.26 44.17
CA LEU B 233 -21.82 -41.84 43.79
C LEU B 233 -23.21 -41.53 43.26
N THR B 234 -23.71 -42.45 42.46
CA THR B 234 -25.01 -42.34 41.83
C THR B 234 -26.17 -42.27 42.82
N THR B 235 -25.99 -42.87 44.00
CA THR B 235 -27.06 -42.84 44.98
C THR B 235 -26.81 -41.96 46.21
N THR B 236 -25.77 -41.14 46.15
CA THR B 236 -25.48 -40.22 47.26
C THR B 236 -25.27 -38.80 46.74
N LYS B 237 -24.05 -38.48 46.32
CA LYS B 237 -23.76 -37.13 45.82
C LYS B 237 -24.44 -36.76 44.48
N LEU B 238 -24.92 -37.74 43.73
CA LEU B 238 -25.62 -37.45 42.47
C LEU B 238 -26.99 -38.13 42.46
N ARG B 239 -27.46 -38.51 43.65
CA ARG B 239 -28.76 -39.17 43.81
C ARG B 239 -29.91 -38.31 43.28
N GLY B 240 -31.08 -38.92 43.13
CA GLY B 240 -32.23 -38.18 42.68
C GLY B 240 -32.95 -38.70 41.45
N ASP B 241 -34.26 -38.54 41.46
CA ASP B 241 -35.09 -38.95 40.34
C ASP B 241 -34.80 -38.00 39.17
N ILE B 242 -34.90 -38.52 37.96
CA ILE B 242 -34.67 -37.74 36.77
C ILE B 242 -36.05 -37.55 36.18
N VAL B 243 -36.44 -36.30 35.95
CA VAL B 243 -37.75 -36.02 35.38
C VAL B 243 -37.61 -35.36 34.00
N PRO B 244 -38.52 -35.66 33.08
CA PRO B 244 -38.42 -35.07 31.74
C PRO B 244 -38.75 -33.58 31.65
N LEU B 245 -38.11 -32.93 30.68
CA LEU B 245 -38.30 -31.51 30.42
C LEU B 245 -39.78 -31.19 30.36
N GLY B 246 -40.14 -29.97 30.72
CA GLY B 246 -41.53 -29.56 30.67
C GLY B 246 -42.38 -29.94 31.88
N GLU B 247 -41.81 -30.73 32.77
CA GLU B 247 -42.55 -31.15 33.95
C GLU B 247 -42.42 -30.05 35.00
N ARG B 248 -43.50 -29.83 35.75
CA ARG B 248 -43.54 -28.81 36.79
C ARG B 248 -42.58 -29.16 37.93
N ALA B 249 -41.55 -28.36 38.13
CA ALA B 249 -40.59 -28.62 39.21
C ALA B 249 -41.20 -28.26 40.56
N GLY B 250 -42.11 -27.29 40.55
CA GLY B 250 -42.74 -26.87 41.78
C GLY B 250 -43.32 -25.47 41.63
N GLY B 251 -43.88 -24.96 42.72
CA GLY B 251 -44.45 -23.62 42.69
C GLY B 251 -43.42 -22.64 43.22
N LEU B 252 -43.48 -21.40 42.74
CA LEU B 252 -42.53 -20.38 43.17
C LEU B 252 -42.71 -20.11 44.66
N LEU B 253 -41.60 -20.02 45.39
CA LEU B 253 -41.65 -19.77 46.83
C LEU B 253 -42.20 -18.37 47.13
N PRO B 254 -42.86 -18.20 48.29
CA PRO B 254 -43.45 -16.92 48.71
C PRO B 254 -42.48 -15.74 48.69
N GLU B 255 -41.39 -15.84 49.45
CA GLU B 255 -40.41 -14.76 49.51
C GLU B 255 -39.52 -14.64 48.28
N MET B 256 -39.79 -15.45 47.26
CA MET B 256 -39.02 -15.39 46.01
C MET B 256 -39.83 -14.54 45.05
N ALA B 257 -41.13 -14.79 45.06
CA ALA B 257 -42.07 -14.10 44.19
C ALA B 257 -42.12 -12.59 44.44
N GLU B 258 -42.29 -12.20 45.69
CA GLU B 258 -42.36 -10.78 46.01
C GLU B 258 -41.05 -10.09 45.66
N LYS B 259 -39.93 -10.78 45.88
CA LYS B 259 -38.61 -10.25 45.58
C LYS B 259 -38.38 -10.24 44.06
N MET B 260 -39.24 -10.95 43.32
CA MET B 260 -39.14 -11.05 41.86
C MET B 260 -40.31 -10.33 41.18
N GLY B 261 -41.32 -9.98 41.95
CA GLY B 261 -42.48 -9.31 41.39
C GLY B 261 -43.45 -10.18 40.62
N LEU B 262 -43.72 -11.38 41.13
CA LEU B 262 -44.64 -12.33 40.49
C LEU B 262 -45.52 -12.98 41.53
N ASN B 263 -46.65 -13.56 41.10
CA ASN B 263 -47.56 -14.25 42.02
C ASN B 263 -46.94 -15.54 42.54
N PRO B 264 -47.09 -15.80 43.85
CA PRO B 264 -46.53 -17.03 44.42
C PRO B 264 -47.27 -18.25 43.89
N GLY B 265 -46.60 -19.41 43.93
CA GLY B 265 -47.21 -20.64 43.48
C GLY B 265 -47.22 -20.87 41.98
N ILE B 266 -46.74 -19.90 41.20
CA ILE B 266 -46.74 -20.09 39.75
C ILE B 266 -45.86 -21.27 39.36
N ALA B 267 -46.14 -21.85 38.21
CA ALA B 267 -45.42 -23.01 37.72
C ALA B 267 -43.96 -22.71 37.37
N VAL B 268 -43.05 -23.48 37.96
CA VAL B 268 -41.63 -23.34 37.70
C VAL B 268 -41.17 -24.67 37.09
N ALA B 269 -40.98 -24.66 35.77
CA ALA B 269 -40.55 -25.86 35.05
C ALA B 269 -39.14 -26.29 35.39
N VAL B 270 -38.85 -27.57 35.18
CA VAL B 270 -37.51 -28.08 35.45
C VAL B 270 -36.53 -27.40 34.50
N GLY B 271 -35.32 -27.17 34.99
CA GLY B 271 -34.31 -26.51 34.20
C GLY B 271 -33.99 -27.06 32.82
N ASN B 272 -33.64 -26.17 31.91
CA ASN B 272 -33.31 -26.52 30.53
C ASN B 272 -31.87 -26.12 30.17
N VAL B 273 -31.44 -26.53 28.98
CA VAL B 273 -30.10 -26.21 28.48
C VAL B 273 -30.27 -25.30 27.26
N ASP B 274 -29.49 -24.21 27.21
CA ASP B 274 -29.54 -23.26 26.10
C ASP B 274 -29.69 -23.81 24.68
N ALA B 275 -28.82 -24.73 24.28
CA ALA B 275 -28.88 -25.29 22.94
C ALA B 275 -30.17 -26.06 22.69
N HIS B 276 -30.37 -27.10 23.48
CA HIS B 276 -31.53 -27.97 23.42
C HIS B 276 -32.89 -27.26 23.46
N ALA B 277 -33.03 -26.31 24.38
CA ALA B 277 -34.27 -25.56 24.49
C ALA B 277 -34.59 -24.83 23.20
N ALA B 278 -33.60 -24.70 22.34
CA ALA B 278 -33.81 -24.01 21.06
C ALA B 278 -34.68 -24.79 20.10
N VAL B 279 -34.61 -26.12 20.19
CA VAL B 279 -35.37 -26.96 19.26
C VAL B 279 -36.87 -26.63 19.22
N PRO B 280 -37.58 -26.68 20.36
CA PRO B 280 -39.01 -26.35 20.30
C PRO B 280 -39.30 -24.88 19.93
N ALA B 281 -38.38 -23.99 20.28
CA ALA B 281 -38.56 -22.58 19.96
C ALA B 281 -38.58 -22.36 18.45
N VAL B 282 -37.96 -23.26 17.71
CA VAL B 282 -37.95 -23.12 16.27
C VAL B 282 -39.08 -23.93 15.62
N GLY B 283 -39.97 -24.45 16.45
CA GLY B 283 -41.09 -25.22 15.96
C GLY B 283 -40.87 -26.69 15.64
N VAL B 284 -39.71 -27.22 16.02
CA VAL B 284 -39.38 -28.62 15.77
C VAL B 284 -39.81 -29.46 16.96
N THR B 285 -40.62 -30.48 16.69
CA THR B 285 -41.10 -31.33 17.75
C THR B 285 -41.28 -32.79 17.29
N THR B 286 -40.71 -33.10 16.13
CA THR B 286 -40.78 -34.44 15.55
C THR B 286 -39.48 -34.72 14.82
N PRO B 287 -39.24 -35.99 14.42
CA PRO B 287 -38.02 -36.40 13.71
C PRO B 287 -37.89 -35.86 12.29
N GLY B 288 -36.73 -36.10 11.69
CA GLY B 288 -36.46 -35.66 10.33
C GLY B 288 -36.03 -34.21 10.17
N LYS B 289 -36.02 -33.47 11.27
CA LYS B 289 -35.64 -32.05 11.22
C LYS B 289 -34.47 -31.76 12.13
N LEU B 290 -33.34 -31.40 11.56
CA LEU B 290 -32.15 -31.11 12.34
C LEU B 290 -32.12 -29.64 12.72
N VAL B 291 -31.88 -29.35 13.99
CA VAL B 291 -31.78 -27.96 14.45
C VAL B 291 -30.33 -27.59 14.73
N MET B 292 -29.89 -26.50 14.12
CA MET B 292 -28.51 -26.05 14.31
C MET B 292 -28.46 -24.70 15.02
N ALA B 293 -27.97 -24.70 16.25
CA ALA B 293 -27.81 -23.46 17.00
C ALA B 293 -26.43 -23.02 16.54
N MET B 294 -26.41 -22.16 15.53
CA MET B 294 -25.17 -21.69 14.93
C MET B 294 -24.59 -20.41 15.51
N GLY B 295 -23.38 -20.53 16.03
CA GLY B 295 -22.70 -19.38 16.62
C GLY B 295 -21.20 -19.52 16.57
N THR B 296 -20.56 -19.39 17.74
CA THR B 296 -19.11 -19.49 17.84
C THR B 296 -18.70 -20.89 17.39
N SER B 297 -19.63 -21.82 17.59
CA SER B 297 -19.49 -23.22 17.21
C SER B 297 -20.92 -23.57 16.80
N ILE B 298 -21.19 -24.85 16.56
CA ILE B 298 -22.55 -25.25 16.20
C ILE B 298 -22.98 -26.49 16.95
N CYS B 299 -24.18 -26.46 17.50
CA CYS B 299 -24.72 -27.61 18.19
C CYS B 299 -25.80 -28.16 17.26
N HIS B 300 -25.65 -29.42 16.86
CA HIS B 300 -26.61 -30.08 15.97
C HIS B 300 -27.51 -30.97 16.80
N MET B 301 -28.81 -30.72 16.72
CA MET B 301 -29.78 -31.49 17.50
C MET B 301 -30.82 -32.17 16.61
N LEU B 302 -31.12 -33.42 16.91
CA LEU B 302 -32.04 -34.19 16.10
C LEU B 302 -32.88 -35.17 16.93
N LEU B 303 -34.12 -35.40 16.49
CA LEU B 303 -35.01 -36.32 17.19
C LEU B 303 -35.21 -37.62 16.39
N GLY B 304 -35.43 -38.71 17.10
CA GLY B 304 -35.66 -40.00 16.48
C GLY B 304 -36.37 -40.91 17.45
N GLU B 305 -37.01 -41.97 16.94
CA GLU B 305 -37.73 -42.90 17.81
C GLU B 305 -36.90 -44.08 18.28
N LYS B 306 -36.13 -44.67 17.35
CA LYS B 306 -35.31 -45.82 17.69
C LYS B 306 -33.86 -45.42 17.92
N GLU B 307 -33.38 -45.62 19.14
CA GLU B 307 -32.00 -45.29 19.48
C GLU B 307 -31.03 -45.95 18.50
N GLN B 308 -30.21 -45.14 17.83
CA GLN B 308 -29.24 -45.65 16.86
C GLN B 308 -27.83 -45.20 17.21
N GLU B 309 -26.86 -46.09 17.06
CA GLU B 309 -25.48 -45.70 17.34
C GLU B 309 -25.08 -44.83 16.15
N VAL B 310 -24.57 -43.65 16.42
CA VAL B 310 -24.14 -42.75 15.37
C VAL B 310 -22.70 -42.36 15.67
N GLU B 311 -21.82 -42.54 14.68
CA GLU B 311 -20.41 -42.23 14.87
C GLU B 311 -20.21 -40.78 15.29
N GLY B 312 -19.41 -40.60 16.32
CA GLY B 312 -19.09 -39.26 16.81
C GLY B 312 -20.14 -38.33 17.37
N MET B 313 -21.31 -38.84 17.77
CA MET B 313 -22.34 -37.97 18.33
C MET B 313 -21.97 -37.64 19.77
N CYS B 314 -22.34 -36.44 20.23
CA CYS B 314 -22.07 -36.04 21.60
C CYS B 314 -22.85 -36.92 22.54
N GLY B 315 -24.07 -37.25 22.15
CA GLY B 315 -24.87 -38.10 23.00
C GLY B 315 -26.28 -38.23 22.49
N VAL B 316 -27.00 -39.20 23.03
CA VAL B 316 -28.39 -39.45 22.68
C VAL B 316 -29.14 -39.82 23.97
N VAL B 317 -30.22 -39.13 24.28
CA VAL B 317 -30.98 -39.43 25.48
C VAL B 317 -32.48 -39.28 25.31
N GLU B 318 -33.22 -40.29 25.76
CA GLU B 318 -34.67 -40.26 25.67
C GLU B 318 -35.16 -39.09 26.55
N ASP B 319 -36.02 -38.26 25.97
CA ASP B 319 -36.57 -37.09 26.65
C ASP B 319 -35.49 -36.04 26.86
N GLY B 320 -34.37 -36.19 26.17
CA GLY B 320 -33.29 -35.23 26.32
C GLY B 320 -33.60 -33.88 25.69
N ILE B 321 -34.52 -33.88 24.73
CA ILE B 321 -34.89 -32.63 24.06
C ILE B 321 -36.40 -32.44 24.01
N ILE B 322 -37.11 -33.41 23.45
CA ILE B 322 -38.57 -33.36 23.38
C ILE B 322 -39.08 -34.68 23.98
N PRO B 323 -39.98 -34.61 24.99
CA PRO B 323 -40.49 -35.86 25.60
C PRO B 323 -41.10 -36.80 24.57
N GLY B 324 -40.83 -38.09 24.74
CA GLY B 324 -41.34 -39.11 23.83
C GLY B 324 -40.41 -39.42 22.67
N TYR B 325 -39.24 -38.79 22.64
CA TYR B 325 -38.29 -39.04 21.56
C TYR B 325 -36.89 -39.17 22.07
N LEU B 326 -36.04 -39.75 21.24
CA LEU B 326 -34.63 -39.88 21.54
C LEU B 326 -34.06 -38.57 21.00
N GLY B 327 -33.30 -37.85 21.82
CA GLY B 327 -32.71 -36.62 21.34
C GLY B 327 -31.24 -36.84 21.08
N TYR B 328 -30.78 -36.51 19.87
CA TYR B 328 -29.38 -36.69 19.51
C TYR B 328 -28.67 -35.35 19.45
N GLU B 329 -27.42 -35.33 19.88
CA GLU B 329 -26.62 -34.12 19.84
C GLU B 329 -25.25 -34.40 19.24
N ALA B 330 -24.85 -33.55 18.29
CA ALA B 330 -23.57 -33.63 17.62
C ALA B 330 -23.10 -32.18 17.59
N GLY B 331 -21.82 -31.96 17.35
CA GLY B 331 -21.34 -30.60 17.34
C GLY B 331 -20.12 -30.36 16.49
N GLN B 332 -19.87 -29.09 16.21
CA GLN B 332 -18.73 -28.67 15.41
C GLN B 332 -17.94 -27.72 16.30
N SER B 333 -16.70 -28.11 16.58
CA SER B 333 -15.80 -27.34 17.46
C SER B 333 -15.76 -25.85 17.14
N ALA B 334 -15.45 -25.51 15.91
CA ALA B 334 -15.33 -24.12 15.53
C ALA B 334 -15.89 -23.78 14.16
N VAL B 335 -16.72 -22.74 14.12
CA VAL B 335 -17.28 -22.25 12.87
C VAL B 335 -17.14 -20.73 12.93
N GLY B 336 -17.90 -20.09 13.81
CA GLY B 336 -17.82 -18.64 13.97
C GLY B 336 -16.41 -18.23 14.42
N ASP B 337 -15.78 -19.06 15.24
CA ASP B 337 -14.43 -18.77 15.72
C ASP B 337 -13.41 -18.75 14.58
N ILE B 338 -13.61 -19.58 13.56
CA ILE B 338 -12.68 -19.63 12.44
C ILE B 338 -12.75 -18.29 11.72
N PHE B 339 -13.98 -17.86 11.41
CA PHE B 339 -14.18 -16.60 10.71
C PHE B 339 -13.56 -15.46 11.52
N ALA B 340 -13.76 -15.50 12.84
CA ALA B 340 -13.21 -14.47 13.72
C ALA B 340 -11.70 -14.55 13.72
N TRP B 341 -11.17 -15.77 13.76
CA TRP B 341 -9.72 -15.93 13.76
C TRP B 341 -9.17 -15.32 12.46
N PHE B 342 -9.94 -15.44 11.38
CA PHE B 342 -9.49 -14.93 10.08
C PHE B 342 -9.42 -13.41 10.02
N VAL B 343 -10.47 -12.76 10.49
CA VAL B 343 -10.50 -11.30 10.49
C VAL B 343 -9.34 -10.73 11.30
N LYS B 344 -9.13 -11.28 12.49
CA LYS B 344 -8.07 -10.83 13.40
C LYS B 344 -6.63 -11.11 12.98
N HIS B 345 -6.38 -12.28 12.39
CA HIS B 345 -5.02 -12.66 12.03
C HIS B 345 -4.73 -12.97 10.55
N GLY B 346 -5.76 -13.10 9.74
CA GLY B 346 -5.53 -13.45 8.34
C GLY B 346 -6.01 -12.57 7.21
N VAL B 347 -6.79 -11.53 7.49
CA VAL B 347 -7.28 -10.67 6.41
C VAL B 347 -6.38 -9.45 6.21
N SER B 348 -5.84 -9.31 4.99
CA SER B 348 -4.93 -8.21 4.67
C SER B 348 -5.44 -6.82 4.98
N ALA B 349 -4.50 -5.94 5.31
CA ALA B 349 -4.80 -4.54 5.62
C ALA B 349 -5.49 -3.88 4.44
N ALA B 350 -5.22 -4.38 3.23
CA ALA B 350 -5.81 -3.84 2.03
C ALA B 350 -7.33 -3.99 2.12
N THR B 351 -7.78 -5.16 2.54
CA THR B 351 -9.21 -5.41 2.69
C THR B 351 -9.76 -4.58 3.84
N PHE B 352 -8.93 -4.40 4.88
CA PHE B 352 -9.33 -3.64 6.05
C PHE B 352 -9.64 -2.20 5.63
N ASP B 353 -8.76 -1.63 4.82
CA ASP B 353 -8.93 -0.27 4.34
C ASP B 353 -10.18 -0.09 3.52
N GLU B 354 -10.37 -0.99 2.55
CA GLU B 354 -11.53 -0.93 1.67
C GLU B 354 -12.84 -0.89 2.46
N ALA B 355 -12.96 -1.75 3.46
CA ALA B 355 -14.15 -1.79 4.30
C ALA B 355 -14.34 -0.44 4.99
N GLN B 356 -13.23 0.16 5.41
CA GLN B 356 -13.24 1.45 6.08
C GLN B 356 -13.66 2.58 5.15
N GLU B 357 -13.08 2.63 3.96
CA GLU B 357 -13.43 3.67 3.00
C GLU B 357 -14.88 3.51 2.55
N LYS B 358 -15.41 2.29 2.68
CA LYS B 358 -16.79 2.02 2.29
C LYS B 358 -17.72 2.08 3.50
N GLY B 359 -17.16 2.39 4.67
CA GLY B 359 -17.93 2.49 5.90
C GLY B 359 -18.79 1.29 6.22
N VAL B 360 -18.16 0.13 6.34
CA VAL B 360 -18.88 -1.09 6.66
C VAL B 360 -17.92 -2.11 7.28
N ASN B 361 -18.47 -3.01 8.08
CA ASN B 361 -17.67 -4.04 8.75
C ASN B 361 -16.89 -4.87 7.74
N VAL B 362 -15.66 -5.21 8.10
CA VAL B 362 -14.79 -6.01 7.25
C VAL B 362 -15.44 -7.38 6.94
N HIS B 363 -16.16 -7.91 7.92
CA HIS B 363 -16.87 -9.18 7.77
C HIS B 363 -17.88 -9.02 6.65
N ALA B 364 -18.57 -7.90 6.67
CA ALA B 364 -19.59 -7.59 5.69
C ALA B 364 -19.00 -7.46 4.29
N LEU B 365 -17.86 -6.80 4.19
CA LEU B 365 -17.20 -6.65 2.90
C LEU B 365 -16.81 -8.05 2.41
N LEU B 366 -16.19 -8.81 3.29
CA LEU B 366 -15.75 -10.16 2.97
C LEU B 366 -16.91 -11.05 2.49
N GLU B 367 -18.08 -10.90 3.09
CA GLU B 367 -19.25 -11.71 2.70
C GLU B 367 -19.66 -11.30 1.29
N GLU B 368 -19.72 -9.99 1.07
CA GLU B 368 -20.10 -9.45 -0.23
C GLU B 368 -19.15 -9.89 -1.35
N LYS B 369 -17.84 -9.71 -1.14
CA LYS B 369 -16.87 -10.12 -2.16
C LYS B 369 -16.92 -11.63 -2.40
N ALA B 370 -16.98 -12.42 -1.32
CA ALA B 370 -17.03 -13.88 -1.43
C ALA B 370 -18.32 -14.27 -2.12
N SER B 371 -19.35 -13.49 -1.83
CA SER B 371 -20.68 -13.69 -2.37
C SER B 371 -20.68 -13.74 -3.91
N GLN B 372 -19.84 -12.93 -4.55
CA GLN B 372 -19.77 -12.88 -6.01
C GLN B 372 -19.17 -14.12 -6.68
N LEU B 373 -18.44 -14.93 -5.93
CA LEU B 373 -17.80 -16.13 -6.48
C LEU B 373 -18.81 -17.26 -6.63
N ARG B 374 -18.49 -18.25 -7.47
CA ARG B 374 -19.34 -19.41 -7.65
C ARG B 374 -18.66 -20.56 -6.94
N PRO B 375 -19.42 -21.59 -6.52
CA PRO B 375 -18.76 -22.70 -5.86
C PRO B 375 -17.66 -23.24 -6.77
N GLY B 376 -16.47 -23.40 -6.20
CA GLY B 376 -15.34 -23.91 -6.96
C GLY B 376 -14.50 -22.85 -7.64
N GLU B 377 -15.00 -21.60 -7.65
CA GLU B 377 -14.25 -20.51 -8.30
C GLU B 377 -12.96 -20.12 -7.56
N SER B 378 -12.94 -20.27 -6.24
CA SER B 378 -11.75 -19.90 -5.47
C SER B 378 -10.60 -20.87 -5.77
N GLY B 379 -10.93 -22.15 -5.93
CA GLY B 379 -9.91 -23.14 -6.19
C GLY B 379 -9.28 -23.61 -4.89
N LEU B 380 -9.93 -23.21 -3.78
CA LEU B 380 -9.48 -23.55 -2.44
C LEU B 380 -10.36 -24.61 -1.74
N LEU B 381 -9.74 -25.35 -0.81
CA LEU B 381 -10.41 -26.38 -0.02
C LEU B 381 -9.77 -26.37 1.37
N ALA B 382 -10.60 -26.45 2.40
CA ALA B 382 -10.09 -26.44 3.75
C ALA B 382 -10.75 -27.46 4.66
N LEU B 383 -10.00 -27.86 5.68
CA LEU B 383 -10.47 -28.79 6.69
C LEU B 383 -10.71 -27.82 7.87
N ASP B 384 -11.95 -27.71 8.33
CA ASP B 384 -12.28 -26.76 9.40
C ASP B 384 -11.97 -27.30 10.78
N TRP B 385 -10.70 -27.62 11.02
CA TRP B 385 -10.26 -28.17 12.29
C TRP B 385 -9.35 -27.25 13.11
N TRP B 386 -9.47 -25.94 12.91
CA TRP B 386 -8.65 -24.98 13.67
C TRP B 386 -8.65 -25.33 15.14
N ASN B 387 -9.78 -25.85 15.63
CA ASN B 387 -9.85 -26.23 17.03
C ASN B 387 -10.26 -27.67 17.14
N GLY B 388 -9.63 -28.51 16.33
CA GLY B 388 -9.92 -29.92 16.35
C GLY B 388 -11.34 -30.18 15.86
N ASN B 389 -11.83 -31.37 16.11
CA ASN B 389 -13.16 -31.67 15.68
C ASN B 389 -13.88 -32.50 16.73
N ARG B 390 -15.16 -32.19 16.94
CA ARG B 390 -15.93 -32.92 17.92
C ARG B 390 -16.75 -34.01 17.27
N SER B 391 -17.61 -33.65 16.33
CA SER B 391 -18.45 -34.67 15.74
C SER B 391 -18.03 -35.51 14.53
N ILE B 392 -18.31 -36.79 14.77
CA ILE B 392 -18.08 -37.95 13.95
C ILE B 392 -16.64 -38.42 14.13
N LEU B 393 -15.70 -37.49 14.33
CA LEU B 393 -14.31 -37.90 14.53
C LEU B 393 -13.91 -37.85 16.02
N VAL B 394 -14.50 -36.93 16.77
CA VAL B 394 -14.22 -36.79 18.20
C VAL B 394 -12.72 -36.88 18.48
N ASP B 395 -11.96 -35.96 17.91
CA ASP B 395 -10.51 -35.95 18.07
C ASP B 395 -10.08 -34.51 18.31
N THR B 396 -9.65 -34.22 19.53
CA THR B 396 -9.21 -32.87 19.86
C THR B 396 -7.85 -32.58 19.23
N GLU B 397 -7.13 -33.64 18.90
CA GLU B 397 -5.79 -33.52 18.34
C GLU B 397 -5.71 -33.47 16.81
N LEU B 398 -6.39 -32.48 16.23
CA LEU B 398 -6.38 -32.29 14.79
C LEU B 398 -6.31 -30.79 14.58
N SER B 399 -5.78 -30.39 13.44
CA SER B 399 -5.65 -28.97 13.15
C SER B 399 -6.14 -28.61 11.75
N GLY B 400 -6.31 -27.33 11.50
CA GLY B 400 -6.79 -26.86 10.22
C GLY B 400 -5.83 -26.96 9.04
N MET B 401 -6.41 -26.95 7.85
CA MET B 401 -5.65 -27.03 6.61
C MET B 401 -6.28 -26.16 5.53
N LEU B 402 -5.44 -25.57 4.70
CA LEU B 402 -5.90 -24.74 3.60
C LEU B 402 -5.12 -25.22 2.36
N LEU B 403 -5.85 -25.59 1.31
CA LEU B 403 -5.25 -26.10 0.09
C LEU B 403 -5.75 -25.42 -1.21
N GLY B 404 -4.83 -25.19 -2.14
CA GLY B 404 -5.19 -24.56 -3.41
C GLY B 404 -4.63 -23.18 -3.65
N TYR B 405 -3.74 -22.74 -2.77
CA TYR B 405 -3.13 -21.41 -2.89
C TYR B 405 -2.31 -21.24 -4.16
N THR B 406 -2.45 -20.07 -4.79
CA THR B 406 -1.69 -19.71 -5.98
C THR B 406 -1.24 -18.27 -5.72
N LEU B 407 -0.38 -17.75 -6.58
CA LEU B 407 0.09 -16.38 -6.41
C LEU B 407 -1.04 -15.37 -6.55
N GLN B 408 -2.23 -15.81 -6.96
CA GLN B 408 -3.36 -14.89 -7.12
C GLN B 408 -4.52 -15.06 -6.14
N THR B 409 -4.36 -15.97 -5.18
CA THR B 409 -5.41 -16.19 -4.17
C THR B 409 -5.68 -14.88 -3.43
N LYS B 410 -6.95 -14.58 -3.21
CA LYS B 410 -7.35 -13.35 -2.53
C LYS B 410 -8.06 -13.59 -1.20
N PRO B 411 -8.04 -12.58 -0.31
CA PRO B 411 -8.68 -12.66 1.00
C PRO B 411 -10.10 -13.24 0.95
N GLU B 412 -10.94 -12.68 0.10
CA GLU B 412 -12.32 -13.15 0.01
C GLU B 412 -12.42 -14.58 -0.49
N GLU B 413 -11.37 -15.07 -1.15
CA GLU B 413 -11.40 -16.43 -1.68
C GLU B 413 -11.12 -17.44 -0.59
N ILE B 414 -10.21 -17.11 0.32
CA ILE B 414 -9.94 -18.05 1.39
C ILE B 414 -11.08 -17.96 2.40
N TYR B 415 -11.73 -16.80 2.46
CA TYR B 415 -12.87 -16.62 3.36
C TYR B 415 -14.03 -17.49 2.88
N ARG B 416 -14.15 -17.61 1.56
CA ARG B 416 -15.19 -18.41 0.96
C ARG B 416 -14.92 -19.87 1.29
N ALA B 417 -13.64 -20.25 1.20
CA ALA B 417 -13.21 -21.62 1.47
C ALA B 417 -13.52 -22.03 2.91
N LEU B 418 -13.39 -21.09 3.84
CA LEU B 418 -13.65 -21.38 5.23
C LEU B 418 -15.14 -21.57 5.46
N LEU B 419 -15.93 -20.67 4.89
CA LEU B 419 -17.38 -20.77 5.01
C LEU B 419 -17.77 -22.16 4.52
N GLU B 420 -17.25 -22.53 3.35
CA GLU B 420 -17.53 -23.82 2.73
C GLU B 420 -17.05 -24.99 3.57
N ALA B 421 -15.85 -24.86 4.15
CA ALA B 421 -15.30 -25.92 4.98
C ALA B 421 -16.23 -26.28 6.13
N THR B 422 -16.87 -25.28 6.72
CA THR B 422 -17.80 -25.53 7.83
C THR B 422 -19.11 -26.16 7.34
N ALA B 423 -19.48 -25.90 6.09
CA ALA B 423 -20.68 -26.51 5.54
C ALA B 423 -20.35 -28.00 5.28
N PHE B 424 -19.12 -28.28 4.89
CA PHE B 424 -18.74 -29.67 4.65
C PHE B 424 -18.75 -30.43 5.97
N GLY B 425 -18.22 -29.79 7.01
CA GLY B 425 -18.20 -30.41 8.32
C GLY B 425 -19.61 -30.72 8.77
N THR B 426 -20.56 -29.85 8.47
CA THR B 426 -21.93 -30.11 8.84
C THR B 426 -22.51 -31.26 8.00
N ARG B 427 -22.15 -31.32 6.73
CA ARG B 427 -22.67 -32.41 5.90
C ARG B 427 -22.23 -33.73 6.50
N ALA B 428 -20.97 -33.79 6.93
CA ALA B 428 -20.41 -35.00 7.54
C ALA B 428 -21.32 -35.41 8.68
N ILE B 429 -21.71 -34.42 9.49
CA ILE B 429 -22.59 -34.69 10.63
C ILE B 429 -23.95 -35.17 10.19
N VAL B 430 -24.63 -34.42 9.34
CA VAL B 430 -25.95 -34.81 8.87
C VAL B 430 -25.91 -36.17 8.17
N ASP B 431 -24.89 -36.40 7.35
CA ASP B 431 -24.76 -37.69 6.67
C ASP B 431 -24.54 -38.83 7.66
N ALA B 432 -23.85 -38.55 8.77
CA ALA B 432 -23.59 -39.58 9.78
C ALA B 432 -24.92 -40.01 10.39
N PHE B 433 -25.83 -39.05 10.58
CA PHE B 433 -27.14 -39.35 11.14
C PHE B 433 -27.96 -40.06 10.09
N HIS B 434 -28.15 -39.39 8.96
CA HIS B 434 -28.92 -39.94 7.87
C HIS B 434 -28.15 -41.15 7.37
N GLY B 435 -28.81 -42.06 6.68
CA GLY B 435 -28.06 -43.22 6.21
C GLY B 435 -27.57 -44.05 7.38
N ARG B 436 -28.19 -43.81 8.53
CA ARG B 436 -27.87 -44.57 9.73
C ARG B 436 -29.19 -44.72 10.46
N GLY B 437 -30.26 -44.29 9.80
CA GLY B 437 -31.58 -44.41 10.39
C GLY B 437 -32.20 -43.10 10.83
N VAL B 438 -31.44 -42.28 11.53
CA VAL B 438 -31.96 -41.01 12.02
C VAL B 438 -31.88 -40.01 10.89
N GLU B 439 -32.96 -39.96 10.12
CA GLU B 439 -33.05 -39.11 8.94
C GLU B 439 -33.12 -37.61 9.15
N VAL B 440 -32.62 -36.90 8.15
CA VAL B 440 -32.61 -35.44 8.15
C VAL B 440 -33.20 -35.00 6.81
N HIS B 441 -34.43 -34.50 6.83
CA HIS B 441 -35.06 -34.04 5.61
C HIS B 441 -35.03 -32.53 5.54
N GLU B 442 -34.92 -31.90 6.71
CA GLU B 442 -34.89 -30.43 6.80
C GLU B 442 -33.87 -29.91 7.80
N LEU B 443 -33.50 -28.64 7.65
CA LEU B 443 -32.56 -27.98 8.54
C LEU B 443 -33.17 -26.70 9.11
N TYR B 444 -32.94 -26.48 10.40
CA TYR B 444 -33.44 -25.31 11.11
C TYR B 444 -32.22 -24.66 11.78
N ALA B 445 -32.08 -23.34 11.64
CA ALA B 445 -30.94 -22.65 12.23
C ALA B 445 -31.24 -21.54 13.23
N CYS B 446 -30.44 -21.49 14.30
CA CYS B 446 -30.54 -20.48 15.37
C CYS B 446 -29.20 -19.79 15.47
N GLY B 447 -29.14 -18.81 16.37
CA GLY B 447 -27.90 -18.09 16.62
C GLY B 447 -27.72 -16.79 15.89
N GLY B 448 -26.49 -16.29 15.94
CA GLY B 448 -26.17 -15.04 15.28
C GLY B 448 -25.84 -15.19 13.80
N LEU B 449 -25.15 -16.28 13.46
CA LEU B 449 -24.77 -16.52 12.06
C LEU B 449 -25.94 -16.50 11.09
N PRO B 450 -27.07 -17.14 11.44
CA PRO B 450 -28.19 -17.11 10.51
C PRO B 450 -28.66 -15.68 10.31
N GLN B 451 -28.44 -14.84 11.31
CA GLN B 451 -28.85 -13.44 11.23
C GLN B 451 -27.76 -12.59 10.57
N LYS B 452 -26.51 -12.93 10.83
CA LYS B 452 -25.40 -12.15 10.33
C LYS B 452 -24.72 -12.58 9.02
N ASN B 453 -24.95 -13.81 8.56
CA ASN B 453 -24.28 -14.26 7.33
C ASN B 453 -25.17 -15.07 6.38
N HIS B 454 -25.85 -14.40 5.47
CA HIS B 454 -26.73 -15.12 4.54
C HIS B 454 -26.02 -16.04 3.56
N LEU B 455 -24.83 -15.62 3.10
CA LEU B 455 -24.04 -16.43 2.18
C LEU B 455 -23.77 -17.82 2.80
N LEU B 456 -23.36 -17.83 4.05
CA LEU B 456 -23.06 -19.10 4.72
C LEU B 456 -24.32 -19.99 4.77
N MET B 457 -25.49 -19.36 4.92
CA MET B 457 -26.74 -20.11 4.98
C MET B 457 -27.04 -20.80 3.65
N GLN B 458 -26.76 -20.10 2.55
CA GLN B 458 -27.01 -20.63 1.22
C GLN B 458 -26.03 -21.74 0.88
N ILE B 459 -24.78 -21.58 1.31
CA ILE B 459 -23.74 -22.58 1.06
C ILE B 459 -24.13 -23.84 1.80
N PHE B 460 -24.61 -23.68 3.02
CA PHE B 460 -25.05 -24.81 3.82
C PHE B 460 -26.16 -25.52 3.05
N ALA B 461 -27.06 -24.71 2.49
CA ALA B 461 -28.18 -25.23 1.74
C ALA B 461 -27.69 -26.04 0.54
N ASP B 462 -26.79 -25.44 -0.22
CA ASP B 462 -26.26 -26.09 -1.41
C ASP B 462 -25.41 -27.34 -1.11
N VAL B 463 -24.66 -27.30 -0.02
CA VAL B 463 -23.81 -28.43 0.33
C VAL B 463 -24.60 -29.60 0.90
N THR B 464 -25.59 -29.33 1.77
CA THR B 464 -26.37 -30.41 2.38
C THR B 464 -27.58 -30.84 1.55
N ASN B 465 -27.91 -30.04 0.54
CA ASN B 465 -29.05 -30.31 -0.32
C ASN B 465 -30.34 -30.47 0.46
N ARG B 466 -30.55 -29.58 1.42
CA ARG B 466 -31.74 -29.62 2.25
C ARG B 466 -32.21 -28.17 2.42
N GLU B 467 -33.52 -27.96 2.47
CA GLU B 467 -34.04 -26.62 2.65
C GLU B 467 -33.69 -26.19 4.07
N ILE B 468 -33.46 -24.90 4.30
CA ILE B 468 -33.12 -24.39 5.62
C ILE B 468 -33.99 -23.24 6.13
N LYS B 469 -34.75 -23.50 7.20
CA LYS B 469 -35.61 -22.50 7.81
C LYS B 469 -34.83 -21.80 8.92
N VAL B 470 -35.09 -20.51 9.12
CA VAL B 470 -34.38 -19.74 10.12
C VAL B 470 -35.24 -19.25 11.27
N ALA B 471 -34.65 -19.24 12.47
CA ALA B 471 -35.33 -18.80 13.68
C ALA B 471 -35.89 -17.39 13.48
N ALA B 472 -37.13 -17.19 13.90
CA ALA B 472 -37.77 -15.89 13.76
C ALA B 472 -37.63 -15.07 15.03
N SER B 473 -37.42 -15.74 16.16
CA SER B 473 -37.29 -15.06 17.44
C SER B 473 -35.92 -14.43 17.59
N LYS B 474 -35.79 -13.49 18.53
CA LYS B 474 -34.52 -12.83 18.78
C LYS B 474 -33.80 -13.52 19.94
N GLN B 475 -34.58 -14.16 20.81
CA GLN B 475 -34.02 -14.88 21.95
C GLN B 475 -34.58 -16.31 21.91
N THR B 476 -34.08 -17.07 20.94
CA THR B 476 -34.51 -18.45 20.74
C THR B 476 -34.43 -19.32 21.98
N PRO B 477 -33.28 -19.34 22.69
CA PRO B 477 -33.24 -20.18 23.88
C PRO B 477 -34.29 -19.79 24.92
N ALA B 478 -34.44 -18.48 25.14
CA ALA B 478 -35.39 -17.98 26.12
C ALA B 478 -36.82 -18.41 25.81
N LEU B 479 -37.16 -18.33 24.53
CA LEU B 479 -38.50 -18.74 24.09
C LEU B 479 -38.71 -20.21 24.43
N GLY B 480 -37.66 -21.00 24.25
CA GLY B 480 -37.75 -22.42 24.54
C GLY B 480 -38.07 -22.63 26.00
N ALA B 481 -37.26 -22.05 26.87
CA ALA B 481 -37.46 -22.18 28.31
C ALA B 481 -38.86 -21.72 28.67
N ALA B 482 -39.29 -20.65 28.01
CA ALA B 482 -40.61 -20.08 28.24
C ALA B 482 -41.69 -21.03 27.75
N MET B 483 -41.45 -21.67 26.61
CA MET B 483 -42.42 -22.62 26.07
C MET B 483 -42.61 -23.74 27.08
N PHE B 484 -41.52 -24.22 27.65
CA PHE B 484 -41.60 -25.30 28.62
C PHE B 484 -42.31 -24.84 29.88
N ALA B 485 -42.09 -23.57 30.25
CA ALA B 485 -42.72 -23.02 31.43
C ALA B 485 -44.22 -23.13 31.25
N SER B 486 -44.70 -22.90 30.03
CA SER B 486 -46.14 -22.97 29.76
C SER B 486 -46.62 -24.41 29.89
N VAL B 487 -45.86 -25.36 29.36
CA VAL B 487 -46.26 -26.76 29.46
C VAL B 487 -46.37 -27.18 30.93
N ALA B 488 -45.48 -26.64 31.75
CA ALA B 488 -45.46 -26.96 33.17
C ALA B 488 -46.65 -26.36 33.94
N ALA B 489 -47.43 -25.52 33.30
CA ALA B 489 -48.58 -24.91 33.96
C ALA B 489 -49.92 -25.40 33.40
N GLY B 490 -49.86 -26.40 32.52
CA GLY B 490 -51.07 -26.97 31.95
C GLY B 490 -52.01 -26.05 31.19
N SER B 491 -53.01 -26.67 30.56
CA SER B 491 -54.01 -25.96 29.78
C SER B 491 -55.17 -25.41 30.63
N GLU B 492 -55.16 -25.75 31.91
CA GLU B 492 -56.22 -25.29 32.80
C GLU B 492 -56.12 -23.83 33.17
N VAL B 493 -54.92 -23.28 33.23
CA VAL B 493 -54.73 -21.88 33.61
C VAL B 493 -53.98 -21.03 32.58
N GLY B 494 -54.08 -21.38 31.31
CA GLY B 494 -53.38 -20.60 30.30
C GLY B 494 -51.95 -21.12 30.14
N GLY B 495 -51.84 -22.22 29.39
CA GLY B 495 -50.55 -22.83 29.14
C GLY B 495 -50.87 -23.99 28.22
N TYR B 496 -49.99 -24.99 28.15
CA TYR B 496 -50.26 -26.12 27.30
C TYR B 496 -50.09 -27.45 28.02
N ASP B 497 -50.67 -28.51 27.45
CA ASP B 497 -50.59 -29.84 28.02
C ASP B 497 -49.38 -30.59 27.49
N SER B 498 -48.70 -29.98 26.53
CA SER B 498 -47.51 -30.58 25.93
C SER B 498 -46.73 -29.52 25.15
N ILE B 499 -45.47 -29.83 24.87
CA ILE B 499 -44.63 -28.90 24.13
C ILE B 499 -45.04 -28.90 22.66
N GLU B 500 -45.76 -29.94 22.25
CA GLU B 500 -46.22 -30.03 20.88
C GLU B 500 -47.26 -28.96 20.62
N GLU B 501 -48.30 -28.93 21.45
CA GLU B 501 -49.36 -27.95 21.28
C GLU B 501 -48.74 -26.55 21.36
N ALA B 502 -47.93 -26.32 22.39
CA ALA B 502 -47.29 -25.03 22.60
C ALA B 502 -46.51 -24.55 21.39
N ALA B 503 -45.81 -25.46 20.73
CA ALA B 503 -45.01 -25.11 19.56
C ALA B 503 -45.87 -24.87 18.34
N LYS B 504 -47.07 -25.44 18.32
CA LYS B 504 -47.96 -25.24 17.17
C LYS B 504 -48.29 -23.75 17.07
N LYS B 505 -48.07 -23.03 18.16
CA LYS B 505 -48.36 -21.60 18.21
C LYS B 505 -47.24 -20.67 18.68
N MET B 506 -46.25 -21.21 19.40
CA MET B 506 -45.15 -20.37 19.87
C MET B 506 -43.86 -20.53 19.05
N GLY B 507 -43.74 -21.65 18.35
CA GLY B 507 -42.57 -21.87 17.51
C GLY B 507 -42.54 -20.81 16.42
N ARG B 508 -41.48 -20.01 16.39
CA ARG B 508 -41.33 -18.95 15.40
C ARG B 508 -40.25 -19.25 14.36
N VAL B 509 -40.63 -19.22 13.08
CA VAL B 509 -39.67 -19.46 11.99
C VAL B 509 -39.91 -18.43 10.89
N LYS B 510 -38.85 -17.82 10.37
CA LYS B 510 -39.02 -16.83 9.32
C LYS B 510 -39.63 -17.42 8.05
N ASP B 511 -40.48 -16.63 7.41
CA ASP B 511 -41.14 -17.03 6.18
C ASP B 511 -40.13 -17.28 5.06
N GLU B 512 -39.05 -16.52 5.08
CA GLU B 512 -37.99 -16.63 4.08
C GLU B 512 -37.06 -17.79 4.40
N THR B 513 -36.92 -18.72 3.47
CA THR B 513 -36.05 -19.87 3.67
C THR B 513 -34.99 -20.00 2.58
N PHE B 514 -33.90 -20.69 2.91
CA PHE B 514 -32.82 -20.92 1.98
C PHE B 514 -33.04 -22.27 1.34
N LYS B 515 -33.17 -22.29 0.02
CA LYS B 515 -33.38 -23.52 -0.71
C LYS B 515 -32.14 -23.79 -1.54
N PRO B 516 -31.78 -25.07 -1.69
CA PRO B 516 -30.58 -25.40 -2.47
C PRO B 516 -30.70 -25.13 -3.96
N ILE B 517 -29.69 -24.45 -4.50
CA ILE B 517 -29.63 -24.11 -5.92
C ILE B 517 -28.98 -25.27 -6.67
N PRO B 518 -29.79 -26.08 -7.37
CA PRO B 518 -29.39 -27.26 -8.15
C PRO B 518 -27.95 -27.36 -8.69
N GLU B 519 -27.53 -26.38 -9.49
CA GLU B 519 -26.17 -26.41 -10.05
C GLU B 519 -25.09 -26.27 -8.98
N HIS B 520 -25.42 -25.55 -7.92
CA HIS B 520 -24.50 -25.37 -6.81
C HIS B 520 -24.30 -26.71 -6.10
N VAL B 521 -25.40 -27.41 -5.80
CA VAL B 521 -25.28 -28.69 -5.11
C VAL B 521 -24.40 -29.67 -5.90
N ALA B 522 -24.39 -29.53 -7.21
CA ALA B 522 -23.61 -30.41 -8.06
C ALA B 522 -22.12 -30.12 -7.91
N ILE B 523 -21.78 -28.84 -7.83
CA ILE B 523 -20.38 -28.46 -7.67
C ILE B 523 -19.93 -28.91 -6.29
N TYR B 524 -20.76 -28.65 -5.28
CA TYR B 524 -20.42 -29.03 -3.93
C TYR B 524 -20.37 -30.52 -3.72
N GLU B 525 -21.15 -31.30 -4.49
CA GLU B 525 -21.10 -32.74 -4.33
C GLU B 525 -19.69 -33.13 -4.69
N LYS B 526 -19.12 -32.39 -5.65
CA LYS B 526 -17.75 -32.60 -6.12
C LYS B 526 -16.74 -32.20 -5.05
N LEU B 527 -16.85 -30.97 -4.57
CA LEU B 527 -15.92 -30.49 -3.55
C LEU B 527 -15.97 -31.33 -2.27
N TYR B 528 -17.18 -31.70 -1.85
CA TYR B 528 -17.35 -32.51 -0.65
C TYR B 528 -16.57 -33.83 -0.69
N GLN B 529 -16.61 -34.53 -1.83
CA GLN B 529 -15.89 -35.78 -1.93
C GLN B 529 -14.39 -35.57 -1.71
N GLU B 530 -13.86 -34.43 -2.16
CA GLU B 530 -12.44 -34.09 -1.96
C GLU B 530 -12.23 -33.87 -0.47
N TYR B 531 -13.19 -33.21 0.14
CA TYR B 531 -13.17 -32.94 1.57
C TYR B 531 -13.10 -34.26 2.33
N VAL B 532 -13.98 -35.19 1.99
CA VAL B 532 -14.01 -36.47 2.67
C VAL B 532 -12.66 -37.20 2.59
N THR B 533 -12.05 -37.20 1.41
CA THR B 533 -10.77 -37.88 1.24
C THR B 533 -9.69 -37.36 2.20
N LEU B 534 -9.57 -36.04 2.30
CA LEU B 534 -8.58 -35.47 3.20
C LEU B 534 -8.97 -35.64 4.66
N HIS B 535 -10.28 -35.55 4.91
CA HIS B 535 -10.84 -35.73 6.24
C HIS B 535 -10.41 -37.09 6.78
N ASP B 536 -10.50 -38.11 5.92
CA ASP B 536 -10.12 -39.46 6.30
C ASP B 536 -8.60 -39.64 6.32
N TYR B 537 -7.92 -39.04 5.35
CA TYR B 537 -6.47 -39.13 5.29
C TYR B 537 -5.78 -38.57 6.55
N PHE B 538 -6.19 -37.36 6.94
CA PHE B 538 -5.60 -36.69 8.10
C PHE B 538 -6.18 -37.09 9.44
N GLY B 539 -7.40 -37.64 9.45
CA GLY B 539 -8.01 -37.98 10.72
C GLY B 539 -8.38 -39.42 11.00
N ARG B 540 -8.22 -40.31 10.02
CA ARG B 540 -8.59 -41.70 10.26
C ARG B 540 -7.45 -42.71 10.28
N GLY B 541 -6.20 -42.27 10.28
CA GLY B 541 -5.12 -43.23 10.35
C GLY B 541 -3.99 -43.21 9.33
N ALA B 542 -4.30 -42.89 8.07
CA ALA B 542 -3.27 -42.90 7.02
C ALA B 542 -2.04 -42.03 7.34
N ASN B 543 -2.28 -40.80 7.76
CA ASN B 543 -1.19 -39.89 8.11
C ASN B 543 -1.55 -39.03 9.32
N ASP B 544 -0.89 -39.30 10.43
CA ASP B 544 -1.14 -38.57 11.65
C ASP B 544 -0.19 -37.39 11.84
N VAL B 545 0.25 -36.79 10.73
CA VAL B 545 1.14 -35.65 10.80
C VAL B 545 0.62 -34.52 11.72
N MET B 546 -0.69 -34.33 11.78
CA MET B 546 -1.24 -33.28 12.64
C MET B 546 -0.78 -33.50 14.08
N LYS B 547 -0.93 -34.72 14.58
CA LYS B 547 -0.51 -35.05 15.93
C LYS B 547 1.01 -34.87 16.13
N ARG B 548 1.81 -35.38 15.20
CA ARG B 548 3.26 -35.26 15.30
C ARG B 548 3.71 -33.80 15.21
N LEU B 549 2.99 -33.01 14.42
CA LEU B 549 3.28 -31.59 14.26
C LEU B 549 2.94 -30.92 15.58
N LYS B 550 1.83 -31.34 16.20
CA LYS B 550 1.43 -30.78 17.48
C LYS B 550 2.53 -31.05 18.51
N ALA B 551 3.08 -32.26 18.49
CA ALA B 551 4.12 -32.65 19.43
C ALA B 551 5.36 -31.75 19.41
N LEU B 552 5.84 -31.40 18.22
CA LEU B 552 7.01 -30.55 18.10
C LEU B 552 6.73 -29.10 18.47
N LYS B 553 5.55 -28.82 18.98
CA LYS B 553 5.15 -27.47 19.35
C LYS B 553 5.71 -27.09 20.72
N LYS C 5 9.74 12.91 -58.78
CA LYS C 5 10.61 13.97 -58.20
C LYS C 5 10.83 13.81 -56.69
N TYR C 6 12.04 14.16 -56.23
CA TYR C 6 12.39 14.04 -54.81
C TYR C 6 13.48 14.99 -54.37
N THR C 7 13.56 15.20 -53.06
CA THR C 7 14.61 16.01 -52.42
C THR C 7 14.90 15.28 -51.12
N ILE C 8 16.08 15.51 -50.58
CA ILE C 8 16.46 14.89 -49.32
C ILE C 8 16.58 15.95 -48.23
N GLY C 9 16.06 15.62 -47.05
CA GLY C 9 16.13 16.54 -45.93
C GLY C 9 16.96 15.87 -44.85
N VAL C 10 18.02 16.54 -44.40
CA VAL C 10 18.86 15.98 -43.35
C VAL C 10 18.67 16.73 -42.05
N ASP C 11 18.02 16.07 -41.10
CA ASP C 11 17.74 16.63 -39.78
C ASP C 11 18.84 16.34 -38.76
N TYR C 12 19.67 17.35 -38.51
CA TYR C 12 20.76 17.23 -37.56
C TYR C 12 20.29 17.55 -36.15
N GLY C 13 20.21 16.52 -35.31
CA GLY C 13 19.79 16.69 -33.93
C GLY C 13 20.99 16.86 -33.01
N THR C 14 20.76 16.82 -31.71
CA THR C 14 21.84 16.97 -30.73
C THR C 14 22.72 15.72 -30.63
N GLU C 15 22.07 14.55 -30.70
CA GLU C 15 22.75 13.27 -30.58
C GLU C 15 23.01 12.54 -31.90
N SER C 16 22.18 12.82 -32.91
CA SER C 16 22.33 12.16 -34.20
C SER C 16 21.73 12.90 -35.39
N GLY C 17 22.25 12.61 -36.59
CA GLY C 17 21.76 13.22 -37.80
C GLY C 17 20.89 12.23 -38.57
N ARG C 18 19.93 12.73 -39.35
CA ARG C 18 19.04 11.85 -40.10
C ARG C 18 18.62 12.37 -41.47
N ALA C 19 18.82 11.54 -42.49
CA ALA C 19 18.43 11.88 -43.85
C ALA C 19 17.09 11.23 -44.15
N VAL C 20 16.22 11.94 -44.86
CA VAL C 20 14.90 11.42 -45.21
C VAL C 20 14.61 11.81 -46.65
N LEU C 21 14.20 10.85 -47.46
CA LEU C 21 13.88 11.11 -48.86
C LEU C 21 12.43 11.53 -48.91
N ILE C 22 12.14 12.67 -49.53
CA ILE C 22 10.78 13.18 -49.59
C ILE C 22 10.14 13.27 -50.98
N ASP C 23 8.97 12.65 -51.12
CA ASP C 23 8.21 12.65 -52.36
C ASP C 23 7.70 14.07 -52.55
N LEU C 24 8.27 14.79 -53.51
CA LEU C 24 7.89 16.18 -53.76
C LEU C 24 6.44 16.43 -54.15
N SER C 25 5.70 15.37 -54.47
CA SER C 25 4.32 15.54 -54.86
C SER C 25 3.36 15.62 -53.68
N ASN C 26 3.69 14.96 -52.57
CA ASN C 26 2.81 14.96 -51.40
C ASN C 26 3.52 15.16 -50.05
N GLY C 27 4.78 15.56 -50.10
CA GLY C 27 5.55 15.81 -48.90
C GLY C 27 5.76 14.59 -48.03
N GLN C 28 5.49 13.41 -48.58
CA GLN C 28 5.64 12.20 -47.80
C GLN C 28 7.08 11.69 -47.76
N GLU C 29 7.39 10.96 -46.71
CA GLU C 29 8.72 10.41 -46.51
C GLU C 29 8.68 8.92 -46.84
N LEU C 30 9.43 8.50 -47.86
CA LEU C 30 9.43 7.09 -48.24
C LEU C 30 10.61 6.32 -47.66
N ALA C 31 11.61 7.05 -47.16
CA ALA C 31 12.79 6.41 -46.59
C ALA C 31 13.54 7.37 -45.67
N ASP C 32 13.95 6.86 -44.52
CA ASP C 32 14.71 7.67 -43.57
C ASP C 32 15.86 6.83 -43.03
N HIS C 33 16.93 7.50 -42.63
CA HIS C 33 18.09 6.81 -42.05
C HIS C 33 18.92 7.75 -41.16
N VAL C 34 19.25 7.26 -39.96
CA VAL C 34 20.01 8.02 -38.98
C VAL C 34 21.38 7.44 -38.63
N THR C 35 22.39 8.31 -38.61
CA THR C 35 23.71 7.87 -38.23
C THR C 35 24.01 8.54 -36.90
N PRO C 36 24.36 7.76 -35.87
CA PRO C 36 24.66 8.37 -34.57
C PRO C 36 25.94 9.19 -34.71
N TYR C 37 26.03 10.31 -34.00
CA TYR C 37 27.25 11.09 -34.07
C TYR C 37 28.31 10.23 -33.39
N ARG C 38 29.39 9.96 -34.11
CA ARG C 38 30.48 9.13 -33.61
C ARG C 38 30.86 9.48 -32.19
N HIS C 39 31.11 10.77 -31.97
CA HIS C 39 31.54 11.30 -30.67
C HIS C 39 30.45 11.88 -29.79
N GLY C 40 29.18 11.70 -30.18
CA GLY C 40 28.08 12.22 -29.39
C GLY C 40 28.23 13.64 -28.90
N VAL C 41 27.88 13.85 -27.63
CA VAL C 41 27.96 15.16 -26.98
C VAL C 41 29.25 15.27 -26.14
N ILE C 42 30.26 15.95 -26.68
CA ILE C 42 31.54 16.13 -25.99
C ILE C 42 31.40 17.12 -24.82
N ASP C 43 31.04 16.61 -23.65
CA ASP C 43 30.87 17.46 -22.48
C ASP C 43 31.70 17.04 -21.27
N GLN C 44 32.52 16.01 -21.44
CA GLN C 44 33.35 15.52 -20.33
C GLN C 44 34.83 15.86 -20.55
N TYR C 45 35.44 15.21 -21.53
CA TYR C 45 36.85 15.44 -21.86
C TYR C 45 36.89 15.54 -23.38
N LEU C 46 37.95 16.12 -23.94
CA LEU C 46 38.03 16.15 -25.39
C LEU C 46 38.23 14.68 -25.72
N PRO C 47 37.48 14.15 -26.70
CA PRO C 47 37.61 12.75 -27.09
C PRO C 47 39.04 12.22 -27.37
N ASN C 48 39.28 10.97 -26.95
CA ASN C 48 40.57 10.35 -27.14
C ASN C 48 41.50 10.70 -25.99
N THR C 49 41.73 11.99 -25.80
CA THR C 49 42.61 12.50 -24.75
C THR C 49 41.97 12.47 -23.36
N ASN C 50 42.63 13.14 -22.42
CA ASN C 50 42.14 13.22 -21.05
C ASN C 50 42.01 14.67 -20.62
N ILE C 51 41.97 15.57 -21.61
CA ILE C 51 41.83 17.00 -21.36
C ILE C 51 40.44 17.23 -20.77
N LYS C 52 40.38 17.45 -19.45
CA LYS C 52 39.10 17.68 -18.80
C LYS C 52 38.42 18.88 -19.45
N LEU C 53 37.11 18.96 -19.30
CA LEU C 53 36.36 20.05 -19.89
C LEU C 53 35.70 20.87 -18.77
N GLY C 54 35.59 22.17 -18.99
CA GLY C 54 35.00 23.05 -18.00
C GLY C 54 33.53 22.79 -17.72
N HIS C 55 32.99 23.55 -16.77
CA HIS C 55 31.60 23.42 -16.38
C HIS C 55 30.72 24.15 -17.40
N GLU C 56 29.60 23.53 -17.74
CA GLU C 56 28.64 24.06 -18.73
C GLU C 56 29.09 23.78 -20.15
N TRP C 57 30.33 23.33 -20.33
CA TRP C 57 30.84 23.05 -21.67
C TRP C 57 30.12 21.90 -22.39
N ALA C 58 29.97 22.06 -23.70
CA ALA C 58 29.33 21.06 -24.54
C ALA C 58 29.84 21.31 -25.95
N LEU C 59 30.70 20.40 -26.41
CA LEU C 59 31.31 20.50 -27.73
C LEU C 59 30.77 19.38 -28.63
N GLN C 60 31.24 19.36 -29.87
CA GLN C 60 30.83 18.32 -30.81
C GLN C 60 31.90 18.20 -31.88
N HIS C 61 32.00 17.02 -32.49
CA HIS C 61 32.99 16.77 -33.53
C HIS C 61 32.37 16.99 -34.89
N PRO C 62 32.77 18.07 -35.58
CA PRO C 62 32.28 18.45 -36.91
C PRO C 62 32.34 17.38 -37.98
N LEU C 63 33.32 16.48 -37.86
CA LEU C 63 33.44 15.42 -38.86
C LEU C 63 32.31 14.43 -38.74
N ASP C 64 31.64 14.42 -37.60
CA ASP C 64 30.50 13.53 -37.42
C ASP C 64 29.34 13.99 -38.30
N TYR C 65 29.32 15.28 -38.61
CA TYR C 65 28.28 15.89 -39.44
C TYR C 65 28.34 15.40 -40.88
N VAL C 66 29.55 15.20 -41.39
CA VAL C 66 29.69 14.73 -42.76
C VAL C 66 29.54 13.21 -42.83
N GLU C 67 29.72 12.53 -41.71
CA GLU C 67 29.55 11.08 -41.70
C GLU C 67 28.08 10.78 -42.01
N VAL C 68 27.21 11.71 -41.60
CA VAL C 68 25.78 11.56 -41.83
C VAL C 68 25.54 11.68 -43.33
N LEU C 69 26.24 12.60 -43.97
CA LEU C 69 26.11 12.80 -45.41
C LEU C 69 26.61 11.59 -46.20
N THR C 70 27.72 11.00 -45.76
CA THR C 70 28.30 9.86 -46.44
C THR C 70 27.71 8.51 -46.04
N THR C 71 27.07 8.43 -44.88
CA THR C 71 26.50 7.17 -44.43
C THR C 71 24.97 7.10 -44.51
N SER C 72 24.31 8.22 -44.25
CA SER C 72 22.85 8.25 -44.27
C SER C 72 22.22 8.45 -45.65
N VAL C 73 22.76 9.36 -46.44
CA VAL C 73 22.18 9.58 -47.75
C VAL C 73 22.26 8.30 -48.59
N PRO C 74 23.46 7.69 -48.70
CA PRO C 74 23.58 6.47 -49.50
C PRO C 74 22.56 5.42 -49.07
N ALA C 75 22.44 5.22 -47.76
CA ALA C 75 21.51 4.25 -47.21
C ALA C 75 20.05 4.51 -47.62
N VAL C 76 19.70 5.79 -47.72
CA VAL C 76 18.34 6.16 -48.09
C VAL C 76 18.02 5.80 -49.54
N MET C 77 18.97 6.04 -50.43
CA MET C 77 18.76 5.71 -51.83
C MET C 77 18.58 4.19 -51.96
N LYS C 78 19.60 3.45 -51.54
CA LYS C 78 19.57 2.00 -51.59
C LYS C 78 18.29 1.37 -51.04
N GLU C 79 17.80 1.84 -49.89
CA GLU C 79 16.58 1.30 -49.32
C GLU C 79 15.38 1.50 -50.25
N ASP C 85 18.91 11.16 -60.22
CA ASP C 85 18.21 11.74 -61.37
C ASP C 85 16.87 12.32 -60.94
N ASP C 86 16.17 11.59 -60.08
CA ASP C 86 14.88 12.03 -59.57
C ASP C 86 15.00 12.93 -58.34
N VAL C 87 16.19 12.94 -57.73
CA VAL C 87 16.45 13.75 -56.55
C VAL C 87 16.99 15.11 -56.99
N ILE C 88 16.14 16.13 -56.97
CA ILE C 88 16.52 17.47 -57.41
C ILE C 88 17.47 18.27 -56.53
N GLY C 89 17.34 18.14 -55.22
CA GLY C 89 18.22 18.88 -54.35
C GLY C 89 18.27 18.36 -52.93
N ILE C 90 19.00 19.07 -52.08
CA ILE C 90 19.12 18.65 -50.70
C ILE C 90 19.18 19.85 -49.74
N GLY C 91 18.64 19.65 -48.54
CA GLY C 91 18.63 20.71 -47.55
C GLY C 91 18.78 20.14 -46.16
N VAL C 92 19.28 20.96 -45.24
CA VAL C 92 19.50 20.52 -43.88
C VAL C 92 18.87 21.47 -42.87
N ASP C 93 18.58 20.93 -41.69
CA ASP C 93 18.04 21.71 -40.58
C ASP C 93 19.01 21.33 -39.46
N PHE C 94 19.35 22.30 -38.61
CA PHE C 94 20.31 22.05 -37.53
C PHE C 94 19.87 22.63 -36.18
N THR C 95 20.63 22.32 -35.13
CA THR C 95 20.36 22.80 -33.76
C THR C 95 20.70 24.30 -33.62
N ALA C 96 19.99 24.97 -32.71
CA ALA C 96 20.12 26.42 -32.46
C ALA C 96 21.44 26.98 -31.96
N CYS C 97 22.17 27.59 -32.88
CA CYS C 97 23.50 28.13 -32.62
C CYS C 97 24.44 27.10 -32.03
N THR C 98 25.06 26.42 -32.98
CA THR C 98 26.04 25.39 -32.79
C THR C 98 27.07 25.98 -33.75
N MET C 99 28.06 26.67 -33.19
CA MET C 99 29.06 27.36 -33.98
C MET C 99 30.45 26.73 -33.99
N LEU C 100 31.32 27.24 -34.85
CA LEU C 100 32.67 26.71 -34.94
C LEU C 100 33.61 27.64 -35.70
N PRO C 101 34.86 27.78 -35.22
CA PRO C 101 35.84 28.63 -35.88
C PRO C 101 36.40 27.87 -37.07
N VAL C 102 36.63 28.56 -38.19
CA VAL C 102 37.17 27.90 -39.37
C VAL C 102 38.28 28.74 -39.97
N ASP C 103 39.19 28.09 -40.70
CA ASP C 103 40.31 28.79 -41.34
C ASP C 103 39.84 29.41 -42.65
N GLU C 104 40.75 30.03 -43.39
CA GLU C 104 40.37 30.64 -44.67
C GLU C 104 40.09 29.59 -45.75
N GLU C 105 40.21 28.32 -45.37
CA GLU C 105 39.95 27.20 -46.27
C GLU C 105 38.59 26.59 -45.89
N GLY C 106 37.88 27.29 -45.01
CA GLY C 106 36.57 26.83 -44.59
C GLY C 106 36.56 25.64 -43.66
N GLN C 107 37.72 25.09 -43.37
CA GLN C 107 37.79 23.92 -42.49
C GLN C 107 37.85 24.34 -41.03
N PRO C 108 37.23 23.53 -40.14
CA PRO C 108 37.22 23.82 -38.70
C PRO C 108 38.62 23.69 -38.10
N LEU C 109 39.00 24.66 -37.27
CA LEU C 109 40.33 24.67 -36.66
C LEU C 109 40.67 23.41 -35.88
N CYS C 110 39.68 22.80 -35.24
CA CYS C 110 39.91 21.60 -34.44
C CYS C 110 40.40 20.40 -35.24
N LEU C 111 40.74 20.62 -36.51
CA LEU C 111 41.25 19.56 -37.38
C LEU C 111 42.75 19.80 -37.60
N LEU C 112 43.22 20.94 -37.09
CA LEU C 112 44.62 21.30 -37.19
C LEU C 112 45.34 20.72 -35.99
N ALA C 113 46.43 20.01 -36.24
CA ALA C 113 47.20 19.41 -35.17
C ALA C 113 47.55 20.46 -34.11
N GLN C 114 47.87 21.67 -34.57
CA GLN C 114 48.24 22.78 -33.70
C GLN C 114 47.13 23.21 -32.74
N TYR C 115 45.88 22.98 -33.11
CA TYR C 115 44.75 23.39 -32.27
C TYR C 115 43.86 22.25 -31.78
N LYS C 116 44.20 21.02 -32.17
CA LYS C 116 43.45 19.83 -31.79
C LYS C 116 43.08 19.71 -30.32
N ASP C 117 44.03 20.00 -29.43
CA ASP C 117 43.78 19.88 -27.99
C ASP C 117 43.29 21.15 -27.27
N ASN C 118 42.90 22.17 -28.04
CA ASN C 118 42.39 23.42 -27.46
C ASN C 118 40.86 23.39 -27.54
N PRO C 119 40.19 23.22 -26.39
CA PRO C 119 38.72 23.16 -26.36
C PRO C 119 37.94 24.28 -27.03
N HIS C 120 38.60 25.39 -27.40
CA HIS C 120 37.90 26.49 -28.07
C HIS C 120 38.01 26.42 -29.58
N SER C 121 38.59 25.35 -30.08
CA SER C 121 38.72 25.18 -31.52
C SER C 121 37.60 24.27 -32.01
N TRP C 122 36.86 23.73 -31.05
CA TRP C 122 35.77 22.81 -31.36
C TRP C 122 34.40 23.49 -31.51
N VAL C 123 33.49 22.76 -32.14
CA VAL C 123 32.13 23.25 -32.32
C VAL C 123 31.50 23.47 -30.95
N LYS C 124 30.83 24.61 -30.81
CA LYS C 124 30.15 24.97 -29.56
C LYS C 124 28.66 24.64 -29.66
N LEU C 125 28.30 23.43 -29.23
CA LEU C 125 26.92 22.96 -29.29
C LEU C 125 25.97 23.99 -28.69
N TRP C 126 24.69 23.92 -29.06
CA TRP C 126 23.72 24.86 -28.54
C TRP C 126 23.56 24.77 -27.02
N LYS C 127 23.87 23.61 -26.44
CA LYS C 127 23.76 23.40 -24.98
C LYS C 127 24.85 24.12 -24.19
N HIS C 128 25.97 24.43 -24.86
CA HIS C 128 27.11 25.12 -24.23
C HIS C 128 26.63 26.39 -23.54
N HIS C 129 26.78 26.46 -22.22
CA HIS C 129 26.33 27.63 -21.46
C HIS C 129 27.44 28.34 -20.70
N ALA C 130 28.67 27.91 -20.89
CA ALA C 130 29.81 28.51 -20.18
C ALA C 130 30.12 29.95 -20.61
N ALA C 131 29.23 30.55 -21.40
CA ALA C 131 29.46 31.92 -21.84
C ALA C 131 28.41 32.86 -21.25
N GLN C 132 27.62 32.36 -20.31
CA GLN C 132 26.60 33.18 -19.67
C GLN C 132 27.14 34.52 -19.19
N ASP C 133 28.34 34.49 -18.61
CA ASP C 133 28.95 35.71 -18.11
C ASP C 133 29.06 36.74 -19.23
N LYS C 134 29.46 36.28 -20.41
CA LYS C 134 29.61 37.17 -21.56
C LYS C 134 28.24 37.63 -22.05
N ALA C 135 27.23 36.78 -21.89
CA ALA C 135 25.88 37.14 -22.31
C ALA C 135 25.37 38.25 -21.40
N ASN C 136 25.65 38.13 -20.11
CA ASN C 136 25.22 39.13 -19.14
C ASN C 136 25.82 40.47 -19.55
N ALA C 137 27.11 40.45 -19.85
CA ALA C 137 27.82 41.66 -20.26
C ALA C 137 27.18 42.31 -21.48
N ILE C 138 26.77 41.48 -22.44
CA ILE C 138 26.15 41.98 -23.66
C ILE C 138 24.86 42.73 -23.33
N ASN C 139 24.03 42.12 -22.50
CA ASN C 139 22.76 42.70 -22.11
C ASN C 139 22.90 44.00 -21.32
N GLU C 140 23.86 44.03 -20.39
CA GLU C 140 24.11 45.20 -19.58
C GLU C 140 24.43 46.38 -20.50
N MET C 141 25.44 46.20 -21.34
CA MET C 141 25.87 47.23 -22.27
C MET C 141 24.74 47.60 -23.21
N ALA C 142 23.97 46.60 -23.64
CA ALA C 142 22.85 46.88 -24.53
C ALA C 142 21.87 47.80 -23.81
N GLU C 143 21.52 47.48 -22.57
CA GLU C 143 20.58 48.31 -21.83
C GLU C 143 21.14 49.72 -21.68
N LYS C 144 22.38 49.81 -21.22
CA LYS C 144 23.06 51.11 -21.01
C LYS C 144 22.97 52.05 -22.20
N ARG C 145 23.38 51.56 -23.37
CA ARG C 145 23.35 52.37 -24.58
C ARG C 145 21.94 52.50 -25.14
N GLY C 146 20.99 51.76 -24.56
CA GLY C 146 19.63 51.81 -25.07
C GLY C 146 19.62 51.36 -26.53
N GLU C 147 20.43 50.35 -26.82
CA GLU C 147 20.56 49.81 -28.16
C GLU C 147 19.21 49.26 -28.62
N ALA C 148 18.87 49.52 -29.87
CA ALA C 148 17.61 49.09 -30.45
C ALA C 148 17.39 47.58 -30.58
N PHE C 149 18.45 46.81 -30.73
CA PHE C 149 18.24 45.37 -30.88
C PHE C 149 17.68 44.69 -29.62
N LEU C 150 18.08 45.19 -28.45
CA LEU C 150 17.65 44.64 -27.17
C LEU C 150 16.19 44.17 -27.11
N PRO C 151 15.22 45.07 -27.34
CA PRO C 151 13.82 44.61 -27.28
C PRO C 151 13.46 43.57 -28.35
N ARG C 152 14.17 43.61 -29.49
CA ARG C 152 13.91 42.66 -30.56
C ARG C 152 14.12 41.22 -30.09
N TYR C 153 14.88 41.05 -29.00
CA TYR C 153 15.12 39.71 -28.49
C TYR C 153 14.55 39.54 -27.08
N GLY C 154 13.50 40.29 -26.80
CA GLY C 154 12.86 40.20 -25.49
C GLY C 154 13.71 40.72 -24.36
N GLY C 155 14.72 41.52 -24.70
CA GLY C 155 15.58 42.08 -23.68
C GLY C 155 16.65 41.14 -23.13
N LYS C 156 16.95 40.06 -23.84
CA LYS C 156 17.98 39.15 -23.35
C LYS C 156 18.64 38.29 -24.43
N ILE C 157 19.91 38.58 -24.70
CA ILE C 157 20.66 37.80 -25.66
C ILE C 157 21.08 36.59 -24.85
N SER C 158 20.86 35.40 -25.39
CA SER C 158 21.18 34.17 -24.69
C SER C 158 22.65 33.76 -24.68
N SER C 159 23.00 32.89 -23.73
CA SER C 159 24.38 32.38 -23.60
C SER C 159 24.67 31.38 -24.72
N GLU C 160 23.63 30.76 -25.24
CA GLU C 160 23.76 29.78 -26.32
C GLU C 160 24.11 30.44 -27.65
N TRP C 161 23.82 31.72 -27.78
CA TRP C 161 24.02 32.43 -29.05
C TRP C 161 25.44 32.81 -29.44
N MET C 162 25.57 33.20 -30.71
CA MET C 162 26.84 33.55 -31.35
C MET C 162 27.81 34.50 -30.67
N ILE C 163 27.35 35.70 -30.35
CA ILE C 163 28.24 36.69 -29.78
C ILE C 163 28.82 36.40 -28.38
N ALA C 164 28.02 35.81 -27.50
CA ALA C 164 28.54 35.49 -26.19
C ALA C 164 29.64 34.47 -26.41
N LYS C 165 29.38 33.54 -27.33
CA LYS C 165 30.33 32.48 -27.62
C LYS C 165 31.60 32.98 -28.25
N VAL C 166 31.51 33.91 -29.19
CA VAL C 166 32.73 34.43 -29.83
C VAL C 166 33.54 35.24 -28.82
N TRP C 167 32.87 36.04 -28.00
CA TRP C 167 33.56 36.86 -27.00
C TRP C 167 34.29 35.95 -26.02
N GLN C 168 33.63 34.89 -25.58
CA GLN C 168 34.24 33.95 -24.64
C GLN C 168 35.56 33.43 -25.20
N ILE C 169 35.59 33.22 -26.51
CA ILE C 169 36.78 32.71 -27.20
C ILE C 169 37.89 33.77 -27.25
N LEU C 170 37.52 34.99 -27.61
CA LEU C 170 38.49 36.07 -27.68
C LEU C 170 39.12 36.26 -26.32
N ASP C 171 38.29 36.11 -25.29
CA ASP C 171 38.69 36.28 -23.92
C ASP C 171 39.58 35.14 -23.38
N GLU C 172 39.06 33.92 -23.35
CA GLU C 172 39.80 32.77 -22.82
C GLU C 172 40.89 32.17 -23.71
N ALA C 173 40.70 32.26 -25.02
CA ALA C 173 41.69 31.72 -25.96
C ALA C 173 41.85 32.70 -27.13
N GLU C 174 42.39 33.88 -26.82
CA GLU C 174 42.57 34.91 -27.83
C GLU C 174 43.34 34.44 -29.05
N ASP C 175 44.34 33.59 -28.84
CA ASP C 175 45.13 33.09 -29.96
C ASP C 175 44.22 32.38 -30.95
N VAL C 176 43.17 31.76 -30.45
CA VAL C 176 42.21 31.05 -31.29
C VAL C 176 41.38 32.08 -32.06
N TYR C 177 40.96 33.13 -31.35
CA TYR C 177 40.17 34.19 -31.96
C TYR C 177 40.91 34.78 -33.17
N ASN C 178 42.20 35.03 -33.00
CA ASN C 178 42.98 35.62 -34.08
C ASN C 178 43.28 34.71 -35.28
N ARG C 179 43.28 33.39 -35.08
CA ARG C 179 43.54 32.49 -36.21
C ARG C 179 42.28 32.21 -37.03
N THR C 180 41.13 32.29 -36.36
CA THR C 180 39.84 32.05 -37.00
C THR C 180 39.63 33.06 -38.13
N ASP C 181 39.34 32.56 -39.34
CA ASP C 181 39.08 33.45 -40.48
C ASP C 181 37.65 33.94 -40.25
N GLN C 182 36.82 33.05 -39.71
CA GLN C 182 35.45 33.38 -39.41
C GLN C 182 34.76 32.23 -38.69
N PHE C 183 33.73 32.61 -37.94
CA PHE C 183 32.94 31.66 -37.18
C PHE C 183 31.72 31.37 -38.04
N LEU C 184 31.29 30.12 -38.04
CA LEU C 184 30.14 29.75 -38.84
C LEU C 184 29.17 28.88 -38.07
N GLU C 185 27.91 28.96 -38.48
CA GLU C 185 26.87 28.15 -37.88
C GLU C 185 27.09 26.77 -38.49
N ALA C 186 26.86 25.72 -37.72
CA ALA C 186 27.04 24.37 -38.24
C ALA C 186 26.15 24.16 -39.46
N THR C 187 24.97 24.76 -39.46
CA THR C 187 24.06 24.60 -40.58
C THR C 187 24.68 25.23 -41.84
N ASP C 188 25.36 26.37 -41.69
CA ASP C 188 26.00 27.01 -42.85
C ASP C 188 27.25 26.23 -43.27
N TRP C 189 28.02 25.79 -42.28
CA TRP C 189 29.25 25.05 -42.58
C TRP C 189 28.97 23.76 -43.35
N ILE C 190 28.06 22.94 -42.84
CA ILE C 190 27.75 21.68 -43.49
C ILE C 190 27.31 21.87 -44.95
N VAL C 191 26.43 22.83 -45.24
CA VAL C 191 26.02 22.99 -46.63
C VAL C 191 27.22 23.44 -47.47
N SER C 192 28.18 24.12 -46.83
CA SER C 192 29.37 24.59 -47.55
C SER C 192 30.32 23.42 -47.79
N GLN C 193 30.09 22.30 -47.12
CA GLN C 193 30.91 21.12 -47.33
C GLN C 193 30.37 20.53 -48.61
N MET C 194 29.04 20.59 -48.76
CA MET C 194 28.34 20.07 -49.92
C MET C 194 28.46 20.94 -51.16
N THR C 195 28.54 22.25 -50.96
CA THR C 195 28.61 23.19 -52.08
C THR C 195 29.97 23.81 -52.38
N GLY C 196 30.84 23.85 -51.37
CA GLY C 196 32.16 24.43 -51.54
C GLY C 196 32.16 25.93 -51.34
N LYS C 197 31.03 26.51 -50.95
CA LYS C 197 30.94 27.94 -50.73
C LYS C 197 30.28 28.34 -49.41
N ILE C 198 30.82 29.37 -48.78
CA ILE C 198 30.30 29.88 -47.53
C ILE C 198 29.14 30.85 -47.87
N VAL C 199 27.94 30.54 -47.38
CA VAL C 199 26.78 31.39 -47.62
C VAL C 199 25.86 31.34 -46.39
N LYS C 200 25.87 32.42 -45.62
CA LYS C 200 25.09 32.51 -44.37
C LYS C 200 23.58 32.68 -44.57
N ASN C 201 22.79 31.83 -43.91
CA ASN C 201 21.33 31.90 -44.00
C ASN C 201 20.78 32.95 -43.01
N SER C 202 19.60 33.48 -43.33
CA SER C 202 18.93 34.51 -42.53
C SER C 202 18.36 34.08 -41.18
N CYS C 203 18.09 32.78 -41.03
CA CYS C 203 17.52 32.29 -39.78
C CYS C 203 18.52 32.35 -38.60
N THR C 204 19.62 31.60 -38.68
CA THR C 204 20.58 31.63 -37.58
C THR C 204 21.17 33.03 -37.37
N ALA C 205 21.42 33.76 -38.45
CA ALA C 205 21.97 35.12 -38.32
C ALA C 205 21.00 36.04 -37.55
N GLY C 206 19.73 36.01 -37.92
CA GLY C 206 18.75 36.84 -37.26
C GLY C 206 18.48 36.47 -35.81
N TYR C 207 18.16 35.21 -35.56
CA TYR C 207 17.85 34.78 -34.21
C TYR C 207 19.06 34.63 -33.29
N LYS C 208 20.19 34.21 -33.84
CA LYS C 208 21.37 33.96 -33.05
C LYS C 208 22.56 34.89 -33.18
N ALA C 209 22.59 35.73 -34.21
CA ALA C 209 23.72 36.65 -34.39
C ALA C 209 23.34 38.14 -34.34
N ILE C 210 22.24 38.45 -33.65
CA ILE C 210 21.77 39.82 -33.50
C ILE C 210 21.65 40.54 -34.86
N TRP C 211 21.30 39.80 -35.89
CA TRP C 211 21.17 40.36 -37.23
C TRP C 211 19.74 40.82 -37.52
N HIS C 212 19.63 41.88 -38.31
CA HIS C 212 18.35 42.48 -38.68
C HIS C 212 18.41 42.81 -40.17
N LYS C 213 17.43 42.35 -40.94
CA LYS C 213 17.35 42.60 -42.37
C LYS C 213 17.51 44.07 -42.81
N ARG C 214 16.83 44.99 -42.13
CA ARG C 214 16.92 46.41 -42.50
C ARG C 214 18.11 47.16 -41.96
N GLU C 215 18.38 47.02 -40.66
CA GLU C 215 19.49 47.73 -40.04
C GLU C 215 20.80 46.96 -39.92
N GLY C 216 20.80 45.72 -40.39
CA GLY C 216 22.00 44.92 -40.31
C GLY C 216 22.34 44.60 -38.86
N TYR C 217 23.62 44.39 -38.59
CA TYR C 217 24.10 44.06 -37.25
C TYR C 217 24.21 45.32 -36.39
N PRO C 218 24.55 45.16 -35.11
CA PRO C 218 24.69 46.34 -34.25
C PRO C 218 25.94 47.07 -34.73
N SER C 219 26.02 48.36 -34.45
CA SER C 219 27.16 49.17 -34.88
C SER C 219 28.50 48.67 -34.37
N ASN C 220 29.58 49.19 -34.94
CA ASN C 220 30.93 48.82 -34.51
C ASN C 220 31.20 49.41 -33.13
N GLU C 221 30.67 50.60 -32.87
CA GLU C 221 30.86 51.23 -31.58
C GLU C 221 30.33 50.33 -30.48
N PHE C 222 29.18 49.70 -30.72
CA PHE C 222 28.62 48.80 -29.71
C PHE C 222 29.58 47.67 -29.39
N PHE C 223 30.01 46.94 -30.42
CA PHE C 223 30.93 45.83 -30.21
C PHE C 223 32.26 46.31 -29.62
N LYS C 224 32.65 47.53 -30.00
CA LYS C 224 33.88 48.12 -29.49
C LYS C 224 33.68 48.42 -28.01
N ALA C 225 32.43 48.67 -27.63
CA ALA C 225 32.09 48.97 -26.25
C ALA C 225 32.28 47.73 -25.40
N LEU C 226 32.05 46.55 -25.97
CA LEU C 226 32.24 45.32 -25.22
C LEU C 226 33.73 45.08 -25.06
N ASP C 227 34.46 45.26 -26.17
CA ASP C 227 35.90 45.07 -26.20
C ASP C 227 36.42 45.70 -27.50
N PRO C 228 37.53 46.45 -27.42
CA PRO C 228 38.10 47.09 -28.60
C PRO C 228 38.49 46.10 -29.69
N ARG C 229 38.84 44.89 -29.29
CA ARG C 229 39.24 43.85 -30.23
C ARG C 229 38.02 43.30 -30.99
N LEU C 230 36.82 43.65 -30.54
CA LEU C 230 35.60 43.17 -31.21
C LEU C 230 34.98 44.25 -32.09
N GLU C 231 35.63 45.40 -32.19
CA GLU C 231 35.12 46.52 -32.99
C GLU C 231 34.64 46.17 -34.40
N HIS C 232 35.42 45.36 -35.10
CA HIS C 232 35.09 44.99 -36.47
C HIS C 232 34.68 43.53 -36.65
N LEU C 233 34.07 42.94 -35.64
CA LEU C 233 33.64 41.54 -35.69
C LEU C 233 32.74 41.27 -36.89
N THR C 234 31.84 42.21 -37.14
CA THR C 234 30.85 42.14 -38.20
C THR C 234 31.42 42.11 -39.61
N THR C 235 32.57 42.74 -39.78
CA THR C 235 33.21 42.82 -41.09
C THR C 235 34.46 41.95 -41.24
N THR C 236 34.65 41.01 -40.32
CA THR C 236 35.81 40.12 -40.38
C THR C 236 35.46 38.67 -40.08
N LYS C 237 35.39 38.32 -38.80
CA LYS C 237 35.08 36.95 -38.42
C LYS C 237 33.60 36.59 -38.50
N LEU C 238 32.78 37.56 -38.88
CA LEU C 238 31.35 37.30 -39.01
C LEU C 238 30.82 37.99 -40.27
N ARG C 239 31.74 38.32 -41.15
CA ARG C 239 31.42 38.99 -42.41
C ARG C 239 30.56 38.10 -43.30
N GLY C 240 30.00 38.68 -44.36
CA GLY C 240 29.18 37.90 -45.26
C GLY C 240 27.77 38.43 -45.50
N ASP C 241 27.25 38.18 -46.69
CA ASP C 241 25.90 38.63 -47.03
C ASP C 241 24.94 37.65 -46.40
N ILE C 242 23.78 38.11 -45.99
CA ILE C 242 22.79 37.22 -45.39
C ILE C 242 21.71 36.99 -46.45
N VAL C 243 21.57 35.74 -46.86
CA VAL C 243 20.60 35.37 -47.88
C VAL C 243 19.40 34.70 -47.22
N PRO C 244 18.21 34.82 -47.84
CA PRO C 244 16.98 34.22 -47.31
C PRO C 244 16.90 32.71 -47.44
N LEU C 245 16.10 32.09 -46.57
CA LEU C 245 15.89 30.65 -46.60
C LEU C 245 15.23 30.30 -47.94
N GLY C 246 15.60 29.16 -48.51
CA GLY C 246 15.02 28.78 -49.78
C GLY C 246 15.90 29.10 -50.98
N GLU C 247 16.95 29.89 -50.80
CA GLU C 247 17.83 30.21 -51.91
C GLU C 247 18.78 29.04 -52.12
N ARG C 248 19.47 29.01 -53.26
CA ARG C 248 20.39 27.92 -53.49
C ARG C 248 21.79 28.36 -53.08
N ALA C 249 22.40 27.56 -52.21
CA ALA C 249 23.74 27.86 -51.76
C ALA C 249 24.71 27.43 -52.88
N GLY C 250 24.20 26.68 -53.86
CA GLY C 250 25.02 26.21 -54.95
C GLY C 250 24.74 24.76 -55.30
N GLY C 251 25.52 24.22 -56.23
CA GLY C 251 25.36 22.83 -56.62
C GLY C 251 26.31 21.97 -55.80
N LEU C 252 25.91 20.75 -55.44
CA LEU C 252 26.79 19.91 -54.64
C LEU C 252 27.99 19.46 -55.47
N LEU C 253 29.17 19.63 -54.89
CA LEU C 253 30.40 19.27 -55.56
C LEU C 253 30.42 17.81 -56.02
N PRO C 254 31.07 17.54 -57.16
CA PRO C 254 31.18 16.19 -57.74
C PRO C 254 31.62 15.16 -56.72
N GLU C 255 32.80 15.37 -56.15
CA GLU C 255 33.38 14.46 -55.17
C GLU C 255 32.43 14.10 -54.04
N MET C 256 31.68 15.07 -53.54
CA MET C 256 30.74 14.83 -52.46
C MET C 256 29.52 14.06 -52.98
N ALA C 257 29.02 14.46 -54.14
CA ALA C 257 27.88 13.78 -54.74
C ALA C 257 28.25 12.32 -54.89
N GLU C 258 29.49 12.07 -55.30
CA GLU C 258 30.00 10.73 -55.48
C GLU C 258 29.91 9.95 -54.17
N LYS C 259 30.38 10.55 -53.08
CA LYS C 259 30.36 9.89 -51.79
C LYS C 259 28.96 9.72 -51.23
N MET C 260 28.03 10.55 -51.68
CA MET C 260 26.67 10.49 -51.17
C MET C 260 25.70 9.67 -52.01
N GLY C 261 26.11 9.31 -53.23
CA GLY C 261 25.24 8.52 -54.09
C GLY C 261 24.17 9.34 -54.80
N LEU C 262 24.49 10.58 -55.14
CA LEU C 262 23.57 11.49 -55.83
C LEU C 262 24.26 12.14 -57.03
N ASN C 263 23.47 12.81 -57.87
CA ASN C 263 24.00 13.48 -59.06
C ASN C 263 24.69 14.78 -58.69
N PRO C 264 25.85 15.05 -59.29
CA PRO C 264 26.57 16.29 -58.98
C PRO C 264 25.80 17.50 -59.51
N GLY C 265 26.00 18.65 -58.87
CA GLY C 265 25.33 19.86 -59.33
C GLY C 265 23.88 20.11 -58.90
N ILE C 266 23.27 19.18 -58.16
CA ILE C 266 21.90 19.43 -57.74
C ILE C 266 21.95 20.57 -56.73
N ALA C 267 20.84 21.27 -56.62
CA ALA C 267 20.75 22.41 -55.72
C ALA C 267 20.87 22.04 -54.25
N VAL C 268 21.66 22.83 -53.52
CA VAL C 268 21.82 22.66 -52.08
C VAL C 268 21.29 23.95 -51.48
N ALA C 269 20.24 23.83 -50.66
CA ALA C 269 19.63 24.99 -50.02
C ALA C 269 20.57 25.55 -48.97
N VAL C 270 20.29 26.77 -48.50
CA VAL C 270 21.10 27.35 -47.43
C VAL C 270 20.55 26.70 -46.17
N GLY C 271 21.39 26.62 -45.15
CA GLY C 271 20.99 25.98 -43.91
C GLY C 271 19.72 26.47 -43.26
N ASN C 272 19.06 25.57 -42.55
CA ASN C 272 17.82 25.84 -41.83
C ASN C 272 18.03 25.45 -40.36
N VAL C 273 17.02 25.70 -39.53
CA VAL C 273 17.08 25.35 -38.11
C VAL C 273 15.95 24.38 -37.80
N ASP C 274 16.23 23.36 -36.99
CA ASP C 274 15.21 22.37 -36.64
C ASP C 274 13.83 22.93 -36.35
N ALA C 275 13.71 23.77 -35.34
CA ALA C 275 12.42 24.33 -34.97
C ALA C 275 11.76 25.14 -36.09
N HIS C 276 12.50 26.13 -36.59
CA HIS C 276 12.01 27.01 -37.64
C HIS C 276 11.58 26.31 -38.92
N ALA C 277 12.28 25.22 -39.24
CA ALA C 277 11.97 24.47 -40.44
C ALA C 277 10.61 23.80 -40.31
N ALA C 278 10.20 23.52 -39.08
CA ALA C 278 8.92 22.87 -38.86
C ALA C 278 7.72 23.64 -39.36
N VAL C 279 7.84 24.96 -39.49
CA VAL C 279 6.72 25.79 -39.92
C VAL C 279 6.18 25.49 -41.33
N PRO C 280 7.03 25.57 -42.36
CA PRO C 280 6.47 25.27 -43.67
C PRO C 280 6.08 23.79 -43.72
N ALA C 281 6.80 22.98 -42.97
CA ALA C 281 6.57 21.54 -42.90
C ALA C 281 5.14 21.19 -42.52
N VAL C 282 4.54 22.01 -41.67
CA VAL C 282 3.18 21.77 -41.22
C VAL C 282 2.19 22.53 -42.10
N GLY C 283 2.69 23.09 -43.19
CA GLY C 283 1.84 23.83 -44.12
C GLY C 283 1.59 25.28 -43.75
N VAL C 284 2.35 25.81 -42.81
CA VAL C 284 2.17 27.19 -42.41
C VAL C 284 3.09 28.11 -43.20
N THR C 285 2.47 29.04 -43.90
CA THR C 285 3.22 29.99 -44.72
C THR C 285 2.58 31.37 -44.74
N THR C 286 1.72 31.64 -43.75
CA THR C 286 1.05 32.93 -43.64
C THR C 286 0.85 33.32 -42.19
N PRO C 287 0.56 34.61 -41.92
CA PRO C 287 0.34 35.08 -40.55
C PRO C 287 -0.94 34.52 -39.95
N GLY C 288 -1.10 34.73 -38.65
CA GLY C 288 -2.27 34.26 -37.94
C GLY C 288 -2.20 32.80 -37.52
N LYS C 289 -1.13 32.09 -37.87
CA LYS C 289 -1.00 30.68 -37.51
C LYS C 289 0.24 30.39 -36.66
N LEU C 290 0.02 30.10 -35.38
CA LEU C 290 1.14 29.83 -34.48
C LEU C 290 1.54 28.37 -34.57
N VAL C 291 2.84 28.13 -34.71
CA VAL C 291 3.37 26.77 -34.81
C VAL C 291 4.12 26.43 -33.52
N MET C 292 3.68 25.36 -32.87
CA MET C 292 4.29 24.94 -31.62
C MET C 292 5.07 23.65 -31.83
N ALA C 293 6.35 23.68 -31.47
CA ALA C 293 7.21 22.50 -31.56
C ALA C 293 7.16 22.02 -30.13
N MET C 294 6.24 21.09 -29.87
CA MET C 294 6.01 20.56 -28.53
C MET C 294 6.80 19.33 -28.12
N GLY C 295 7.58 19.48 -27.06
CA GLY C 295 8.35 18.37 -26.54
C GLY C 295 8.77 18.60 -25.10
N THR C 296 10.07 18.53 -24.91
CA THR C 296 10.71 18.72 -23.63
C THR C 296 10.34 20.11 -23.15
N SER C 297 10.23 21.02 -24.12
CA SER C 297 9.86 22.39 -23.89
C SER C 297 9.04 22.74 -25.11
N ILE C 298 8.70 24.00 -25.31
CA ILE C 298 7.94 24.38 -26.50
C ILE C 298 8.52 25.61 -27.18
N CYS C 299 8.68 25.51 -28.50
CA CYS C 299 9.17 26.63 -29.26
C CYS C 299 7.97 27.13 -30.05
N HIS C 300 7.54 28.36 -29.77
CA HIS C 300 6.42 28.94 -30.49
C HIS C 300 6.94 29.82 -31.63
N MET C 301 6.35 29.68 -32.80
CA MET C 301 6.75 30.45 -33.96
C MET C 301 5.54 31.02 -34.66
N LEU C 302 5.68 32.23 -35.16
CA LEU C 302 4.58 32.95 -35.78
C LEU C 302 5.06 33.96 -36.82
N LEU C 303 4.29 34.09 -37.90
CA LEU C 303 4.62 35.01 -38.98
C LEU C 303 3.76 36.25 -38.84
N GLY C 304 4.34 37.40 -39.18
CA GLY C 304 3.61 38.65 -39.11
C GLY C 304 4.12 39.51 -40.25
N GLU C 305 3.30 40.42 -40.76
CA GLU C 305 3.74 41.28 -41.86
C GLU C 305 4.49 42.50 -41.37
N LYS C 306 4.21 42.94 -40.15
CA LYS C 306 4.89 44.10 -39.61
C LYS C 306 5.65 43.76 -38.34
N GLU C 307 6.71 44.50 -38.06
CA GLU C 307 7.49 44.24 -36.86
C GLU C 307 6.84 44.94 -35.67
N GLN C 308 6.62 44.22 -34.59
CA GLN C 308 6.04 44.78 -33.37
C GLN C 308 6.88 44.26 -32.21
N GLU C 309 6.95 45.01 -31.13
CA GLU C 309 7.70 44.55 -29.97
C GLU C 309 6.77 43.64 -29.20
N VAL C 310 7.20 42.41 -28.93
CA VAL C 310 6.35 41.52 -28.16
C VAL C 310 7.09 41.24 -26.86
N GLU C 311 6.38 41.33 -25.75
CA GLU C 311 6.98 41.08 -24.46
C GLU C 311 7.58 39.69 -24.34
N GLY C 312 8.85 39.64 -23.96
CA GLY C 312 9.53 38.38 -23.77
C GLY C 312 9.70 37.40 -24.92
N MET C 313 9.75 37.88 -26.15
CA MET C 313 9.95 36.97 -27.28
C MET C 313 11.45 36.66 -27.38
N CYS C 314 11.80 35.58 -28.07
CA CYS C 314 13.21 35.22 -28.24
C CYS C 314 13.79 36.05 -29.39
N GLY C 315 12.95 36.38 -30.36
CA GLY C 315 13.42 37.18 -31.46
C GLY C 315 12.40 37.33 -32.57
N VAL C 316 12.64 38.31 -33.42
CA VAL C 316 11.82 38.57 -34.58
C VAL C 316 12.85 38.93 -35.66
N VAL C 317 12.75 38.30 -36.82
CA VAL C 317 13.68 38.57 -37.90
C VAL C 317 13.00 38.38 -39.25
N GLU C 318 13.16 39.37 -40.13
CA GLU C 318 12.57 39.33 -41.45
C GLU C 318 13.19 38.19 -42.25
N ASP C 319 12.33 37.38 -42.88
CA ASP C 319 12.81 36.25 -43.68
C ASP C 319 13.39 35.18 -42.76
N GLY C 320 13.24 35.37 -41.46
CA GLY C 320 13.79 34.41 -40.51
C GLY C 320 13.19 33.01 -40.53
N ILE C 321 11.95 32.88 -41.00
CA ILE C 321 11.28 31.57 -41.04
C ILE C 321 10.72 31.28 -42.43
N ILE C 322 10.01 32.27 -42.97
CA ILE C 322 9.42 32.16 -44.29
C ILE C 322 9.68 33.46 -45.05
N PRO C 323 10.40 33.36 -46.18
CA PRO C 323 10.72 34.55 -46.98
C PRO C 323 9.50 35.43 -47.19
N GLY C 324 9.64 36.73 -46.96
CA GLY C 324 8.52 37.62 -47.14
C GLY C 324 7.91 38.20 -45.86
N TYR C 325 8.08 37.55 -44.72
CA TYR C 325 7.50 38.09 -43.49
C TYR C 325 8.45 38.16 -42.31
N LEU C 326 7.95 38.73 -41.22
CA LEU C 326 8.70 38.80 -39.98
C LEU C 326 8.40 37.47 -39.32
N GLY C 327 9.44 36.80 -38.83
CA GLY C 327 9.24 35.53 -38.16
C GLY C 327 9.46 35.76 -36.67
N TYR C 328 8.46 35.44 -35.86
CA TYR C 328 8.56 35.62 -34.41
C TYR C 328 8.85 34.30 -33.72
N GLU C 329 9.68 34.34 -32.69
CA GLU C 329 10.00 33.13 -31.94
C GLU C 329 9.87 33.42 -30.45
N ALA C 330 9.17 32.53 -29.74
CA ALA C 330 9.00 32.65 -28.28
C ALA C 330 9.21 31.24 -27.76
N GLY C 331 9.56 31.12 -26.48
CA GLY C 331 9.77 29.80 -25.92
C GLY C 331 9.20 29.58 -24.53
N GLN C 332 8.72 28.36 -24.30
CA GLN C 332 8.18 27.97 -23.01
C GLN C 332 9.23 27.02 -22.46
N SER C 333 9.89 27.46 -21.41
CA SER C 333 10.98 26.72 -20.78
C SER C 333 10.78 25.23 -20.48
N ALA C 334 9.65 24.86 -19.88
CA ALA C 334 9.44 23.45 -19.54
C ALA C 334 8.00 23.00 -19.58
N VAL C 335 7.73 21.98 -20.38
CA VAL C 335 6.41 21.42 -20.48
C VAL C 335 6.54 19.90 -20.34
N GLY C 336 7.21 19.26 -21.29
CA GLY C 336 7.40 17.81 -21.21
C GLY C 336 8.29 17.44 -20.03
N ASP C 337 9.23 18.31 -19.70
CA ASP C 337 10.11 18.07 -18.55
C ASP C 337 9.38 18.00 -17.22
N ILE C 338 8.33 18.81 -17.08
CA ILE C 338 7.58 18.84 -15.84
C ILE C 338 6.89 17.51 -15.65
N PHE C 339 6.19 17.05 -16.69
CA PHE C 339 5.47 15.80 -16.61
C PHE C 339 6.42 14.65 -16.29
N ALA C 340 7.60 14.70 -16.92
CA ALA C 340 8.62 13.68 -16.71
C ALA C 340 9.06 13.76 -15.27
N TRP C 341 9.21 14.99 -14.77
CA TRP C 341 9.63 15.20 -13.39
C TRP C 341 8.62 14.62 -12.41
N PHE C 342 7.34 14.75 -12.76
CA PHE C 342 6.26 14.27 -11.92
C PHE C 342 6.26 12.74 -11.84
N VAL C 343 6.44 12.10 -12.99
CA VAL C 343 6.45 10.66 -13.02
C VAL C 343 7.59 10.03 -12.22
N LYS C 344 8.75 10.65 -12.14
CA LYS C 344 9.81 9.99 -11.37
C LYS C 344 9.96 10.48 -9.94
N HIS C 345 9.56 11.73 -9.66
CA HIS C 345 9.72 12.27 -8.32
C HIS C 345 8.43 12.56 -7.56
N GLY C 346 7.29 12.56 -8.24
CA GLY C 346 6.05 12.88 -7.56
C GLY C 346 4.83 11.95 -7.63
N VAL C 347 4.88 10.89 -8.44
CA VAL C 347 3.72 10.00 -8.54
C VAL C 347 3.84 8.83 -7.57
N SER C 348 2.87 8.74 -6.66
CA SER C 348 2.85 7.71 -5.64
C SER C 348 2.96 6.30 -6.19
N ALA C 349 3.53 5.43 -5.36
CA ALA C 349 3.74 4.02 -5.68
C ALA C 349 2.46 3.33 -6.11
N ALA C 350 1.38 3.59 -5.37
CA ALA C 350 0.09 2.98 -5.66
C ALA C 350 -0.27 3.17 -7.13
N THR C 351 0.06 4.34 -7.66
CA THR C 351 -0.23 4.65 -9.06
C THR C 351 0.67 3.82 -9.98
N PHE C 352 1.95 3.67 -9.64
CA PHE C 352 2.84 2.87 -10.46
C PHE C 352 2.34 1.42 -10.44
N ASP C 353 1.88 0.98 -9.27
CA ASP C 353 1.37 -0.38 -9.12
C ASP C 353 0.18 -0.59 -10.03
N GLU C 354 -0.80 0.33 -9.94
CA GLU C 354 -2.00 0.23 -10.76
C GLU C 354 -1.66 0.05 -12.23
N ALA C 355 -0.82 0.93 -12.76
CA ALA C 355 -0.41 0.85 -14.16
C ALA C 355 0.23 -0.49 -14.47
N GLN C 356 1.06 -0.97 -13.54
CA GLN C 356 1.72 -2.25 -13.74
C GLN C 356 0.66 -3.36 -13.82
N GLU C 357 -0.25 -3.37 -12.84
CA GLU C 357 -1.31 -4.37 -12.83
C GLU C 357 -2.13 -4.28 -14.11
N LYS C 358 -2.29 -3.07 -14.62
CA LYS C 358 -3.04 -2.86 -15.84
C LYS C 358 -2.23 -3.06 -17.12
N GLY C 359 -0.94 -3.38 -16.96
CA GLY C 359 -0.07 -3.57 -18.11
C GLY C 359 -0.06 -2.38 -19.05
N VAL C 360 -0.08 -1.19 -18.47
CA VAL C 360 -0.10 0.04 -19.24
C VAL C 360 0.99 0.98 -18.70
N ASN C 361 1.43 1.94 -19.50
CA ASN C 361 2.47 2.87 -19.05
C ASN C 361 1.92 3.89 -18.05
N VAL C 362 2.71 4.21 -17.02
CA VAL C 362 2.29 5.13 -15.98
C VAL C 362 1.84 6.50 -16.51
N HIS C 363 2.41 6.94 -17.63
CA HIS C 363 2.02 8.21 -18.24
C HIS C 363 0.63 8.05 -18.87
N ALA C 364 0.32 6.84 -19.35
CA ALA C 364 -0.99 6.59 -19.97
C ALA C 364 -2.11 6.50 -18.92
N LEU C 365 -1.87 5.76 -17.85
CA LEU C 365 -2.83 5.60 -16.77
C LEU C 365 -3.18 6.98 -16.20
N LEU C 366 -2.13 7.73 -15.88
CA LEU C 366 -2.27 9.08 -15.35
C LEU C 366 -3.14 9.92 -16.29
N GLU C 367 -2.86 9.83 -17.59
CA GLU C 367 -3.59 10.60 -18.59
C GLU C 367 -5.06 10.20 -18.69
N GLU C 368 -5.31 8.89 -18.62
CA GLU C 368 -6.68 8.39 -18.71
C GLU C 368 -7.52 8.79 -17.49
N LYS C 369 -6.91 8.79 -16.32
CA LYS C 369 -7.63 9.17 -15.12
C LYS C 369 -7.86 10.67 -15.16
N ALA C 370 -6.85 11.42 -15.60
CA ALA C 370 -6.94 12.88 -15.70
C ALA C 370 -8.02 13.27 -16.70
N SER C 371 -8.25 12.37 -17.66
CA SER C 371 -9.26 12.58 -18.69
C SER C 371 -10.66 12.57 -18.11
N GLN C 372 -10.86 11.75 -17.08
CA GLN C 372 -12.18 11.63 -16.46
C GLN C 372 -12.53 12.86 -15.64
N LEU C 373 -11.59 13.79 -15.50
CA LEU C 373 -11.84 15.00 -14.73
C LEU C 373 -12.35 16.17 -15.57
N ARG C 374 -13.31 16.89 -15.03
CA ARG C 374 -13.85 18.06 -15.73
C ARG C 374 -12.90 19.22 -15.44
N PRO C 375 -12.87 20.23 -16.33
CA PRO C 375 -11.98 21.38 -16.08
C PRO C 375 -12.43 22.02 -14.76
N GLY C 376 -11.46 22.28 -13.88
CA GLY C 376 -11.77 22.89 -12.59
C GLY C 376 -12.17 21.88 -11.53
N GLU C 377 -12.27 20.60 -11.90
CA GLU C 377 -12.68 19.57 -10.94
C GLU C 377 -11.57 19.22 -9.95
N SER C 378 -10.33 19.44 -10.35
CA SER C 378 -9.19 19.13 -9.49
C SER C 378 -9.09 20.06 -8.29
N GLY C 379 -9.48 21.31 -8.47
CA GLY C 379 -9.38 22.28 -7.38
C GLY C 379 -7.94 22.75 -7.26
N LEU C 380 -7.12 22.39 -8.24
CA LEU C 380 -5.71 22.76 -8.26
C LEU C 380 -5.37 23.79 -9.31
N LEU C 381 -4.26 24.49 -9.06
CA LEU C 381 -3.75 25.52 -9.94
C LEU C 381 -2.23 25.54 -9.79
N ALA C 382 -1.51 25.57 -10.90
CA ALA C 382 -0.06 25.61 -10.82
C ALA C 382 0.57 26.67 -11.72
N LEU C 383 1.83 26.98 -11.42
CA LEU C 383 2.64 27.91 -12.19
C LEU C 383 3.70 26.97 -12.80
N ASP C 384 3.71 26.87 -14.12
CA ASP C 384 4.61 25.97 -14.87
C ASP C 384 6.03 26.50 -15.00
N TRP C 385 6.59 26.90 -13.87
CA TRP C 385 7.94 27.46 -13.84
C TRP C 385 8.98 26.55 -13.23
N TRP C 386 8.75 25.24 -13.28
CA TRP C 386 9.70 24.27 -12.73
C TRP C 386 11.10 24.56 -13.18
N ASN C 387 11.24 25.06 -14.39
CA ASN C 387 12.56 25.36 -14.91
C ASN C 387 12.67 26.81 -15.38
N GLY C 388 12.10 27.72 -14.59
CA GLY C 388 12.14 29.13 -14.94
C GLY C 388 11.12 29.55 -15.98
N ASN C 389 11.36 30.69 -16.60
CA ASN C 389 10.45 31.24 -17.60
C ASN C 389 11.27 31.99 -18.65
N ARG C 390 11.02 31.69 -19.91
CA ARG C 390 11.74 32.40 -20.94
C ARG C 390 10.76 33.41 -21.52
N SER C 391 9.82 32.93 -22.31
CA SER C 391 8.87 33.84 -22.93
C SER C 391 7.81 34.51 -22.11
N ILE C 392 7.83 35.81 -22.36
CA ILE C 392 7.05 36.91 -21.83
C ILE C 392 7.65 37.42 -20.52
N LEU C 393 8.15 36.55 -19.65
CA LEU C 393 8.74 37.01 -18.40
C LEU C 393 10.27 37.09 -18.36
N VAL C 394 10.95 36.24 -19.12
CA VAL C 394 12.42 36.23 -19.22
C VAL C 394 13.17 36.25 -17.87
N ASP C 395 12.81 35.33 -16.99
CA ASP C 395 13.44 35.27 -15.69
C ASP C 395 13.81 33.82 -15.38
N THR C 396 15.11 33.56 -15.31
CA THR C 396 15.64 32.24 -15.06
C THR C 396 15.45 31.82 -13.59
N GLU C 397 15.22 32.81 -12.73
CA GLU C 397 15.07 32.56 -11.31
C GLU C 397 13.64 32.45 -10.77
N LEU C 398 12.73 31.87 -11.55
CA LEU C 398 11.36 31.68 -11.08
C LEU C 398 11.25 30.17 -10.88
N SER C 399 10.37 29.76 -9.96
CA SER C 399 10.19 28.35 -9.68
C SER C 399 8.72 27.98 -9.78
N GLY C 400 8.46 26.67 -9.78
CA GLY C 400 7.09 26.20 -9.87
C GLY C 400 6.28 26.23 -8.58
N MET C 401 4.97 26.32 -8.74
CA MET C 401 4.05 26.33 -7.62
C MET C 401 2.88 25.40 -7.90
N LEU C 402 2.34 24.82 -6.83
CA LEU C 402 1.18 23.94 -6.93
C LEU C 402 0.28 24.43 -5.80
N LEU C 403 -0.94 24.81 -6.15
CA LEU C 403 -1.86 25.37 -5.18
C LEU C 403 -3.26 24.74 -5.21
N GLY C 404 -3.82 24.52 -4.02
CA GLY C 404 -5.15 23.92 -3.91
C GLY C 404 -5.20 22.57 -3.19
N TYR C 405 -4.07 22.10 -2.68
CA TYR C 405 -4.01 20.81 -2.00
C TYR C 405 -4.98 20.61 -0.85
N THR C 406 -5.55 19.40 -0.77
CA THR C 406 -6.43 19.03 0.34
C THR C 406 -5.98 17.63 0.74
N LEU C 407 -6.57 17.07 1.80
CA LEU C 407 -6.16 15.74 2.22
C LEU C 407 -6.64 14.68 1.25
N GLN C 408 -7.45 15.09 0.28
CA GLN C 408 -7.99 14.19 -0.74
C GLN C 408 -7.39 14.41 -2.14
N THR C 409 -6.37 15.26 -2.24
CA THR C 409 -5.77 15.51 -3.54
C THR C 409 -5.14 14.22 -4.04
N LYS C 410 -5.54 13.81 -5.24
CA LYS C 410 -5.04 12.59 -5.85
C LYS C 410 -3.97 12.84 -6.91
N PRO C 411 -3.10 11.85 -7.17
CA PRO C 411 -2.06 12.01 -8.17
C PRO C 411 -2.55 12.43 -9.55
N GLU C 412 -3.71 11.92 -9.98
CA GLU C 412 -4.23 12.31 -11.28
C GLU C 412 -4.68 13.79 -11.29
N GLU C 413 -5.09 14.30 -10.14
CA GLU C 413 -5.50 15.69 -10.05
C GLU C 413 -4.29 16.59 -10.22
N ILE C 414 -3.18 16.23 -9.55
CA ILE C 414 -1.96 17.01 -9.64
C ILE C 414 -1.49 16.99 -11.10
N TYR C 415 -1.51 15.80 -11.70
CA TYR C 415 -1.12 15.62 -13.09
C TYR C 415 -1.95 16.55 -14.00
N ARG C 416 -3.26 16.60 -13.76
CA ARG C 416 -4.15 17.43 -14.54
C ARG C 416 -3.73 18.89 -14.41
N ALA C 417 -3.49 19.33 -13.17
CA ALA C 417 -3.07 20.69 -12.90
C ALA C 417 -1.78 21.03 -13.64
N LEU C 418 -0.88 20.07 -13.77
CA LEU C 418 0.38 20.35 -14.47
C LEU C 418 0.11 20.58 -15.95
N LEU C 419 -0.73 19.71 -16.53
CA LEU C 419 -1.09 19.85 -17.93
C LEU C 419 -1.68 21.24 -18.16
N GLU C 420 -2.70 21.57 -17.36
CA GLU C 420 -3.38 22.86 -17.47
C GLU C 420 -2.43 24.04 -17.33
N ALA C 421 -1.44 23.92 -16.45
CA ALA C 421 -0.47 24.99 -16.25
C ALA C 421 0.36 25.29 -17.51
N THR C 422 0.69 24.25 -18.29
CA THR C 422 1.45 24.45 -19.52
C THR C 422 0.55 25.09 -20.58
N ALA C 423 -0.73 24.77 -20.53
CA ALA C 423 -1.70 25.38 -21.46
C ALA C 423 -1.81 26.88 -21.13
N PHE C 424 -1.85 27.22 -19.83
CA PHE C 424 -1.93 28.63 -19.44
C PHE C 424 -0.63 29.34 -19.85
N GLY C 425 0.48 28.62 -19.73
CA GLY C 425 1.77 29.18 -20.07
C GLY C 425 1.79 29.52 -21.55
N THR C 426 1.23 28.63 -22.35
CA THR C 426 1.18 28.87 -23.78
C THR C 426 0.25 30.03 -24.08
N ARG C 427 -0.87 30.10 -23.38
CA ARG C 427 -1.82 31.19 -23.60
C ARG C 427 -1.21 32.55 -23.26
N ALA C 428 -0.38 32.61 -22.23
CA ALA C 428 0.25 33.87 -21.85
C ALA C 428 1.05 34.37 -23.05
N ILE C 429 1.70 33.43 -23.74
CA ILE C 429 2.50 33.75 -24.91
C ILE C 429 1.66 34.17 -26.11
N VAL C 430 0.62 33.42 -26.48
CA VAL C 430 -0.18 33.82 -27.63
C VAL C 430 -0.89 35.15 -27.37
N ASP C 431 -1.27 35.40 -26.12
CA ASP C 431 -1.96 36.62 -25.77
C ASP C 431 -1.01 37.78 -25.88
N ALA C 432 0.28 37.51 -25.66
CA ALA C 432 1.30 38.54 -25.74
C ALA C 432 1.43 38.97 -27.21
N PHE C 433 1.38 38.00 -28.12
CA PHE C 433 1.47 38.27 -29.56
C PHE C 433 0.18 38.96 -30.02
N HIS C 434 -0.94 38.28 -29.84
CA HIS C 434 -2.25 38.81 -30.21
C HIS C 434 -2.41 40.00 -29.28
N GLY C 435 -3.25 40.96 -29.62
CA GLY C 435 -3.40 42.09 -28.71
C GLY C 435 -2.22 43.03 -28.76
N ARG C 436 -1.20 42.64 -29.50
CA ARG C 436 -0.02 43.46 -29.70
C ARG C 436 0.01 43.69 -31.20
N GLY C 437 -0.94 43.06 -31.88
CA GLY C 437 -1.04 43.18 -33.32
C GLY C 437 -0.66 41.92 -34.05
N VAL C 438 0.25 41.13 -33.48
CA VAL C 438 0.69 39.90 -34.12
C VAL C 438 -0.38 38.85 -33.82
N GLU C 439 -1.47 38.93 -34.57
CA GLU C 439 -2.61 38.04 -34.39
C GLU C 439 -2.33 36.55 -34.47
N VAL C 440 -3.13 35.80 -33.72
CA VAL C 440 -3.05 34.35 -33.68
C VAL C 440 -4.47 33.84 -33.78
N HIS C 441 -4.81 33.22 -34.91
CA HIS C 441 -6.17 32.71 -35.10
C HIS C 441 -6.34 31.20 -34.99
N GLU C 442 -5.22 30.47 -35.04
CA GLU C 442 -5.27 29.02 -34.92
C GLU C 442 -3.87 28.49 -34.59
N LEU C 443 -3.83 27.30 -34.02
CA LEU C 443 -2.57 26.68 -33.63
C LEU C 443 -2.22 25.46 -34.45
N TYR C 444 -0.92 25.23 -34.59
CA TYR C 444 -0.39 24.10 -35.31
C TYR C 444 0.62 23.44 -34.38
N ALA C 445 0.48 22.14 -34.18
CA ALA C 445 1.39 21.44 -33.29
C ALA C 445 2.18 20.34 -33.96
N CYS C 446 3.46 20.23 -33.57
CA CYS C 446 4.34 19.19 -34.08
C CYS C 446 5.28 18.82 -32.92
N GLY C 447 6.05 17.77 -33.09
CA GLY C 447 6.92 17.32 -32.02
C GLY C 447 6.30 16.06 -31.45
N GLY C 448 6.98 15.42 -30.50
CA GLY C 448 6.46 14.18 -29.94
C GLY C 448 5.25 14.31 -29.04
N LEU C 449 5.21 15.40 -28.27
CA LEU C 449 4.13 15.62 -27.33
C LEU C 449 2.73 15.49 -27.93
N PRO C 450 2.45 16.19 -29.05
CA PRO C 450 1.10 16.09 -29.64
C PRO C 450 0.76 14.71 -30.18
N GLN C 451 1.70 13.78 -30.11
CA GLN C 451 1.50 12.42 -30.60
C GLN C 451 1.20 11.51 -29.41
N LYS C 452 1.83 11.82 -28.27
CA LYS C 452 1.69 11.05 -27.05
C LYS C 452 0.60 11.51 -26.08
N ASN C 453 0.24 12.78 -26.09
CA ASN C 453 -0.78 13.27 -25.15
C ASN C 453 -1.94 14.00 -25.80
N HIS C 454 -3.01 13.26 -26.11
CA HIS C 454 -4.17 13.89 -26.74
C HIS C 454 -4.95 14.76 -25.77
N LEU C 455 -4.86 14.45 -24.48
CA LEU C 455 -5.56 15.24 -23.48
C LEU C 455 -4.99 16.65 -23.45
N LEU C 456 -3.67 16.73 -23.50
CA LEU C 456 -2.98 18.02 -23.48
C LEU C 456 -3.46 18.88 -24.65
N MET C 457 -3.56 18.28 -25.83
CA MET C 457 -4.01 19.01 -27.01
C MET C 457 -5.42 19.54 -26.82
N GLN C 458 -6.32 18.70 -26.31
CA GLN C 458 -7.69 19.15 -26.09
C GLN C 458 -7.73 20.26 -25.05
N ILE C 459 -6.87 20.17 -24.05
CA ILE C 459 -6.81 21.20 -23.01
C ILE C 459 -6.28 22.47 -23.64
N PHE C 460 -5.29 22.33 -24.50
CA PHE C 460 -4.71 23.49 -25.17
C PHE C 460 -5.77 24.21 -25.98
N ALA C 461 -6.61 23.46 -26.69
CA ALA C 461 -7.65 24.10 -27.50
C ALA C 461 -8.67 24.81 -26.64
N ASP C 462 -9.04 24.20 -25.51
CA ASP C 462 -10.04 24.78 -24.61
C ASP C 462 -9.53 26.05 -23.92
N VAL C 463 -8.24 26.05 -23.54
CA VAL C 463 -7.65 27.20 -22.89
C VAL C 463 -7.41 28.37 -23.84
N THR C 464 -6.91 28.08 -25.05
CA THR C 464 -6.63 29.14 -26.03
C THR C 464 -7.88 29.52 -26.83
N ASN C 465 -8.86 28.63 -26.85
CA ASN C 465 -10.10 28.84 -27.59
C ASN C 465 -9.78 28.94 -29.08
N ARG C 466 -8.75 28.21 -29.50
CA ARG C 466 -8.34 28.19 -30.90
C ARG C 466 -8.23 26.74 -31.34
N GLU C 467 -8.54 26.49 -32.60
CA GLU C 467 -8.45 25.13 -33.14
C GLU C 467 -6.99 24.75 -33.24
N ILE C 468 -6.71 23.46 -33.10
CA ILE C 468 -5.33 23.00 -33.19
C ILE C 468 -5.20 21.87 -34.18
N LYS C 469 -4.28 22.05 -35.11
CA LYS C 469 -4.02 21.04 -36.13
C LYS C 469 -2.67 20.43 -35.79
N VAL C 470 -2.57 19.12 -35.93
CA VAL C 470 -1.33 18.42 -35.61
C VAL C 470 -0.59 17.97 -36.88
N ALA C 471 0.73 17.89 -36.79
CA ALA C 471 1.52 17.47 -37.94
C ALA C 471 1.11 16.07 -38.31
N ALA C 472 1.29 15.71 -39.56
CA ALA C 472 0.96 14.38 -40.03
C ALA C 472 2.26 13.66 -40.33
N SER C 473 3.31 14.45 -40.50
CA SER C 473 4.63 13.92 -40.80
C SER C 473 5.31 13.39 -39.56
N LYS C 474 6.15 12.37 -39.73
CA LYS C 474 6.86 11.80 -38.60
C LYS C 474 8.16 12.57 -38.38
N GLN C 475 8.85 12.89 -39.48
CA GLN C 475 10.12 13.62 -39.41
C GLN C 475 9.92 15.07 -39.88
N THR C 476 9.06 15.79 -39.16
CA THR C 476 8.69 17.16 -39.48
C THR C 476 9.80 18.16 -39.82
N PRO C 477 10.87 18.24 -39.02
CA PRO C 477 11.93 19.20 -39.37
C PRO C 477 12.56 18.83 -40.71
N ALA C 478 12.85 17.55 -40.89
CA ALA C 478 13.44 17.07 -42.12
C ALA C 478 12.55 17.43 -43.31
N LEU C 479 11.25 17.32 -43.13
CA LEU C 479 10.32 17.65 -44.21
C LEU C 479 10.45 19.12 -44.56
N GLY C 480 10.78 19.93 -43.55
CA GLY C 480 10.94 21.36 -43.76
C GLY C 480 12.18 21.64 -44.57
N ALA C 481 13.24 20.87 -44.31
CA ALA C 481 14.49 21.03 -45.04
C ALA C 481 14.24 20.66 -46.50
N ALA C 482 13.62 19.50 -46.70
CA ALA C 482 13.31 19.00 -48.04
C ALA C 482 12.49 20.01 -48.83
N MET C 483 11.59 20.70 -48.15
CA MET C 483 10.74 21.70 -48.82
C MET C 483 11.59 22.83 -49.36
N PHE C 484 12.45 23.40 -48.52
CA PHE C 484 13.30 24.51 -48.94
C PHE C 484 14.29 24.10 -50.05
N ALA C 485 14.72 22.85 -50.02
CA ALA C 485 15.64 22.35 -51.02
C ALA C 485 14.90 22.33 -52.36
N SER C 486 13.63 21.93 -52.31
CA SER C 486 12.81 21.88 -53.53
C SER C 486 12.70 23.27 -54.13
N VAL C 487 12.69 24.29 -53.27
CA VAL C 487 12.60 25.67 -53.72
C VAL C 487 13.89 26.12 -54.37
N ALA C 488 15.01 25.66 -53.83
CA ALA C 488 16.32 26.00 -54.36
C ALA C 488 16.52 25.39 -55.74
N ALA C 489 15.99 24.19 -55.93
CA ALA C 489 16.08 23.46 -57.20
C ALA C 489 15.29 24.19 -58.29
N GLY C 490 14.15 24.73 -57.91
CA GLY C 490 13.33 25.46 -58.86
C GLY C 490 12.34 24.59 -59.60
N SER C 491 11.32 25.22 -60.18
CA SER C 491 10.27 24.52 -60.92
C SER C 491 10.75 23.88 -62.21
N GLU C 492 11.66 24.55 -62.92
CA GLU C 492 12.18 24.04 -64.19
C GLU C 492 12.84 22.66 -64.13
N VAL C 493 13.00 22.11 -62.93
CA VAL C 493 13.60 20.79 -62.81
C VAL C 493 12.73 19.87 -61.96
N GLY C 494 11.60 20.39 -61.51
CA GLY C 494 10.69 19.59 -60.71
C GLY C 494 10.38 20.16 -59.34
N GLY C 495 11.09 21.19 -58.93
CA GLY C 495 10.84 21.76 -57.62
C GLY C 495 9.76 22.83 -57.63
N TYR C 496 9.93 23.83 -56.78
CA TYR C 496 8.97 24.93 -56.68
C TYR C 496 9.71 26.25 -56.76
N ASP C 497 8.97 27.32 -57.02
CA ASP C 497 9.59 28.63 -57.10
C ASP C 497 9.36 29.41 -55.82
N SER C 498 8.47 28.90 -54.97
CA SER C 498 8.15 29.53 -53.70
C SER C 498 7.93 28.50 -52.61
N ILE C 499 8.25 28.85 -51.38
CA ILE C 499 8.05 27.93 -50.27
C ILE C 499 6.53 27.77 -50.09
N GLU C 500 5.76 28.78 -50.50
CA GLU C 500 4.30 28.70 -50.39
C GLU C 500 3.78 27.57 -51.28
N GLU C 501 4.20 27.58 -52.55
CA GLU C 501 3.80 26.57 -53.51
C GLU C 501 4.18 25.17 -53.03
N ALA C 502 5.40 25.05 -52.52
CA ALA C 502 5.87 23.77 -52.02
C ALA C 502 4.99 23.33 -50.86
N ALA C 503 4.75 24.27 -49.93
CA ALA C 503 3.94 23.99 -48.77
C ALA C 503 2.56 23.48 -49.12
N LYS C 504 1.94 24.12 -50.10
CA LYS C 504 0.61 23.75 -50.54
C LYS C 504 0.52 22.27 -50.94
N LYS C 505 1.61 21.73 -51.48
CA LYS C 505 1.60 20.33 -51.92
C LYS C 505 2.33 19.37 -50.98
N MET C 506 3.29 19.89 -50.22
CA MET C 506 4.08 19.06 -49.32
C MET C 506 3.71 19.18 -47.83
N GLY C 507 2.96 20.22 -47.48
CA GLY C 507 2.56 20.42 -46.09
C GLY C 507 1.55 19.40 -45.63
N ARG C 508 1.84 18.70 -44.54
CA ARG C 508 0.93 17.68 -44.05
C ARG C 508 0.41 17.85 -42.62
N VAL C 509 -0.91 17.78 -42.48
CA VAL C 509 -1.59 17.90 -41.19
C VAL C 509 -2.64 16.80 -41.13
N LYS C 510 -2.90 16.26 -39.94
CA LYS C 510 -3.91 15.22 -39.78
C LYS C 510 -5.28 15.82 -40.08
N ASP C 511 -6.26 14.98 -40.41
CA ASP C 511 -7.57 15.55 -40.71
C ASP C 511 -8.33 15.81 -39.43
N GLU C 512 -7.99 15.06 -38.38
CA GLU C 512 -8.62 15.23 -37.08
C GLU C 512 -7.95 16.40 -36.38
N THR C 513 -8.72 17.45 -36.11
CA THR C 513 -8.18 18.61 -35.40
C THR C 513 -8.83 18.70 -34.02
N PHE C 514 -8.19 19.42 -33.11
CA PHE C 514 -8.73 19.59 -31.76
C PHE C 514 -9.48 20.90 -31.71
N LYS C 515 -10.79 20.84 -31.53
CA LYS C 515 -11.62 22.04 -31.48
C LYS C 515 -12.04 22.37 -30.06
N PRO C 516 -12.00 23.66 -29.70
CA PRO C 516 -12.41 24.02 -28.34
C PRO C 516 -13.85 23.63 -28.01
N ILE C 517 -14.02 23.11 -26.81
CA ILE C 517 -15.32 22.71 -26.30
C ILE C 517 -15.80 23.93 -25.51
N PRO C 518 -16.83 24.64 -26.02
CA PRO C 518 -17.37 25.83 -25.37
C PRO C 518 -17.55 25.87 -23.86
N GLU C 519 -18.04 24.79 -23.25
CA GLU C 519 -18.23 24.78 -21.80
C GLU C 519 -16.89 24.74 -21.07
N HIS C 520 -15.85 24.22 -21.72
CA HIS C 520 -14.52 24.15 -21.12
C HIS C 520 -13.82 25.49 -21.26
N VAL C 521 -13.99 26.14 -22.40
CA VAL C 521 -13.32 27.41 -22.60
C VAL C 521 -13.84 28.39 -21.55
N ALA C 522 -15.09 28.21 -21.13
CA ALA C 522 -15.67 29.08 -20.12
C ALA C 522 -15.06 28.80 -18.73
N ILE C 523 -14.90 27.53 -18.36
CA ILE C 523 -14.32 27.23 -17.06
C ILE C 523 -12.85 27.64 -17.09
N TYR C 524 -12.17 27.29 -18.17
CA TYR C 524 -10.76 27.62 -18.32
C TYR C 524 -10.48 29.10 -18.34
N GLU C 525 -11.43 29.90 -18.82
CA GLU C 525 -11.25 31.35 -18.85
C GLU C 525 -11.05 31.86 -17.43
N LYS C 526 -11.80 31.31 -16.48
CA LYS C 526 -11.68 31.71 -15.08
C LYS C 526 -10.40 31.17 -14.42
N LEU C 527 -10.04 29.94 -14.73
CA LEU C 527 -8.82 29.38 -14.18
C LEU C 527 -7.62 30.17 -14.69
N TYR C 528 -7.67 30.58 -15.95
CA TYR C 528 -6.55 31.33 -16.52
C TYR C 528 -6.37 32.67 -15.83
N GLN C 529 -7.47 33.35 -15.53
CA GLN C 529 -7.38 34.65 -14.85
C GLN C 529 -6.72 34.47 -13.48
N GLU C 530 -6.95 33.33 -12.83
CA GLU C 530 -6.33 33.07 -11.54
C GLU C 530 -4.84 32.88 -11.79
N TYR C 531 -4.53 32.19 -12.88
CA TYR C 531 -3.15 31.93 -13.25
C TYR C 531 -2.43 33.25 -13.49
N VAL C 532 -3.07 34.11 -14.28
CA VAL C 532 -2.53 35.43 -14.63
C VAL C 532 -2.10 36.19 -13.38
N THR C 533 -3.04 36.36 -12.45
CA THR C 533 -2.79 37.06 -11.20
C THR C 533 -1.55 36.50 -10.47
N LEU C 534 -1.50 35.18 -10.29
CA LEU C 534 -0.37 34.56 -9.62
C LEU C 534 0.89 34.71 -10.48
N HIS C 535 0.71 34.57 -11.79
CA HIS C 535 1.83 34.73 -12.73
C HIS C 535 2.51 36.10 -12.50
N ASP C 536 1.71 37.17 -12.48
CA ASP C 536 2.27 38.51 -12.26
C ASP C 536 2.74 38.80 -10.82
N TYR C 537 2.03 38.26 -9.83
CA TYR C 537 2.39 38.47 -8.43
C TYR C 537 3.79 37.95 -8.14
N PHE C 538 4.02 36.68 -8.49
CA PHE C 538 5.29 36.00 -8.30
C PHE C 538 6.35 36.33 -9.34
N GLY C 539 5.93 36.66 -10.55
CA GLY C 539 6.89 36.93 -11.60
C GLY C 539 7.13 38.36 -12.05
N ARG C 540 6.38 39.33 -11.53
CA ARG C 540 6.58 40.71 -11.94
C ARG C 540 7.08 41.63 -10.83
N GLY C 541 7.65 41.04 -9.78
CA GLY C 541 8.20 41.84 -8.70
C GLY C 541 7.39 42.17 -7.45
N ALA C 542 6.11 41.87 -7.42
CA ALA C 542 5.34 42.19 -6.21
C ALA C 542 5.88 41.39 -5.01
N ASN C 543 6.37 40.18 -5.30
CA ASN C 543 6.93 39.30 -4.29
C ASN C 543 7.98 38.44 -4.96
N ASP C 544 9.25 38.69 -4.66
CA ASP C 544 10.31 37.91 -5.28
C ASP C 544 10.83 36.75 -4.42
N VAL C 545 9.94 36.12 -3.66
CA VAL C 545 10.28 34.98 -2.79
C VAL C 545 10.93 33.83 -3.55
N MET C 546 10.57 33.66 -4.82
CA MET C 546 11.15 32.57 -5.60
C MET C 546 12.66 32.78 -5.75
N LYS C 547 13.08 33.99 -6.10
CA LYS C 547 14.50 34.29 -6.28
C LYS C 547 15.24 34.20 -4.93
N ARG C 548 14.60 34.69 -3.87
CA ARG C 548 15.23 34.63 -2.55
C ARG C 548 15.35 33.16 -2.09
N LEU C 549 14.40 32.33 -2.49
CA LEU C 549 14.45 30.92 -2.13
C LEU C 549 15.65 30.26 -2.78
N LYS C 550 15.83 30.53 -4.07
CA LYS C 550 16.94 29.94 -4.80
C LYS C 550 18.31 30.38 -4.29
N ALA C 551 18.44 31.66 -3.96
CA ALA C 551 19.70 32.19 -3.46
C ALA C 551 20.03 31.49 -2.15
N LEU C 552 19.05 31.40 -1.27
CA LEU C 552 19.22 30.75 0.02
C LEU C 552 19.62 29.29 -0.20
N LYS C 553 18.99 28.66 -1.19
CA LYS C 553 19.30 27.27 -1.51
C LYS C 553 20.78 27.06 -1.90
N SER C 554 21.30 27.90 -2.79
CA SER C 554 22.70 27.74 -3.22
C SER C 554 23.74 27.91 -2.11
N ILE C 555 23.38 28.63 -1.04
CA ILE C 555 24.27 28.83 0.09
C ILE C 555 24.17 27.64 1.05
N GLN C 556 22.97 27.07 1.11
CA GLN C 556 22.74 25.93 2.00
C GLN C 556 23.08 24.59 1.38
N HIS C 557 23.07 24.53 0.05
CA HIS C 557 23.42 23.29 -0.63
C HIS C 557 24.92 23.37 -0.76
N ARG C 558 25.62 22.46 -0.11
CA ARG C 558 27.08 22.48 -0.16
C ARG C 558 27.63 21.14 -0.66
N LYS D 5 0.73 6.25 48.41
CA LYS D 5 -0.65 6.60 47.97
C LYS D 5 -0.77 6.65 46.44
N TYR D 6 -1.98 6.41 45.93
CA TYR D 6 -2.23 6.41 44.49
C TYR D 6 -3.61 6.96 44.14
N THR D 7 -3.79 7.30 42.87
CA THR D 7 -5.08 7.73 42.35
C THR D 7 -5.15 7.07 41.00
N ILE D 8 -6.37 6.89 40.49
CA ILE D 8 -6.55 6.27 39.19
C ILE D 8 -7.05 7.30 38.18
N GLY D 9 -6.43 7.32 37.00
CA GLY D 9 -6.85 8.21 35.95
C GLY D 9 -7.43 7.39 34.83
N VAL D 10 -8.67 7.67 34.44
CA VAL D 10 -9.29 6.92 33.35
C VAL D 10 -9.33 7.81 32.10
N ASP D 11 -8.66 7.36 31.05
CA ASP D 11 -8.58 8.12 29.80
C ASP D 11 -9.58 7.60 28.80
N TYR D 12 -10.67 8.33 28.61
CA TYR D 12 -11.69 7.91 27.67
C TYR D 12 -11.37 8.41 26.27
N GLY D 13 -10.95 7.49 25.41
CA GLY D 13 -10.61 7.84 24.06
C GLY D 13 -11.82 7.75 23.16
N THR D 14 -11.60 7.85 21.85
CA THR D 14 -12.70 7.79 20.91
C THR D 14 -13.25 6.39 20.75
N GLU D 15 -12.38 5.38 20.80
CA GLU D 15 -12.81 3.99 20.61
C GLU D 15 -12.56 3.04 21.77
N SER D 16 -11.83 3.50 22.78
CA SER D 16 -11.51 2.67 23.93
C SER D 16 -11.30 3.52 25.17
N GLY D 17 -11.24 2.86 26.32
CA GLY D 17 -11.02 3.54 27.59
C GLY D 17 -9.88 2.86 28.30
N ARG D 18 -9.03 3.65 28.94
CA ARG D 18 -7.87 3.11 29.64
C ARG D 18 -7.74 3.60 31.06
N ALA D 19 -7.57 2.66 31.98
CA ALA D 19 -7.40 2.98 33.39
C ALA D 19 -5.92 2.85 33.69
N VAL D 20 -5.36 3.81 34.42
CA VAL D 20 -3.95 3.73 34.77
C VAL D 20 -3.77 4.05 36.26
N LEU D 21 -3.02 3.20 36.96
CA LEU D 21 -2.77 3.41 38.38
C LEU D 21 -1.51 4.25 38.44
N ILE D 22 -1.57 5.38 39.14
CA ILE D 22 -0.42 6.25 39.23
C ILE D 22 -0.01 6.60 40.65
N ASP D 23 1.30 6.55 40.90
CA ASP D 23 1.82 6.86 42.21
C ASP D 23 1.90 8.36 42.41
N LEU D 24 1.39 8.82 43.55
CA LEU D 24 1.36 10.24 43.89
C LEU D 24 2.67 10.89 44.28
N SER D 25 3.70 10.09 44.53
CA SER D 25 4.97 10.66 44.93
C SER D 25 5.89 10.97 43.74
N ASN D 26 5.57 10.39 42.58
CA ASN D 26 6.40 10.62 41.39
C ASN D 26 5.61 10.56 40.08
N GLY D 27 4.30 10.42 40.18
CA GLY D 27 3.46 10.36 38.99
C GLY D 27 3.70 9.18 38.08
N GLN D 28 4.45 8.19 38.56
CA GLN D 28 4.74 7.02 37.73
C GLN D 28 3.55 6.10 37.56
N GLU D 29 3.49 5.44 36.41
CA GLU D 29 2.40 4.50 36.09
C GLU D 29 2.85 3.08 36.39
N LEU D 30 2.27 2.41 37.39
CA LEU D 30 2.71 1.04 37.65
C LEU D 30 1.86 -0.02 36.95
N ALA D 31 0.70 0.39 36.42
CA ALA D 31 -0.17 -0.56 35.70
C ALA D 31 -1.27 0.14 34.93
N ASP D 32 -1.66 -0.44 33.79
CA ASP D 32 -2.74 0.13 33.00
C ASP D 32 -3.45 -0.96 32.22
N HIS D 33 -4.69 -0.70 31.86
CA HIS D 33 -5.49 -1.67 31.12
C HIS D 33 -6.48 -0.94 30.23
N VAL D 34 -6.65 -1.43 29.01
CA VAL D 34 -7.55 -0.79 28.07
C VAL D 34 -8.71 -1.70 27.68
N THR D 35 -9.92 -1.16 27.72
CA THR D 35 -11.10 -1.91 27.30
C THR D 35 -11.74 -1.18 26.15
N PRO D 36 -11.82 -1.84 24.98
CA PRO D 36 -12.43 -1.19 23.82
C PRO D 36 -13.94 -1.09 24.04
N TYR D 37 -14.57 -0.09 23.46
CA TYR D 37 -16.02 0.04 23.62
C TYR D 37 -16.61 -1.05 22.76
N ARG D 38 -17.55 -1.84 23.30
CA ARG D 38 -18.11 -2.92 22.51
C ARG D 38 -18.94 -2.49 21.30
N HIS D 39 -19.37 -1.23 21.26
CA HIS D 39 -20.13 -0.73 20.12
C HIS D 39 -19.32 0.30 19.33
N GLY D 40 -18.05 0.44 19.68
CA GLY D 40 -17.16 1.38 19.00
C GLY D 40 -17.77 2.73 18.70
N VAL D 41 -17.51 3.24 17.49
CA VAL D 41 -18.07 4.51 17.03
C VAL D 41 -19.28 4.18 16.16
N ILE D 42 -20.47 4.64 16.56
CA ILE D 42 -21.66 4.34 15.77
C ILE D 42 -21.92 5.44 14.76
N ASP D 43 -21.42 5.22 13.54
CA ASP D 43 -21.60 6.20 12.47
C ASP D 43 -22.30 5.62 11.23
N GLN D 44 -22.80 4.39 11.34
CA GLN D 44 -23.49 3.75 10.22
C GLN D 44 -24.93 3.40 10.57
N TYR D 45 -25.11 2.54 11.56
CA TYR D 45 -26.44 2.14 12.01
C TYR D 45 -26.44 1.97 13.51
N LEU D 46 -27.59 2.17 14.13
CA LEU D 46 -27.71 1.96 15.57
C LEU D 46 -27.37 0.50 15.82
N PRO D 47 -26.67 0.19 16.93
CA PRO D 47 -26.29 -1.19 17.24
C PRO D 47 -27.32 -2.26 16.88
N ASN D 48 -26.86 -3.24 16.12
CA ASN D 48 -27.68 -4.36 15.64
C ASN D 48 -29.11 -4.01 15.29
N THR D 49 -29.25 -3.16 14.28
CA THR D 49 -30.55 -2.74 13.78
C THR D 49 -30.27 -2.30 12.36
N ASN D 50 -31.31 -1.87 11.63
CA ASN D 50 -31.12 -1.42 10.25
C ASN D 50 -31.49 0.06 10.07
N ILE D 51 -31.48 0.80 11.17
CA ILE D 51 -31.79 2.23 11.14
C ILE D 51 -30.50 2.96 10.74
N LYS D 52 -30.44 3.38 9.48
CA LYS D 52 -29.28 4.07 8.90
C LYS D 52 -29.09 5.52 9.34
N LEU D 53 -27.95 5.81 9.94
CA LEU D 53 -27.66 7.17 10.36
C LEU D 53 -27.37 8.05 9.16
N GLY D 54 -27.56 9.35 9.34
CA GLY D 54 -27.30 10.28 8.27
C GLY D 54 -25.83 10.53 8.03
N HIS D 55 -25.56 11.44 7.11
CA HIS D 55 -24.20 11.81 6.73
C HIS D 55 -23.64 12.71 7.82
N GLU D 56 -22.35 12.54 8.12
CA GLU D 56 -21.68 13.35 9.14
C GLU D 56 -22.12 12.98 10.57
N TRP D 57 -22.72 11.80 10.73
CA TRP D 57 -23.18 11.34 12.03
C TRP D 57 -22.17 10.51 12.80
N ALA D 58 -22.12 10.72 14.11
CA ALA D 58 -21.20 9.97 14.97
C ALA D 58 -21.77 9.85 16.38
N LEU D 59 -22.28 8.67 16.70
CA LEU D 59 -22.88 8.36 18.00
C LEU D 59 -22.01 7.38 18.80
N GLN D 60 -22.41 7.13 20.06
CA GLN D 60 -21.68 6.21 20.92
C GLN D 60 -22.62 5.66 21.99
N HIS D 61 -22.37 4.44 22.44
CA HIS D 61 -23.20 3.79 23.45
C HIS D 61 -22.64 4.14 24.82
N PRO D 62 -23.43 4.84 25.66
CA PRO D 62 -22.95 5.22 26.99
C PRO D 62 -22.63 4.09 27.97
N LEU D 63 -23.17 2.90 27.77
CA LEU D 63 -22.85 1.81 28.70
C LEU D 63 -21.42 1.32 28.53
N ASP D 64 -20.84 1.59 27.36
CA ASP D 64 -19.48 1.19 27.10
C ASP D 64 -18.56 1.92 28.08
N TYR D 65 -18.95 3.14 28.42
CA TYR D 65 -18.15 3.94 29.34
C TYR D 65 -18.12 3.31 30.74
N VAL D 66 -19.27 2.84 31.23
CA VAL D 66 -19.29 2.23 32.55
C VAL D 66 -18.54 0.90 32.46
N GLU D 67 -18.63 0.27 31.30
CA GLU D 67 -17.94 -0.99 31.05
C GLU D 67 -16.45 -0.85 31.38
N VAL D 68 -15.86 0.23 30.87
CA VAL D 68 -14.44 0.49 31.12
C VAL D 68 -14.21 0.52 32.63
N LEU D 69 -15.04 1.29 33.32
CA LEU D 69 -14.93 1.41 34.77
C LEU D 69 -14.95 0.08 35.51
N THR D 70 -15.87 -0.81 35.12
CA THR D 70 -15.96 -2.10 35.79
C THR D 70 -15.12 -3.22 35.18
N THR D 71 -14.29 -2.88 34.19
CA THR D 71 -13.43 -3.89 33.56
C THR D 71 -11.94 -3.53 33.74
N SER D 72 -11.53 -2.37 33.24
CA SER D 72 -10.14 -1.92 33.32
C SER D 72 -9.66 -1.53 34.72
N VAL D 73 -10.52 -0.88 35.48
CA VAL D 73 -10.15 -0.50 36.83
C VAL D 73 -9.90 -1.76 37.66
N PRO D 74 -10.82 -2.74 37.60
CA PRO D 74 -10.58 -3.96 38.38
C PRO D 74 -9.26 -4.61 37.96
N ALA D 75 -9.03 -4.69 36.64
CA ALA D 75 -7.81 -5.31 36.11
C ALA D 75 -6.52 -4.65 36.61
N VAL D 76 -6.47 -3.33 36.55
CA VAL D 76 -5.31 -2.60 37.00
C VAL D 76 -5.05 -2.82 38.50
N MET D 77 -6.13 -3.01 39.25
CA MET D 77 -6.02 -3.23 40.68
C MET D 77 -5.40 -4.59 40.95
N LYS D 78 -5.71 -5.57 40.09
CA LYS D 78 -5.16 -6.91 40.24
C LYS D 78 -3.70 -7.01 39.79
N GLU D 79 -3.33 -6.27 38.74
CA GLU D 79 -1.95 -6.27 38.26
C GLU D 79 -1.10 -5.64 39.37
N SER D 80 -0.06 -6.33 39.82
CA SER D 80 0.78 -5.80 40.90
C SER D 80 -0.11 -5.08 41.90
N GLY D 81 -1.09 -5.82 42.40
CA GLY D 81 -2.08 -5.31 43.32
C GLY D 81 -1.79 -4.48 44.58
N VAL D 82 -1.94 -3.16 44.44
CA VAL D 82 -1.77 -2.26 45.58
C VAL D 82 -3.01 -2.52 46.44
N ASP D 83 -3.00 -2.03 47.69
CA ASP D 83 -4.16 -2.23 48.56
C ASP D 83 -5.21 -1.15 48.26
N ALA D 84 -6.47 -1.55 48.13
CA ALA D 84 -7.54 -0.61 47.84
C ALA D 84 -7.52 0.58 48.78
N ASP D 85 -7.07 0.34 50.01
CA ASP D 85 -6.99 1.41 51.01
C ASP D 85 -6.01 2.51 50.64
N ASP D 86 -5.16 2.25 49.65
CA ASP D 86 -4.18 3.25 49.21
C ASP D 86 -4.62 3.99 47.94
N VAL D 87 -5.70 3.54 47.32
CA VAL D 87 -6.19 4.24 46.13
C VAL D 87 -7.07 5.29 46.76
N ILE D 88 -6.51 6.50 46.78
CA ILE D 88 -7.10 7.67 47.40
C ILE D 88 -8.14 8.45 46.62
N GLY D 89 -8.20 8.23 45.31
CA GLY D 89 -9.15 8.95 44.48
C GLY D 89 -9.17 8.48 43.03
N ILE D 90 -10.12 8.98 42.27
CA ILE D 90 -10.24 8.60 40.87
C ILE D 90 -10.71 9.79 40.03
N GLY D 91 -10.12 9.94 38.85
CA GLY D 91 -10.47 11.03 37.95
C GLY D 91 -10.54 10.53 36.51
N VAL D 92 -11.18 11.30 35.64
CA VAL D 92 -11.30 10.93 34.24
C VAL D 92 -11.08 12.11 33.29
N ASP D 93 -10.69 11.79 32.04
CA ASP D 93 -10.50 12.79 30.98
C ASP D 93 -11.24 12.13 29.79
N PHE D 94 -12.00 12.94 29.06
CA PHE D 94 -12.84 12.45 27.96
C PHE D 94 -12.65 13.26 26.66
N THR D 95 -13.06 12.66 25.54
CA THR D 95 -13.00 13.35 24.25
C THR D 95 -13.97 14.49 24.51
N ALA D 96 -13.74 15.67 23.93
CA ALA D 96 -14.62 16.79 24.24
C ALA D 96 -15.64 17.33 23.25
N CYS D 97 -16.81 17.34 23.88
CA CYS D 97 -18.13 17.68 23.44
C CYS D 97 -18.67 16.48 22.76
N THR D 98 -18.82 15.53 23.65
CA THR D 98 -19.34 14.21 23.45
C THR D 98 -20.46 14.34 24.48
N MET D 99 -21.61 14.86 24.02
CA MET D 99 -22.76 15.11 24.87
C MET D 99 -23.83 14.05 24.70
N LEU D 100 -24.72 14.01 25.69
CA LEU D 100 -25.84 13.09 25.68
C LEU D 100 -26.98 13.58 26.55
N PRO D 101 -28.22 13.40 26.07
CA PRO D 101 -29.40 13.82 26.82
C PRO D 101 -29.70 12.74 27.86
N VAL D 102 -30.15 13.14 29.06
CA VAL D 102 -30.46 12.17 30.13
C VAL D 102 -31.79 12.53 30.79
N ASP D 103 -32.41 11.57 31.45
CA ASP D 103 -33.69 11.82 32.12
C ASP D 103 -33.48 12.46 33.47
N GLU D 104 -34.58 12.69 34.18
CA GLU D 104 -34.49 13.31 35.50
C GLU D 104 -33.68 12.50 36.51
N GLU D 105 -33.45 11.22 36.23
CA GLU D 105 -32.66 10.40 37.13
C GLU D 105 -31.21 10.26 36.63
N GLY D 106 -30.82 11.14 35.70
CA GLY D 106 -29.47 11.12 35.19
C GLY D 106 -29.12 9.96 34.29
N GLN D 107 -30.12 9.28 33.74
CA GLN D 107 -29.85 8.15 32.86
C GLN D 107 -30.05 8.56 31.42
N PRO D 108 -29.17 8.07 30.52
CA PRO D 108 -29.33 8.45 29.11
C PRO D 108 -30.64 7.95 28.52
N LEU D 109 -31.23 8.77 27.64
CA LEU D 109 -32.48 8.44 26.99
C LEU D 109 -32.37 7.25 26.05
N CYS D 110 -31.18 7.04 25.47
CA CYS D 110 -30.99 5.93 24.53
C CYS D 110 -31.15 4.56 25.16
N LEU D 111 -31.41 4.52 26.46
CA LEU D 111 -31.61 3.25 27.16
C LEU D 111 -33.10 3.00 27.34
N LEU D 112 -33.88 4.08 27.23
CA LEU D 112 -35.32 3.98 27.37
C LEU D 112 -35.93 3.34 26.13
N ALA D 113 -36.82 2.38 26.36
CA ALA D 113 -37.49 1.64 25.32
C ALA D 113 -38.11 2.52 24.24
N GLN D 114 -38.84 3.56 24.62
CA GLN D 114 -39.48 4.39 23.60
C GLN D 114 -38.62 5.46 22.94
N TYR D 115 -37.30 5.37 23.11
CA TYR D 115 -36.42 6.36 22.50
C TYR D 115 -35.15 5.80 21.91
N LYS D 116 -34.79 4.58 22.29
CA LYS D 116 -33.57 3.94 21.81
C LYS D 116 -33.48 3.78 20.29
N ASP D 117 -34.61 3.86 19.60
CA ASP D 117 -34.59 3.71 18.16
C ASP D 117 -34.52 5.04 17.45
N ASN D 118 -34.52 6.12 18.23
CA ASN D 118 -34.40 7.46 17.71
C ASN D 118 -32.91 7.79 17.85
N PRO D 119 -32.25 8.14 16.76
CA PRO D 119 -30.81 8.46 16.80
C PRO D 119 -30.45 9.60 17.76
N HIS D 120 -31.28 10.62 17.82
CA HIS D 120 -30.99 11.75 18.68
C HIS D 120 -31.01 11.53 20.19
N SER D 121 -31.38 10.35 20.64
CA SER D 121 -31.40 10.10 22.08
C SER D 121 -30.07 9.50 22.51
N TRP D 122 -29.16 9.33 21.56
CA TRP D 122 -27.86 8.76 21.87
C TRP D 122 -26.79 9.79 22.17
N VAL D 123 -25.59 9.30 22.47
CA VAL D 123 -24.46 10.16 22.73
C VAL D 123 -24.00 10.74 21.40
N LYS D 124 -23.78 12.05 21.37
CA LYS D 124 -23.30 12.71 20.16
C LYS D 124 -21.79 12.89 20.31
N LEU D 125 -21.06 12.04 19.60
CA LEU D 125 -19.60 12.04 19.63
C LEU D 125 -19.00 13.38 19.20
N TRP D 126 -17.81 13.69 19.72
CA TRP D 126 -17.16 14.94 19.37
C TRP D 126 -17.06 15.12 17.87
N LYS D 127 -16.78 14.05 17.13
CA LYS D 127 -16.63 14.17 15.68
C LYS D 127 -17.94 14.18 14.89
N HIS D 128 -19.07 14.22 15.60
CA HIS D 128 -20.37 14.31 14.95
C HIS D 128 -20.45 15.74 14.41
N HIS D 129 -20.50 15.88 13.09
CA HIS D 129 -20.56 17.19 12.44
C HIS D 129 -21.87 17.48 11.71
N ALA D 130 -22.90 16.67 11.92
CA ALA D 130 -24.15 16.89 11.20
C ALA D 130 -24.87 18.19 11.57
N ALA D 131 -24.44 18.84 12.64
CA ALA D 131 -25.11 20.08 13.03
C ALA D 131 -24.39 21.36 12.60
N GLN D 132 -23.57 21.25 11.55
CA GLN D 132 -22.82 22.41 11.05
C GLN D 132 -23.78 23.54 10.69
N ASP D 133 -24.96 23.18 10.18
CA ASP D 133 -25.96 24.16 9.80
C ASP D 133 -26.36 25.01 11.01
N LYS D 134 -26.60 24.36 12.14
CA LYS D 134 -26.98 25.05 13.37
C LYS D 134 -25.81 25.90 13.87
N ALA D 135 -24.58 25.40 13.67
CA ALA D 135 -23.40 26.14 14.08
C ALA D 135 -23.34 27.41 13.25
N ASN D 136 -23.48 27.25 11.94
CA ASN D 136 -23.44 28.41 11.04
C ASN D 136 -24.48 29.43 11.47
N ALA D 137 -25.64 28.94 11.90
CA ALA D 137 -26.71 29.85 12.32
C ALA D 137 -26.35 30.55 13.63
N ILE D 138 -25.74 29.83 14.55
CA ILE D 138 -25.34 30.41 15.83
C ILE D 138 -24.30 31.52 15.62
N ASN D 139 -23.36 31.28 14.70
CA ASN D 139 -22.31 32.25 14.40
C ASN D 139 -22.88 33.49 13.74
N GLU D 140 -23.80 33.27 12.82
CA GLU D 140 -24.43 34.37 12.11
C GLU D 140 -25.29 35.22 13.04
N MET D 141 -26.07 34.61 13.92
CA MET D 141 -26.89 35.41 14.83
C MET D 141 -25.99 36.21 15.79
N ALA D 142 -24.93 35.57 16.29
CA ALA D 142 -24.01 36.23 17.20
C ALA D 142 -23.33 37.41 16.54
N GLU D 143 -22.95 37.24 15.28
CA GLU D 143 -22.29 38.30 14.53
C GLU D 143 -23.22 39.49 14.34
N LYS D 144 -24.47 39.25 13.96
CA LYS D 144 -25.42 40.34 13.75
C LYS D 144 -25.80 41.00 15.08
N ARG D 145 -25.84 40.23 16.16
CA ARG D 145 -26.18 40.77 17.47
C ARG D 145 -24.99 41.43 18.15
N GLY D 146 -23.80 41.30 17.56
CA GLY D 146 -22.61 41.90 18.14
C GLY D 146 -22.29 41.32 19.51
N GLU D 147 -22.68 40.07 19.73
CA GLU D 147 -22.43 39.39 21.00
C GLU D 147 -20.95 39.35 21.39
N ALA D 148 -20.66 39.78 22.61
CA ALA D 148 -19.29 39.80 23.10
C ALA D 148 -18.67 38.42 23.18
N PHE D 149 -19.48 37.37 23.36
CA PHE D 149 -18.90 36.05 23.46
C PHE D 149 -18.20 35.55 22.21
N LEU D 150 -18.69 35.95 21.04
CA LEU D 150 -18.13 35.47 19.78
C LEU D 150 -16.59 35.58 19.67
N PRO D 151 -16.03 36.77 19.93
CA PRO D 151 -14.57 36.95 19.83
C PRO D 151 -13.77 36.06 20.80
N ARG D 152 -14.41 35.62 21.89
CA ARG D 152 -13.72 34.77 22.84
C ARG D 152 -13.49 33.38 22.26
N TYR D 153 -14.11 33.09 21.12
CA TYR D 153 -13.90 31.80 20.48
C TYR D 153 -13.36 32.02 19.08
N GLY D 154 -12.70 33.16 18.91
CA GLY D 154 -12.11 33.50 17.62
C GLY D 154 -13.12 33.75 16.52
N GLY D 155 -14.35 34.07 16.91
CA GLY D 155 -15.41 34.34 15.95
C GLY D 155 -16.13 33.13 15.39
N LYS D 156 -15.93 31.94 15.97
CA LYS D 156 -16.62 30.78 15.43
C LYS D 156 -16.92 29.63 16.40
N ILE D 157 -18.21 29.37 16.57
CA ILE D 157 -18.66 28.27 17.42
C ILE D 157 -18.62 27.06 16.50
N SER D 158 -18.13 25.94 17.00
CA SER D 158 -18.00 24.72 16.19
C SER D 158 -19.25 23.83 16.11
N SER D 159 -19.29 22.98 15.10
CA SER D 159 -20.41 22.06 14.92
C SER D 159 -20.31 20.97 15.99
N GLU D 160 -19.10 20.76 16.48
CA GLU D 160 -18.87 19.73 17.47
C GLU D 160 -19.31 20.12 18.89
N TRP D 161 -19.44 21.42 19.14
CA TRP D 161 -19.77 21.86 20.49
C TRP D 161 -21.24 21.73 20.92
N MET D 162 -21.47 21.93 22.21
CA MET D 162 -22.78 21.78 22.84
C MET D 162 -24.01 22.45 22.22
N ILE D 163 -23.97 23.77 22.01
CA ILE D 163 -25.14 24.45 21.47
C ILE D 163 -25.60 24.03 20.08
N ALA D 164 -24.67 23.77 19.19
CA ALA D 164 -25.05 23.33 17.86
C ALA D 164 -25.74 21.97 17.93
N LYS D 165 -25.23 21.08 18.79
CA LYS D 165 -25.84 19.76 18.92
C LYS D 165 -27.20 19.80 19.61
N VAL D 166 -27.38 20.68 20.58
CA VAL D 166 -28.67 20.76 21.26
C VAL D 166 -29.75 21.31 20.33
N TRP D 167 -29.40 22.34 19.57
CA TRP D 167 -30.35 22.96 18.64
C TRP D 167 -30.75 21.92 17.62
N GLN D 168 -29.80 21.11 17.17
CA GLN D 168 -30.08 20.08 16.18
C GLN D 168 -31.16 19.14 16.69
N ILE D 169 -31.12 18.79 17.98
CA ILE D 169 -32.12 17.90 18.54
C ILE D 169 -33.49 18.57 18.60
N LEU D 170 -33.50 19.82 19.04
CA LEU D 170 -34.76 20.56 19.13
C LEU D 170 -35.43 20.58 17.77
N ASP D 171 -34.64 20.93 16.76
CA ASP D 171 -35.15 21.04 15.40
C ASP D 171 -35.59 19.72 14.78
N GLU D 172 -34.74 18.71 14.86
CA GLU D 172 -35.04 17.43 14.25
C GLU D 172 -35.81 16.41 15.09
N ALA D 173 -35.79 16.54 16.42
CA ALA D 173 -36.49 15.61 17.28
C ALA D 173 -36.99 16.32 18.53
N GLU D 174 -37.93 17.23 18.35
CA GLU D 174 -38.49 17.98 19.45
C GLU D 174 -38.99 17.09 20.61
N ASP D 175 -39.41 15.87 20.29
CA ASP D 175 -39.89 14.97 21.33
C ASP D 175 -38.73 14.52 22.24
N VAL D 176 -37.55 14.31 21.65
CA VAL D 176 -36.39 13.93 22.46
C VAL D 176 -36.03 15.14 23.32
N TYR D 177 -35.98 16.31 22.69
CA TYR D 177 -35.66 17.57 23.38
C TYR D 177 -36.53 17.81 24.63
N ASN D 178 -37.84 17.64 24.47
CA ASN D 178 -38.76 17.87 25.58
C ASN D 178 -38.71 16.79 26.65
N ARG D 179 -38.29 15.58 26.29
CA ARG D 179 -38.22 14.51 27.26
C ARG D 179 -36.92 14.57 28.04
N THR D 180 -35.97 15.33 27.52
CA THR D 180 -34.67 15.46 28.15
C THR D 180 -34.70 16.38 29.37
N ASP D 181 -34.24 15.86 30.50
CA ASP D 181 -34.20 16.66 31.71
C ASP D 181 -32.99 17.61 31.63
N GLN D 182 -31.95 17.16 30.96
CA GLN D 182 -30.74 17.97 30.75
C GLN D 182 -29.74 17.25 29.87
N PHE D 183 -28.92 18.03 29.18
CA PHE D 183 -27.90 17.50 28.31
C PHE D 183 -26.61 17.55 29.12
N LEU D 184 -25.80 16.50 29.06
CA LEU D 184 -24.56 16.46 29.81
C LEU D 184 -23.37 15.99 29.00
N GLU D 185 -22.22 16.58 29.29
CA GLU D 185 -20.95 16.22 28.67
C GLU D 185 -20.69 14.81 29.21
N ALA D 186 -20.16 13.92 28.38
CA ALA D 186 -19.90 12.54 28.82
C ALA D 186 -18.94 12.51 30.00
N THR D 187 -17.98 13.41 30.04
CA THR D 187 -17.05 13.41 31.15
C THR D 187 -17.83 13.72 32.43
N ASP D 188 -18.84 14.60 32.36
CA ASP D 188 -19.62 14.90 33.56
C ASP D 188 -20.54 13.74 33.89
N TRP D 189 -21.12 13.10 32.87
CA TRP D 189 -22.03 12.00 33.12
C TRP D 189 -21.33 10.79 33.71
N ILE D 190 -20.14 10.48 33.24
CA ILE D 190 -19.42 9.34 33.75
C ILE D 190 -19.08 9.50 35.23
N VAL D 191 -18.62 10.67 35.67
CA VAL D 191 -18.31 10.82 37.09
C VAL D 191 -19.61 10.84 37.89
N SER D 192 -20.70 11.13 37.17
CA SER D 192 -22.02 11.15 37.77
C SER D 192 -22.46 9.74 38.15
N GLN D 193 -22.01 8.76 37.38
CA GLN D 193 -22.32 7.36 37.62
C GLN D 193 -21.52 6.81 38.77
N MET D 194 -20.34 7.39 39.00
CA MET D 194 -19.50 6.96 40.10
C MET D 194 -19.92 7.63 41.40
N THR D 195 -20.48 8.83 41.29
CA THR D 195 -20.88 9.59 42.46
C THR D 195 -22.38 9.70 42.75
N GLY D 196 -23.21 9.52 41.73
CA GLY D 196 -24.65 9.63 41.91
C GLY D 196 -25.09 11.09 41.89
N LYS D 197 -24.12 12.00 41.71
CA LYS D 197 -24.40 13.42 41.68
C LYS D 197 -23.99 14.04 40.34
N ILE D 198 -24.80 14.99 39.88
CA ILE D 198 -24.49 15.68 38.63
C ILE D 198 -23.74 16.95 38.97
N VAL D 199 -22.44 16.97 38.68
CA VAL D 199 -21.59 18.14 38.96
C VAL D 199 -20.85 18.54 37.68
N LYS D 200 -21.22 19.69 37.11
CA LYS D 200 -20.63 20.15 35.85
C LYS D 200 -19.29 20.88 35.97
N ASN D 201 -18.31 20.42 35.20
CA ASN D 201 -16.98 21.02 35.22
C ASN D 201 -16.84 22.25 34.35
N SER D 202 -15.92 23.12 34.76
CA SER D 202 -15.64 24.37 34.08
C SER D 202 -14.93 24.21 32.74
N CYS D 203 -14.31 23.05 32.51
CA CYS D 203 -13.59 22.87 31.27
C CYS D 203 -14.52 22.78 30.07
N THR D 204 -15.37 21.76 30.03
CA THR D 204 -16.27 21.62 28.90
C THR D 204 -17.32 22.70 28.85
N ALA D 205 -17.74 23.22 30.00
CA ALA D 205 -18.73 24.28 30.01
C ALA D 205 -18.16 25.48 29.27
N GLY D 206 -16.94 25.88 29.66
CA GLY D 206 -16.29 27.02 29.04
C GLY D 206 -15.97 26.90 27.56
N TYR D 207 -15.20 25.88 27.20
CA TYR D 207 -14.83 25.70 25.80
C TYR D 207 -15.95 25.21 24.88
N LYS D 208 -16.87 24.41 25.40
CA LYS D 208 -17.91 23.85 24.56
C LYS D 208 -19.34 24.38 24.65
N ALA D 209 -19.73 24.90 25.82
CA ALA D 209 -21.10 25.38 25.98
C ALA D 209 -21.20 26.89 26.12
N ILE D 210 -20.20 27.60 25.61
CA ILE D 210 -20.13 29.06 25.64
C ILE D 210 -20.27 29.68 27.05
N TRP D 211 -19.64 29.05 28.04
CA TRP D 211 -19.69 29.55 29.42
C TRP D 211 -18.53 30.51 29.71
N HIS D 212 -18.74 31.41 30.66
CA HIS D 212 -17.72 32.38 31.06
C HIS D 212 -17.94 32.51 32.55
N LYS D 213 -16.87 32.40 33.34
CA LYS D 213 -17.02 32.47 34.78
C LYS D 213 -17.62 33.77 35.30
N ARG D 214 -17.21 34.88 34.73
CA ARG D 214 -17.71 36.17 35.20
C ARG D 214 -19.03 36.59 34.54
N GLU D 215 -19.13 36.46 33.21
CA GLU D 215 -20.35 36.84 32.50
C GLU D 215 -21.40 35.74 32.40
N GLY D 216 -21.06 34.51 32.79
CA GLY D 216 -22.03 33.42 32.68
C GLY D 216 -22.27 33.05 31.23
N TYR D 217 -23.37 32.34 30.97
CA TYR D 217 -23.74 31.93 29.62
C TYR D 217 -24.27 33.13 28.84
N PRO D 218 -24.51 32.99 27.53
CA PRO D 218 -25.04 34.16 26.82
C PRO D 218 -26.45 34.42 27.36
N SER D 219 -26.94 35.65 27.19
CA SER D 219 -28.27 36.02 27.69
C SER D 219 -29.39 35.14 27.13
N ASN D 220 -30.50 35.12 27.84
CA ASN D 220 -31.65 34.33 27.41
C ASN D 220 -32.13 34.89 26.09
N GLU D 221 -32.03 36.22 25.95
CA GLU D 221 -32.46 36.88 24.73
C GLU D 221 -31.71 36.35 23.51
N PHE D 222 -30.42 36.10 23.65
CA PHE D 222 -29.65 35.58 22.53
C PHE D 222 -30.21 34.21 22.14
N PHE D 223 -30.36 33.31 23.10
CA PHE D 223 -30.87 31.99 22.79
C PHE D 223 -32.26 32.05 22.16
N LYS D 224 -33.07 32.98 22.66
CA LYS D 224 -34.43 33.18 22.16
C LYS D 224 -34.34 33.56 20.69
N ALA D 225 -33.36 34.42 20.38
CA ALA D 225 -33.14 34.87 19.01
C ALA D 225 -32.86 33.70 18.06
N LEU D 226 -32.40 32.57 18.58
CA LEU D 226 -32.14 31.40 17.71
C LEU D 226 -33.46 30.69 17.45
N ASP D 227 -34.21 30.48 18.52
CA ASP D 227 -35.50 29.81 18.51
C ASP D 227 -36.13 30.12 19.85
N PRO D 228 -37.39 30.62 19.86
CA PRO D 228 -38.09 30.95 21.09
C PRO D 228 -38.05 29.85 22.13
N ARG D 229 -38.10 28.61 21.67
CA ARG D 229 -38.08 27.46 22.56
C ARG D 229 -36.76 27.26 23.34
N LEU D 230 -35.73 28.02 23.01
CA LEU D 230 -34.43 27.88 23.67
C LEU D 230 -34.16 28.98 24.69
N GLU D 231 -35.10 29.91 24.87
CA GLU D 231 -34.92 31.03 25.79
C GLU D 231 -34.37 30.64 27.17
N HIS D 232 -34.91 29.58 27.77
CA HIS D 232 -34.48 29.15 29.09
C HIS D 232 -33.61 27.89 29.11
N LEU D 233 -33.02 27.56 27.96
CA LEU D 233 -32.15 26.40 27.81
C LEU D 233 -31.14 26.36 28.96
N THR D 234 -30.54 27.51 29.19
CA THR D 234 -29.53 27.70 30.22
C THR D 234 -29.97 27.44 31.67
N THR D 235 -31.25 27.62 31.96
CA THR D 235 -31.69 27.38 33.33
C THR D 235 -32.52 26.12 33.44
N THR D 236 -32.57 25.35 32.35
CA THR D 236 -33.32 24.11 32.39
C THR D 236 -32.51 22.90 31.92
N LYS D 237 -32.47 22.67 30.62
CA LYS D 237 -31.74 21.51 30.09
C LYS D 237 -30.21 21.59 30.11
N LEU D 238 -29.66 22.74 30.49
CA LEU D 238 -28.22 22.89 30.61
C LEU D 238 -27.92 23.66 31.88
N ARG D 239 -28.81 23.50 32.86
CA ARG D 239 -28.68 24.16 34.16
C ARG D 239 -27.55 23.54 34.99
N GLY D 240 -27.24 24.21 36.09
CA GLY D 240 -26.21 23.71 36.98
C GLY D 240 -25.05 24.65 37.13
N ASP D 241 -24.54 24.73 38.35
CA ASP D 241 -23.41 25.59 38.65
C ASP D 241 -22.20 24.92 38.05
N ILE D 242 -21.28 25.71 37.51
CA ILE D 242 -20.09 25.15 36.92
C ILE D 242 -18.98 25.22 37.95
N VAL D 243 -18.34 24.08 38.20
CA VAL D 243 -17.28 24.00 39.20
C VAL D 243 -15.89 23.76 38.60
N PRO D 244 -14.87 24.41 39.15
CA PRO D 244 -13.49 24.28 38.66
C PRO D 244 -12.89 22.89 38.79
N LEU D 245 -11.97 22.58 37.88
CA LEU D 245 -11.25 21.32 37.84
C LEU D 245 -10.55 21.09 39.18
N GLY D 246 -10.46 19.83 39.59
CA GLY D 246 -9.78 19.52 40.84
C GLY D 246 -10.67 19.59 42.06
N GLU D 247 -11.93 19.93 41.84
CA GLU D 247 -12.89 19.99 42.94
C GLU D 247 -13.46 18.59 43.06
N ARG D 248 -13.80 18.20 44.28
CA ARG D 248 -14.35 16.88 44.54
C ARG D 248 -15.83 16.87 44.14
N ALA D 249 -16.17 16.03 43.17
CA ALA D 249 -17.56 15.93 42.72
C ALA D 249 -18.34 15.08 43.71
N GLY D 250 -17.64 14.26 44.48
CA GLY D 250 -18.31 13.43 45.45
C GLY D 250 -17.52 12.18 45.80
N GLY D 251 -18.14 11.33 46.61
CA GLY D 251 -17.50 10.08 46.99
C GLY D 251 -18.00 8.96 46.10
N LEU D 252 -17.16 7.96 45.89
CA LEU D 252 -17.53 6.84 45.06
C LEU D 252 -18.66 6.09 45.74
N LEU D 253 -19.72 5.79 44.98
CA LEU D 253 -20.86 5.05 45.51
C LEU D 253 -20.39 3.63 45.82
N PRO D 254 -20.93 3.01 46.90
CA PRO D 254 -20.59 1.65 47.33
C PRO D 254 -20.70 0.58 46.26
N GLU D 255 -21.88 0.50 45.65
CA GLU D 255 -22.13 -0.48 44.60
C GLU D 255 -21.09 -0.44 43.49
N MET D 256 -20.74 0.77 43.04
CA MET D 256 -19.77 0.91 41.99
C MET D 256 -18.38 0.53 42.52
N ALA D 257 -18.12 0.93 43.76
CA ALA D 257 -16.84 0.65 44.40
C ALA D 257 -16.56 -0.86 44.46
N GLU D 258 -17.60 -1.66 44.67
CA GLU D 258 -17.41 -3.11 44.74
C GLU D 258 -17.09 -3.66 43.36
N LYS D 259 -17.90 -3.27 42.38
CA LYS D 259 -17.70 -3.73 41.01
C LYS D 259 -16.38 -3.23 40.47
N MET D 260 -15.90 -2.10 40.98
CA MET D 260 -14.66 -1.49 40.52
C MET D 260 -13.40 -1.96 41.24
N GLY D 261 -13.56 -2.55 42.43
CA GLY D 261 -12.41 -3.00 43.16
C GLY D 261 -11.73 -1.92 43.99
N LEU D 262 -12.51 -0.91 44.40
CA LEU D 262 -11.97 0.19 45.19
C LEU D 262 -12.83 0.35 46.45
N ASN D 263 -12.45 1.28 47.32
CA ASN D 263 -13.21 1.52 48.55
C ASN D 263 -14.33 2.53 48.32
N PRO D 264 -15.49 2.32 48.97
CA PRO D 264 -16.56 3.30 48.78
C PRO D 264 -16.11 4.59 49.45
N GLY D 265 -16.62 5.72 48.98
CA GLY D 265 -16.26 6.99 49.60
C GLY D 265 -15.00 7.70 49.15
N ILE D 266 -14.18 7.07 48.33
CA ILE D 266 -12.97 7.77 47.87
C ILE D 266 -13.39 8.93 46.99
N ALA D 267 -12.59 9.98 46.98
CA ALA D 267 -12.92 11.18 46.20
C ALA D 267 -12.87 11.00 44.68
N VAL D 268 -13.87 11.55 44.01
CA VAL D 268 -13.95 11.50 42.55
C VAL D 268 -13.87 12.95 42.06
N ALA D 269 -12.93 13.22 41.16
CA ALA D 269 -12.75 14.58 40.63
C ALA D 269 -13.81 14.91 39.59
N VAL D 270 -14.08 16.20 39.40
CA VAL D 270 -15.02 16.63 38.38
C VAL D 270 -14.34 16.27 37.06
N GLY D 271 -15.13 15.95 36.05
CA GLY D 271 -14.60 15.56 34.76
C GLY D 271 -13.61 16.48 34.08
N ASN D 272 -12.66 15.89 33.36
CA ASN D 272 -11.63 16.63 32.64
C ASN D 272 -11.76 16.33 31.15
N VAL D 273 -11.01 17.05 30.33
CA VAL D 273 -11.00 16.84 28.88
C VAL D 273 -9.61 16.31 28.53
N ASP D 274 -9.53 15.34 27.62
CA ASP D 274 -8.26 14.74 27.22
C ASP D 274 -7.08 15.68 26.93
N ALA D 275 -7.28 16.63 26.03
CA ALA D 275 -6.19 17.55 25.69
C ALA D 275 -5.74 18.42 26.86
N HIS D 276 -6.69 19.13 27.46
CA HIS D 276 -6.43 20.02 28.59
C HIS D 276 -5.78 19.34 29.81
N ALA D 277 -6.09 18.06 30.03
CA ALA D 277 -5.54 17.32 31.15
C ALA D 277 -4.03 17.12 31.00
N ALA D 278 -3.57 17.15 29.75
CA ALA D 278 -2.15 16.97 29.47
C ALA D 278 -1.30 18.11 30.02
N VAL D 279 -1.89 19.28 30.21
CA VAL D 279 -1.13 20.44 30.69
C VAL D 279 -0.50 20.23 32.07
N PRO D 280 -1.29 19.90 33.10
CA PRO D 280 -0.64 19.69 34.39
C PRO D 280 0.14 18.39 34.41
N ALA D 281 -0.21 17.49 33.50
CA ALA D 281 0.47 16.20 33.41
C ALA D 281 1.90 16.40 32.94
N VAL D 282 2.13 17.46 32.16
CA VAL D 282 3.47 17.75 31.65
C VAL D 282 4.12 18.77 32.59
N GLY D 283 3.53 18.90 33.78
CA GLY D 283 4.08 19.79 34.79
C GLY D 283 3.74 21.27 34.72
N VAL D 284 3.00 21.71 33.70
CA VAL D 284 2.67 23.13 33.58
C VAL D 284 1.49 23.57 34.45
N THR D 285 1.72 24.60 35.26
CA THR D 285 0.69 25.12 36.15
C THR D 285 0.78 26.64 36.25
N THR D 286 1.63 27.24 35.41
CA THR D 286 1.82 28.69 35.39
C THR D 286 1.91 29.26 33.97
N PRO D 287 1.73 30.57 33.82
CA PRO D 287 1.80 31.24 32.51
C PRO D 287 3.19 31.13 31.87
N GLY D 288 3.27 31.46 30.59
CA GLY D 288 4.54 31.44 29.89
C GLY D 288 4.96 30.09 29.31
N LYS D 289 4.13 29.06 29.53
CA LYS D 289 4.44 27.74 29.01
C LYS D 289 3.35 27.19 28.10
N LEU D 290 3.63 27.14 26.81
CA LEU D 290 2.66 26.62 25.85
C LEU D 290 2.79 25.10 25.80
N VAL D 291 1.66 24.42 25.86
CA VAL D 291 1.61 22.97 25.83
C VAL D 291 0.97 22.56 24.51
N MET D 292 1.65 21.73 23.74
CA MET D 292 1.17 21.28 22.44
C MET D 292 0.85 19.78 22.43
N ALA D 293 -0.41 19.42 22.25
CA ALA D 293 -0.80 18.02 22.17
C ALA D 293 -0.77 17.77 20.67
N MET D 294 0.39 17.33 20.17
CA MET D 294 0.54 17.13 18.73
C MET D 294 0.41 15.73 18.19
N GLY D 295 -0.42 15.61 17.16
CA GLY D 295 -0.64 14.35 16.50
C GLY D 295 -1.12 14.63 15.09
N THR D 296 -2.32 14.16 14.78
CA THR D 296 -2.94 14.34 13.47
C THR D 296 -3.15 15.85 13.17
N SER D 297 -3.39 16.61 14.25
CA SER D 297 -3.52 18.05 14.21
C SER D 297 -2.85 18.43 15.53
N ILE D 298 -2.73 19.72 15.85
CA ILE D 298 -2.11 20.12 17.11
C ILE D 298 -3.06 20.96 17.92
N CYS D 299 -3.15 20.65 19.20
CA CYS D 299 -3.98 21.41 20.11
C CYS D 299 -3.02 22.22 20.99
N HIS D 300 -3.11 23.55 20.92
CA HIS D 300 -2.24 24.43 21.70
C HIS D 300 -2.98 24.95 22.93
N MET D 301 -2.33 24.90 24.09
CA MET D 301 -2.96 25.39 25.33
C MET D 301 -1.97 26.23 26.12
N LEU D 302 -2.46 27.33 26.68
CA LEU D 302 -1.59 28.25 27.41
C LEU D 302 -2.33 28.92 28.57
N LEU D 303 -1.59 29.20 29.64
CA LEU D 303 -2.16 29.86 30.82
C LEU D 303 -1.76 31.35 30.83
N GLY D 304 -2.61 32.17 31.43
CA GLY D 304 -2.38 33.60 31.53
C GLY D 304 -3.14 34.17 32.72
N GLU D 305 -2.75 35.34 33.18
CA GLU D 305 -3.40 35.98 34.33
C GLU D 305 -4.57 36.88 33.94
N LYS D 306 -4.40 37.65 32.87
CA LYS D 306 -5.47 38.54 32.44
C LYS D 306 -6.12 38.07 31.15
N GLU D 307 -7.44 38.16 31.08
CA GLU D 307 -8.15 37.73 29.89
C GLU D 307 -7.79 38.62 28.71
N GLN D 308 -7.50 38.00 27.56
CA GLN D 308 -7.11 38.71 26.35
C GLN D 308 -7.69 38.11 25.08
N GLU D 309 -8.08 38.98 24.15
CA GLU D 309 -8.62 38.56 22.87
C GLU D 309 -7.45 38.19 21.94
N VAL D 310 -7.31 36.91 21.64
CA VAL D 310 -6.24 36.48 20.75
C VAL D 310 -6.87 36.07 19.42
N GLU D 311 -6.30 36.59 18.34
CA GLU D 311 -6.79 36.31 17.00
C GLU D 311 -6.93 34.81 16.72
N GLY D 312 -8.12 34.41 16.32
CA GLY D 312 -8.37 33.01 15.98
C GLY D 312 -8.28 31.94 17.06
N MET D 313 -8.19 32.33 18.33
CA MET D 313 -8.12 31.32 19.39
C MET D 313 -9.40 30.49 19.37
N CYS D 314 -9.33 29.27 19.91
CA CYS D 314 -10.49 28.39 19.96
C CYS D 314 -11.35 28.73 21.18
N GLY D 315 -10.74 29.35 22.18
CA GLY D 315 -11.48 29.72 23.36
C GLY D 315 -10.58 30.14 24.50
N VAL D 316 -11.17 30.79 25.50
CA VAL D 316 -10.47 31.19 26.70
C VAL D 316 -11.49 31.08 27.83
N VAL D 317 -11.10 30.46 28.95
CA VAL D 317 -12.03 30.34 30.07
C VAL D 317 -11.29 30.28 31.40
N GLU D 318 -11.80 31.02 32.37
CA GLU D 318 -11.19 31.06 33.70
C GLU D 318 -11.34 29.69 34.35
N ASP D 319 -10.24 29.18 34.89
CA ASP D 319 -10.20 27.87 35.53
C ASP D 319 -10.50 26.76 34.52
N GLY D 320 -10.22 27.04 33.25
CA GLY D 320 -10.48 26.04 32.23
C GLY D 320 -9.45 24.93 32.12
N ILE D 321 -8.23 25.19 32.59
CA ILE D 321 -7.16 24.20 32.52
C ILE D 321 -6.49 24.03 33.87
N ILE D 322 -6.12 25.15 34.49
CA ILE D 322 -5.52 25.18 35.81
C ILE D 322 -6.31 26.25 36.56
N PRO D 323 -6.91 25.89 37.71
CA PRO D 323 -7.70 26.83 38.51
C PRO D 323 -6.85 28.02 38.92
N GLY D 324 -7.42 29.21 38.82
CA GLY D 324 -6.72 30.41 39.18
C GLY D 324 -6.21 31.20 38.00
N TYR D 325 -6.29 30.62 36.81
CA TYR D 325 -5.81 31.28 35.60
C TYR D 325 -6.78 31.21 34.43
N LEU D 326 -6.60 32.09 33.45
CA LEU D 326 -7.41 32.02 32.25
C LEU D 326 -6.73 30.93 31.40
N GLY D 327 -7.52 30.00 30.87
CA GLY D 327 -6.95 28.94 30.04
C GLY D 327 -7.18 29.22 28.58
N TYR D 328 -6.11 29.28 27.79
CA TYR D 328 -6.23 29.55 26.36
C TYR D 328 -6.05 28.32 25.48
N GLU D 329 -6.90 28.20 24.47
CA GLU D 329 -6.83 27.09 23.54
C GLU D 329 -6.81 27.62 22.10
N ALA D 330 -5.97 27.01 21.28
CA ALA D 330 -5.85 27.37 19.87
C ALA D 330 -5.67 26.04 19.13
N GLY D 331 -6.03 26.00 17.85
CA GLY D 331 -5.91 24.78 17.10
C GLY D 331 -5.24 24.86 15.73
N GLN D 332 -4.35 23.92 15.46
CA GLN D 332 -3.67 23.89 14.17
C GLN D 332 -4.37 22.77 13.43
N SER D 333 -5.10 23.13 12.37
CA SER D 333 -5.90 22.16 11.61
C SER D 333 -5.30 20.84 11.17
N ALA D 334 -4.09 20.86 10.61
CA ALA D 334 -3.49 19.62 10.14
C ALA D 334 -1.98 19.59 10.16
N VAL D 335 -1.42 18.61 10.86
CA VAL D 335 0.02 18.46 10.91
C VAL D 335 0.37 17.02 10.56
N GLY D 336 0.03 16.09 11.44
CA GLY D 336 0.31 14.69 11.16
C GLY D 336 -0.46 14.23 9.95
N ASP D 337 -1.65 14.81 9.74
CA ASP D 337 -2.49 14.47 8.59
C ASP D 337 -1.85 14.87 7.25
N ILE D 338 -1.05 15.93 7.24
CA ILE D 338 -0.42 16.33 5.98
C ILE D 338 0.68 15.32 5.63
N PHE D 339 1.48 14.94 6.61
CA PHE D 339 2.54 13.97 6.40
C PHE D 339 1.95 12.66 5.89
N ALA D 340 0.81 12.26 6.45
CA ALA D 340 0.15 11.02 6.06
C ALA D 340 -0.40 11.12 4.65
N TRP D 341 -0.88 12.31 4.29
CA TRP D 341 -1.38 12.51 2.94
C TRP D 341 -0.22 12.38 1.97
N PHE D 342 0.92 12.97 2.32
CA PHE D 342 2.08 12.92 1.44
C PHE D 342 2.58 11.51 1.16
N VAL D 343 2.66 10.67 2.20
CA VAL D 343 3.13 9.30 2.05
C VAL D 343 2.19 8.46 1.20
N LYS D 344 0.90 8.65 1.39
CA LYS D 344 -0.12 7.90 0.67
C LYS D 344 -0.37 8.39 -0.75
N HIS D 345 -0.18 9.68 -0.99
CA HIS D 345 -0.46 10.22 -2.32
C HIS D 345 0.64 11.00 -3.03
N GLY D 346 1.73 11.35 -2.34
CA GLY D 346 2.76 12.12 -3.01
C GLY D 346 4.18 11.60 -3.10
N VAL D 347 4.49 10.52 -2.40
CA VAL D 347 5.86 9.99 -2.42
C VAL D 347 6.12 8.99 -3.54
N SER D 348 7.16 9.28 -4.33
CA SER D 348 7.58 8.45 -5.46
C SER D 348 7.69 6.98 -5.11
N ALA D 349 7.42 6.13 -6.11
CA ALA D 349 7.51 4.69 -5.95
C ALA D 349 8.96 4.26 -5.76
N ALA D 350 9.89 5.12 -6.16
CA ALA D 350 11.31 4.83 -6.04
C ALA D 350 11.72 4.88 -4.57
N THR D 351 11.27 5.90 -3.86
CA THR D 351 11.62 6.02 -2.46
C THR D 351 10.91 4.95 -1.65
N PHE D 352 9.76 4.50 -2.14
CA PHE D 352 9.03 3.44 -1.45
C PHE D 352 9.90 2.18 -1.52
N ASP D 353 10.32 1.84 -2.74
CA ASP D 353 11.15 0.66 -2.92
C ASP D 353 12.44 0.82 -2.15
N GLU D 354 12.94 2.05 -2.02
CA GLU D 354 14.17 2.26 -1.27
C GLU D 354 13.94 1.93 0.20
N ALA D 355 12.82 2.36 0.76
CA ALA D 355 12.53 2.05 2.16
C ALA D 355 12.58 0.54 2.32
N GLN D 356 11.89 -0.20 1.47
CA GLN D 356 11.96 -1.66 1.54
C GLN D 356 13.39 -1.90 1.06
N GLU D 357 14.02 -2.97 1.50
CA GLU D 357 15.40 -3.18 1.08
C GLU D 357 16.20 -2.62 2.24
N LYS D 358 15.84 -1.42 2.67
CA LYS D 358 16.48 -0.83 3.83
C LYS D 358 15.69 -1.36 5.03
N GLY D 359 14.66 -2.16 4.73
CA GLY D 359 13.82 -2.76 5.75
C GLY D 359 13.13 -1.75 6.65
N VAL D 360 13.03 -0.51 6.16
CA VAL D 360 12.44 0.55 6.93
C VAL D 360 11.12 1.08 6.35
N ASN D 361 10.32 1.68 7.22
CA ASN D 361 9.04 2.28 6.85
C ASN D 361 9.31 3.55 6.02
N VAL D 362 8.43 3.88 5.09
CA VAL D 362 8.64 5.06 4.23
C VAL D 362 8.74 6.38 5.01
N HIS D 363 7.97 6.51 6.10
CA HIS D 363 8.00 7.70 6.93
C HIS D 363 9.39 7.82 7.51
N ALA D 364 9.87 6.70 8.04
CA ALA D 364 11.19 6.64 8.63
C ALA D 364 12.26 7.03 7.64
N LEU D 365 12.18 6.50 6.42
CA LEU D 365 13.20 6.83 5.43
C LEU D 365 13.14 8.32 5.11
N LEU D 366 11.93 8.82 4.88
CA LEU D 366 11.73 10.22 4.57
C LEU D 366 12.31 11.13 5.65
N GLU D 367 12.11 10.79 6.92
CA GLU D 367 12.64 11.60 8.02
C GLU D 367 14.17 11.63 8.01
N GLU D 368 14.77 10.46 7.86
CA GLU D 368 16.22 10.34 7.85
C GLU D 368 16.89 11.16 6.74
N LYS D 369 16.37 11.09 5.51
CA LYS D 369 16.97 11.86 4.42
C LYS D 369 16.69 13.35 4.60
N ALA D 370 15.52 13.68 5.15
CA ALA D 370 15.17 15.08 5.37
C ALA D 370 16.06 15.69 6.44
N SER D 371 16.48 14.89 7.41
CA SER D 371 17.33 15.41 8.48
C SER D 371 18.75 15.69 8.02
N GLN D 372 19.07 15.27 6.79
CA GLN D 372 20.40 15.49 6.22
C GLN D 372 20.47 16.89 5.61
N LEU D 373 19.33 17.40 5.18
CA LEU D 373 19.28 18.73 4.57
C LEU D 373 19.44 19.81 5.63
N ARG D 374 20.10 20.89 5.26
CA ARG D 374 20.24 22.02 6.17
C ARG D 374 18.97 22.84 5.94
N PRO D 375 18.58 23.70 6.90
CA PRO D 375 17.38 24.50 6.66
C PRO D 375 17.59 25.42 5.47
N GLY D 376 16.58 25.51 4.61
CA GLY D 376 16.66 26.35 3.42
C GLY D 376 17.32 25.64 2.25
N GLU D 377 17.86 24.45 2.49
CA GLU D 377 18.54 23.70 1.44
C GLU D 377 17.57 23.18 0.38
N SER D 378 16.35 22.89 0.80
CA SER D 378 15.33 22.37 -0.12
C SER D 378 14.84 23.40 -1.13
N GLY D 379 14.94 24.67 -0.81
CA GLY D 379 14.46 25.67 -1.75
C GLY D 379 12.96 25.69 -1.86
N LEU D 380 12.28 24.97 -0.96
CA LEU D 380 10.82 24.90 -0.93
C LEU D 380 10.21 25.67 0.25
N LEU D 381 8.95 26.03 0.09
CA LEU D 381 8.18 26.76 1.09
C LEU D 381 6.73 26.34 0.89
N ALA D 382 6.08 25.87 1.95
CA ALA D 382 4.70 25.44 1.81
C ALA D 382 3.82 26.18 2.76
N LEU D 383 2.53 26.16 2.42
CA LEU D 383 1.49 26.78 3.21
C LEU D 383 0.68 25.62 3.81
N ASP D 384 0.81 25.57 5.11
CA ASP D 384 0.22 24.66 6.09
C ASP D 384 -1.29 24.33 6.01
N TRP D 385 -1.94 24.57 4.87
CA TRP D 385 -3.40 24.43 4.84
C TRP D 385 -4.15 23.33 4.07
N TRP D 386 -3.64 22.10 4.10
CA TRP D 386 -4.29 20.98 3.41
C TRP D 386 -5.73 20.80 3.92
N ASN D 387 -5.95 21.11 5.18
CA ASN D 387 -7.28 20.95 5.75
C ASN D 387 -7.81 22.25 6.32
N GLY D 388 -7.50 23.34 5.67
CA GLY D 388 -7.97 24.63 6.14
C GLY D 388 -7.10 25.20 7.23
N ASN D 389 -7.62 26.19 7.93
CA ASN D 389 -6.88 26.84 8.99
C ASN D 389 -7.88 27.18 10.05
N ARG D 390 -7.58 26.80 11.29
CA ARG D 390 -8.45 27.15 12.39
C ARG D 390 -7.80 28.30 13.14
N SER D 391 -6.66 28.06 13.79
CA SER D 391 -6.10 29.15 14.55
C SER D 391 -5.33 30.30 13.90
N ILE D 392 -5.86 31.44 14.30
CA ILE D 392 -5.56 32.82 13.96
C ILE D 392 -6.24 33.23 12.68
N LEU D 393 -6.45 32.30 11.74
CA LEU D 393 -7.12 32.68 10.50
C LEU D 393 -8.59 32.26 10.45
N VAL D 394 -8.92 31.14 11.09
CA VAL D 394 -10.30 30.66 11.17
C VAL D 394 -10.98 30.65 9.79
N ASP D 395 -10.37 29.95 8.85
CA ASP D 395 -10.92 29.87 7.50
C ASP D 395 -10.85 28.44 7.02
N THR D 396 -12.02 27.82 6.93
CA THR D 396 -12.13 26.45 6.48
C THR D 396 -11.84 26.32 4.97
N GLU D 397 -11.90 27.45 4.26
CA GLU D 397 -11.70 27.44 2.82
C GLU D 397 -10.29 27.71 2.29
N LEU D 398 -9.29 27.63 3.14
CA LEU D 398 -7.94 27.85 2.66
C LEU D 398 -7.42 26.51 2.17
N SER D 399 -6.43 26.56 1.29
CA SER D 399 -5.86 25.37 0.69
C SER D 399 -4.35 25.26 0.91
N GLY D 400 -3.79 24.07 0.73
CA GLY D 400 -2.36 23.91 0.91
C GLY D 400 -1.62 24.45 -0.30
N MET D 401 -0.36 24.85 -0.12
CA MET D 401 0.44 25.36 -1.24
C MET D 401 1.88 24.88 -1.13
N LEU D 402 2.48 24.57 -2.27
CA LEU D 402 3.87 24.12 -2.33
C LEU D 402 4.55 25.03 -3.33
N LEU D 403 5.65 25.65 -2.92
CA LEU D 403 6.34 26.59 -3.80
C LEU D 403 7.86 26.39 -3.83
N GLY D 404 8.43 26.62 -5.01
CA GLY D 404 9.86 26.48 -5.18
C GLY D 404 10.28 25.26 -6.01
N TYR D 405 9.32 24.58 -6.64
CA TYR D 405 9.63 23.39 -7.45
C TYR D 405 10.61 23.62 -8.59
N THR D 406 11.55 22.70 -8.76
CA THR D 406 12.50 22.76 -9.88
C THR D 406 12.51 21.35 -10.43
N LEU D 407 13.11 21.16 -11.61
CA LEU D 407 13.18 19.84 -12.23
C LEU D 407 14.00 18.85 -11.40
N GLN D 408 14.70 19.35 -10.39
CA GLN D 408 15.49 18.50 -9.51
C GLN D 408 14.93 18.36 -8.07
N THR D 409 13.68 18.74 -7.86
CA THR D 409 13.06 18.63 -6.53
C THR D 409 12.83 17.16 -6.17
N LYS D 410 13.29 16.74 -5.00
CA LYS D 410 13.14 15.35 -4.57
C LYS D 410 12.13 15.19 -3.44
N PRO D 411 11.58 13.97 -3.26
CA PRO D 411 10.61 13.65 -2.22
C PRO D 411 11.01 14.11 -0.81
N GLU D 412 12.22 13.78 -0.39
CA GLU D 412 12.66 14.19 0.95
C GLU D 412 12.68 15.70 1.11
N GLU D 413 12.89 16.42 0.02
CA GLU D 413 12.91 17.88 0.08
C GLU D 413 11.51 18.43 0.31
N ILE D 414 10.54 17.91 -0.42
CA ILE D 414 9.18 18.39 -0.25
C ILE D 414 8.67 17.98 1.12
N TYR D 415 9.13 16.83 1.63
CA TYR D 415 8.74 16.35 2.95
C TYR D 415 9.20 17.32 4.03
N ARG D 416 10.44 17.77 3.90
CA ARG D 416 11.03 18.70 4.84
C ARG D 416 10.25 20.01 4.85
N ALA D 417 9.77 20.40 3.67
CA ALA D 417 9.02 21.65 3.51
C ALA D 417 7.71 21.57 4.25
N LEU D 418 7.10 20.39 4.26
CA LEU D 418 5.84 20.19 4.96
C LEU D 418 6.10 20.28 6.46
N LEU D 419 7.13 19.57 6.93
CA LEU D 419 7.51 19.60 8.34
C LEU D 419 7.68 21.07 8.74
N GLU D 420 8.49 21.80 7.97
CA GLU D 420 8.75 23.21 8.25
C GLU D 420 7.50 24.07 8.18
N ALA D 421 6.60 23.77 7.24
CA ALA D 421 5.37 24.53 7.10
C ALA D 421 4.52 24.40 8.38
N THR D 422 4.47 23.21 8.97
CA THR D 422 3.69 23.03 10.22
C THR D 422 4.33 23.79 11.39
N ALA D 423 5.64 23.93 11.35
CA ALA D 423 6.32 24.66 12.42
C ALA D 423 6.02 26.15 12.23
N PHE D 424 5.92 26.61 10.99
CA PHE D 424 5.59 28.02 10.75
C PHE D 424 4.15 28.24 11.22
N GLY D 425 3.33 27.20 11.04
CA GLY D 425 1.94 27.26 11.45
C GLY D 425 1.85 27.40 12.96
N THR D 426 2.75 26.72 13.66
CA THR D 426 2.78 26.81 15.11
C THR D 426 3.34 28.17 15.52
N ARG D 427 4.34 28.66 14.79
CA ARG D 427 4.90 29.97 15.12
C ARG D 427 3.85 31.05 14.99
N ALA D 428 3.01 30.96 13.96
CA ALA D 428 1.96 31.95 13.78
C ALA D 428 1.05 31.99 15.02
N ILE D 429 0.72 30.81 15.58
CA ILE D 429 -0.13 30.76 16.76
C ILE D 429 0.61 31.37 17.95
N VAL D 430 1.84 30.92 18.20
CA VAL D 430 2.58 31.45 19.33
C VAL D 430 2.78 32.95 19.22
N ASP D 431 3.03 33.46 18.02
CA ASP D 431 3.23 34.91 17.88
C ASP D 431 1.93 35.67 18.15
N ALA D 432 0.79 35.05 17.82
CA ALA D 432 -0.50 35.69 18.05
C ALA D 432 -0.71 35.86 19.56
N PHE D 433 -0.35 34.83 20.33
CA PHE D 433 -0.51 34.90 21.79
C PHE D 433 0.47 35.91 22.36
N HIS D 434 1.75 35.65 22.16
CA HIS D 434 2.81 36.52 22.65
C HIS D 434 2.56 37.81 21.87
N GLY D 435 3.02 38.94 22.37
CA GLY D 435 2.80 40.16 21.60
C GLY D 435 1.38 40.70 21.78
N ARG D 436 0.53 39.86 22.36
CA ARG D 436 -0.83 40.27 22.66
C ARG D 436 -0.84 40.29 24.19
N GLY D 437 0.31 39.94 24.76
CA GLY D 437 0.47 39.94 26.21
C GLY D 437 0.57 38.58 26.86
N VAL D 438 -0.07 37.57 26.28
CA VAL D 438 -0.05 36.19 26.82
C VAL D 438 1.24 35.50 26.41
N GLU D 439 2.31 35.84 27.11
CA GLU D 439 3.66 35.37 26.84
C GLU D 439 3.90 33.88 26.66
N VAL D 440 4.88 33.58 25.82
CA VAL D 440 5.29 32.20 25.55
C VAL D 440 6.81 32.16 25.60
N HIS D 441 7.35 31.61 26.68
CA HIS D 441 8.79 31.52 26.86
C HIS D 441 9.32 30.11 26.66
N GLU D 442 8.49 29.12 26.99
CA GLU D 442 8.85 27.71 26.88
C GLU D 442 7.79 26.94 26.13
N LEU D 443 8.19 25.78 25.62
CA LEU D 443 7.30 24.91 24.90
C LEU D 443 7.35 23.51 25.51
N TYR D 444 6.18 22.86 25.56
CA TYR D 444 6.05 21.50 26.07
C TYR D 444 5.26 20.72 25.04
N ALA D 445 5.73 19.52 24.71
CA ALA D 445 5.05 18.71 23.73
C ALA D 445 4.71 17.30 24.22
N CYS D 446 3.56 16.81 23.78
CA CYS D 446 3.08 15.50 24.13
C CYS D 446 2.18 15.08 22.98
N GLY D 447 1.73 13.83 23.00
CA GLY D 447 0.83 13.36 21.97
C GLY D 447 1.35 12.37 20.94
N GLY D 448 2.47 11.71 21.20
CA GLY D 448 2.93 10.75 20.22
C GLY D 448 3.77 11.33 19.09
N LEU D 449 3.30 12.41 18.46
CA LEU D 449 4.08 13.01 17.38
C LEU D 449 5.50 13.33 17.88
N PRO D 450 5.65 13.85 19.11
CA PRO D 450 6.98 14.16 19.65
C PRO D 450 7.78 12.88 19.84
N GLN D 451 7.08 11.77 20.09
CA GLN D 451 7.73 10.50 20.30
C GLN D 451 8.25 9.88 19.01
N LYS D 452 7.52 10.10 17.92
CA LYS D 452 7.86 9.52 16.63
C LYS D 452 8.69 10.36 15.64
N ASN D 453 8.70 11.69 15.78
CA ASN D 453 9.44 12.53 14.83
C ASN D 453 10.37 13.54 15.50
N HIS D 454 11.59 13.12 15.84
CA HIS D 454 12.56 14.01 16.49
C HIS D 454 13.05 15.13 15.58
N LEU D 455 12.98 14.91 14.27
CA LEU D 455 13.38 15.95 13.31
C LEU D 455 12.34 17.07 13.38
N LEU D 456 11.07 16.69 13.53
CA LEU D 456 10.00 17.70 13.63
C LEU D 456 10.27 18.59 14.84
N MET D 457 10.48 17.94 15.99
CA MET D 457 10.72 18.67 17.23
C MET D 457 11.92 19.63 17.19
N GLN D 458 12.98 19.26 16.45
CA GLN D 458 14.13 20.14 16.38
C GLN D 458 13.77 21.34 15.52
N ILE D 459 13.00 21.10 14.47
CA ILE D 459 12.60 22.18 13.59
C ILE D 459 11.67 23.12 14.34
N PHE D 460 10.79 22.57 15.18
CA PHE D 460 9.88 23.42 15.94
C PHE D 460 10.68 24.36 16.83
N ALA D 461 11.74 23.82 17.44
CA ALA D 461 12.59 24.59 18.31
C ALA D 461 13.35 25.66 17.56
N ASP D 462 13.96 25.31 16.42
CA ASP D 462 14.70 26.30 15.65
C ASP D 462 13.78 27.43 15.13
N VAL D 463 12.56 27.06 14.73
CA VAL D 463 11.61 28.05 14.22
C VAL D 463 11.04 28.99 15.29
N THR D 464 10.62 28.43 16.41
CA THR D 464 10.05 29.21 17.52
C THR D 464 11.16 29.84 18.36
N ASN D 465 12.35 29.29 18.23
CA ASN D 465 13.51 29.75 18.98
C ASN D 465 13.19 29.67 20.47
N ARG D 466 12.57 28.56 20.85
CA ARG D 466 12.22 28.29 22.23
C ARG D 466 12.66 26.87 22.53
N GLU D 467 13.02 26.62 23.79
CA GLU D 467 13.42 25.28 24.20
C GLU D 467 12.12 24.50 24.21
N ILE D 468 12.19 23.22 23.84
CA ILE D 468 11.00 22.39 23.82
C ILE D 468 11.16 21.17 24.71
N LYS D 469 10.33 21.10 25.74
CA LYS D 469 10.32 19.99 26.69
C LYS D 469 9.31 18.95 26.18
N VAL D 470 9.63 17.67 26.33
CA VAL D 470 8.77 16.59 25.88
C VAL D 470 8.20 15.76 27.02
N ALA D 471 6.92 15.38 26.89
CA ALA D 471 6.27 14.58 27.93
C ALA D 471 7.00 13.23 28.08
N ALA D 472 7.25 12.82 29.33
CA ALA D 472 7.92 11.55 29.60
C ALA D 472 6.98 10.41 29.93
N SER D 473 5.75 10.73 30.34
CA SER D 473 4.78 9.70 30.67
C SER D 473 4.24 9.10 29.37
N LYS D 474 3.78 7.85 29.45
CA LYS D 474 3.24 7.17 28.27
C LYS D 474 1.72 7.44 28.11
N GLN D 475 1.07 7.77 29.22
CA GLN D 475 -0.36 8.04 29.22
C GLN D 475 -0.57 9.38 29.91
N THR D 476 -0.17 10.45 29.22
CA THR D 476 -0.25 11.80 29.74
C THR D 476 -1.63 12.31 30.14
N PRO D 477 -2.65 12.14 29.28
CA PRO D 477 -3.97 12.63 29.67
C PRO D 477 -4.41 11.98 30.97
N ALA D 478 -4.27 10.66 31.05
CA ALA D 478 -4.66 9.93 32.26
C ALA D 478 -3.90 10.44 33.49
N LEU D 479 -2.61 10.70 33.32
CA LEU D 479 -1.81 11.20 34.44
C LEU D 479 -2.48 12.46 34.97
N GLY D 480 -2.79 13.38 34.06
CA GLY D 480 -3.44 14.62 34.43
C GLY D 480 -4.73 14.40 35.19
N ALA D 481 -5.48 13.38 34.77
CA ALA D 481 -6.76 13.04 35.40
C ALA D 481 -6.48 12.55 36.82
N ALA D 482 -5.42 11.76 36.97
CA ALA D 482 -5.02 11.24 38.26
C ALA D 482 -4.56 12.37 39.19
N MET D 483 -3.93 13.40 38.62
CA MET D 483 -3.46 14.55 39.40
C MET D 483 -4.66 15.30 39.99
N PHE D 484 -5.66 15.59 39.17
CA PHE D 484 -6.81 16.30 39.68
C PHE D 484 -7.53 15.43 40.72
N ALA D 485 -7.51 14.11 40.51
CA ALA D 485 -8.13 13.22 41.47
C ALA D 485 -7.38 13.38 42.81
N SER D 486 -6.06 13.49 42.76
CA SER D 486 -5.27 13.65 43.97
C SER D 486 -5.56 14.99 44.64
N VAL D 487 -5.97 15.99 43.85
CA VAL D 487 -6.30 17.29 44.42
C VAL D 487 -7.70 17.25 45.02
N ALA D 488 -8.58 16.48 44.39
CA ALA D 488 -9.94 16.35 44.89
C ALA D 488 -9.94 15.64 46.25
N ALA D 489 -9.03 14.68 46.42
CA ALA D 489 -8.95 13.92 47.67
C ALA D 489 -8.47 14.79 48.83
N GLY D 490 -7.46 15.62 48.56
CA GLY D 490 -6.94 16.48 49.61
C GLY D 490 -5.68 15.90 50.22
N SER D 491 -4.81 16.78 50.68
CA SER D 491 -3.56 16.34 51.30
C SER D 491 -3.82 15.61 52.61
N GLU D 492 -4.98 15.87 53.20
CA GLU D 492 -5.35 15.24 54.47
C GLU D 492 -5.24 13.73 54.36
N VAL D 493 -5.81 13.16 53.31
CA VAL D 493 -5.80 11.72 53.11
C VAL D 493 -4.60 11.18 52.30
N GLY D 494 -3.68 12.07 51.95
CA GLY D 494 -2.51 11.65 51.20
C GLY D 494 -2.37 12.24 49.80
N GLY D 495 -3.21 13.21 49.46
CA GLY D 495 -3.15 13.83 48.15
C GLY D 495 -2.55 15.22 48.19
N TYR D 496 -3.17 16.17 47.49
CA TYR D 496 -2.66 17.54 47.47
C TYR D 496 -3.79 18.57 47.55
N ASP D 497 -3.46 19.80 47.95
CA ASP D 497 -4.47 20.84 48.05
C ASP D 497 -4.54 21.78 46.86
N SER D 498 -3.70 21.54 45.87
CA SER D 498 -3.70 22.35 44.65
C SER D 498 -2.94 21.58 43.58
N ILE D 499 -3.34 21.80 42.33
CA ILE D 499 -2.71 21.14 41.20
C ILE D 499 -1.25 21.60 41.13
N GLU D 500 -0.99 22.82 41.61
CA GLU D 500 0.37 23.36 41.61
C GLU D 500 1.31 22.50 42.46
N GLU D 501 0.84 22.04 43.60
CA GLU D 501 1.66 21.20 44.46
C GLU D 501 1.79 19.81 43.82
N ALA D 502 0.67 19.27 43.35
CA ALA D 502 0.66 17.96 42.72
C ALA D 502 1.59 17.89 41.51
N ALA D 503 1.53 18.91 40.66
CA ALA D 503 2.36 18.97 39.46
C ALA D 503 3.84 18.90 39.80
N LYS D 504 4.23 19.54 40.91
CA LYS D 504 5.61 19.57 41.34
C LYS D 504 6.20 18.21 41.65
N LYS D 505 5.35 17.20 41.81
CA LYS D 505 5.84 15.87 42.12
C LYS D 505 5.33 14.82 41.16
N MET D 506 4.28 15.15 40.40
CA MET D 506 3.72 14.16 39.48
C MET D 506 3.98 14.47 38.00
N GLY D 507 4.28 15.73 37.70
CA GLY D 507 4.55 16.11 36.32
C GLY D 507 5.82 15.45 35.84
N ARG D 508 5.77 14.83 34.66
CA ARG D 508 6.94 14.16 34.11
C ARG D 508 7.28 14.72 32.74
N VAL D 509 8.56 15.02 32.55
CA VAL D 509 9.09 15.57 31.31
C VAL D 509 10.46 14.92 31.10
N LYS D 510 10.80 14.55 29.86
CA LYS D 510 12.09 13.94 29.61
C LYS D 510 13.19 14.89 30.07
N ASP D 511 14.39 14.34 30.21
CA ASP D 511 15.54 15.11 30.66
C ASP D 511 16.15 15.92 29.52
N GLU D 512 16.27 15.27 28.37
CA GLU D 512 16.84 15.91 27.19
C GLU D 512 15.79 16.65 26.40
N THR D 513 15.90 17.97 26.41
CA THR D 513 14.97 18.82 25.70
C THR D 513 15.48 19.08 24.30
N PHE D 514 14.76 19.94 23.57
CA PHE D 514 15.16 20.31 22.23
C PHE D 514 15.56 21.77 22.29
N LYS D 515 16.84 22.03 22.06
CA LYS D 515 17.35 23.39 22.11
C LYS D 515 17.46 23.98 20.71
N PRO D 516 17.04 25.23 20.55
CA PRO D 516 17.14 25.83 19.22
C PRO D 516 18.62 26.00 18.84
N ILE D 517 18.93 25.72 17.57
CA ILE D 517 20.28 25.84 17.03
C ILE D 517 20.36 27.28 16.50
N PRO D 518 21.19 28.13 17.12
CA PRO D 518 21.29 29.51 16.65
C PRO D 518 21.44 29.74 15.15
N GLU D 519 22.30 28.96 14.49
CA GLU D 519 22.47 29.14 13.04
C GLU D 519 21.22 28.71 12.26
N HIS D 520 20.42 27.82 12.85
CA HIS D 520 19.19 27.39 12.19
C HIS D 520 18.10 28.45 12.40
N VAL D 521 18.01 29.00 13.61
CA VAL D 521 16.97 30.01 13.84
C VAL D 521 17.15 31.22 12.92
N ALA D 522 18.41 31.61 12.66
CA ALA D 522 18.72 32.72 11.76
C ALA D 522 18.10 32.46 10.39
N ILE D 523 18.32 31.25 9.87
CA ILE D 523 17.78 30.90 8.56
C ILE D 523 16.27 30.85 8.61
N TYR D 524 15.72 30.17 9.62
CA TYR D 524 14.27 30.07 9.74
C TYR D 524 13.56 31.40 9.98
N GLU D 525 14.27 32.40 10.51
CA GLU D 525 13.65 33.70 10.74
C GLU D 525 13.36 34.24 9.34
N LYS D 526 14.32 33.99 8.45
CA LYS D 526 14.23 34.41 7.06
C LYS D 526 13.04 33.71 6.39
N LEU D 527 13.03 32.38 6.45
CA LEU D 527 11.97 31.59 5.83
C LEU D 527 10.59 31.90 6.41
N TYR D 528 10.50 32.03 7.74
CA TYR D 528 9.22 32.32 8.35
C TYR D 528 8.63 33.63 7.83
N GLN D 529 9.47 34.64 7.61
CA GLN D 529 8.97 35.92 7.10
C GLN D 529 8.34 35.72 5.73
N GLU D 530 8.89 34.81 4.94
CA GLU D 530 8.35 34.54 3.61
C GLU D 530 6.96 33.93 3.78
N TYR D 531 6.87 32.99 4.73
CA TYR D 531 5.62 32.31 5.03
C TYR D 531 4.57 33.33 5.47
N VAL D 532 4.94 34.24 6.35
CA VAL D 532 4.00 35.27 6.84
C VAL D 532 3.39 36.05 5.67
N THR D 533 4.23 36.53 4.76
CA THR D 533 3.77 37.30 3.60
C THR D 533 2.72 36.51 2.78
N LEU D 534 3.02 35.26 2.46
CA LEU D 534 2.12 34.41 1.68
C LEU D 534 0.88 34.06 2.50
N HIS D 535 1.10 33.85 3.79
CA HIS D 535 0.04 33.53 4.74
C HIS D 535 -0.99 34.66 4.68
N ASP D 536 -0.52 35.91 4.76
CA ASP D 536 -1.44 37.04 4.73
C ASP D 536 -2.02 37.31 3.35
N TYR D 537 -1.20 37.13 2.31
CA TYR D 537 -1.64 37.35 0.94
C TYR D 537 -2.84 36.49 0.59
N PHE D 538 -2.66 35.18 0.71
CA PHE D 538 -3.68 34.19 0.40
C PHE D 538 -4.77 34.04 1.46
N GLY D 539 -4.45 34.38 2.70
CA GLY D 539 -5.43 34.24 3.76
C GLY D 539 -6.16 35.46 4.29
N ARG D 540 -5.63 36.66 4.07
CA ARG D 540 -6.30 37.85 4.61
C ARG D 540 -7.04 38.75 3.61
N GLY D 541 -7.36 38.21 2.43
CA GLY D 541 -8.13 38.99 1.47
C GLY D 541 -7.51 39.48 0.17
N ALA D 542 -6.20 39.61 0.12
CA ALA D 542 -5.53 40.08 -1.10
C ALA D 542 -5.88 39.25 -2.33
N ASN D 543 -6.03 37.95 -2.15
CA ASN D 543 -6.37 37.07 -3.26
C ASN D 543 -7.08 35.85 -2.70
N ASP D 544 -8.37 35.77 -2.92
CA ASP D 544 -9.16 34.65 -2.42
C ASP D 544 -9.24 33.52 -3.43
N VAL D 545 -8.20 33.35 -4.24
CA VAL D 545 -8.19 32.29 -5.25
C VAL D 545 -8.50 30.91 -4.65
N MET D 546 -8.01 30.63 -3.43
CA MET D 546 -8.28 29.33 -2.79
C MET D 546 -9.80 29.11 -2.63
N LYS D 547 -10.50 30.14 -2.18
CA LYS D 547 -11.95 30.11 -1.98
C LYS D 547 -12.66 29.83 -3.31
N ARG D 548 -12.26 30.55 -4.36
CA ARG D 548 -12.88 30.37 -5.66
C ARG D 548 -12.57 29.00 -6.27
N LEU D 549 -11.37 28.47 -6.02
CA LEU D 549 -11.00 27.17 -6.55
C LEU D 549 -11.92 26.07 -5.97
N LYS D 550 -12.17 26.13 -4.67
CA LYS D 550 -13.03 25.13 -4.06
C LYS D 550 -14.46 25.27 -4.55
N ALA D 551 -14.92 26.50 -4.69
CA ALA D 551 -16.28 26.74 -5.17
C ALA D 551 -16.43 26.11 -6.56
N LEU D 552 -15.41 26.31 -7.41
CA LEU D 552 -15.41 25.76 -8.76
C LEU D 552 -15.39 24.23 -8.71
N LYS D 553 -14.51 23.67 -7.88
CA LYS D 553 -14.41 22.22 -7.73
C LYS D 553 -15.77 21.70 -7.30
N SER D 554 -16.47 22.51 -6.53
CA SER D 554 -17.78 22.16 -6.02
C SER D 554 -18.78 21.97 -7.15
N ILE D 555 -18.81 22.92 -8.08
CA ILE D 555 -19.71 22.83 -9.22
C ILE D 555 -19.22 21.80 -10.24
N GLN D 556 -17.90 21.59 -10.30
CA GLN D 556 -17.36 20.66 -11.28
C GLN D 556 -17.27 19.21 -10.84
N HIS D 557 -17.41 18.95 -9.56
CA HIS D 557 -17.37 17.58 -9.05
C HIS D 557 -18.83 17.17 -8.90
N ARG D 558 -19.23 16.15 -9.64
CA ARG D 558 -20.60 15.68 -9.61
C ARG D 558 -20.71 14.20 -9.27
C1 QDK E . 17.37 -18.76 -16.16
O1 QDK E . 18.10 -20.05 -16.30
C2 QDK E . 17.59 -17.92 -17.41
O2 QDK E . 17.70 -18.51 -18.50
C3 QDK E . 17.79 -16.35 -17.33
O3 QDK E . 17.48 -15.76 -18.62
C4 QDK E . 16.88 -15.67 -16.25
O4 QDK E . 17.17 -14.23 -16.19
C5 QDK E . 15.41 -15.79 -16.57
O5 QDK E . 14.70 -15.16 -15.48
#